data_8VR5
#
_entry.id   8VR5
#
_cell.length_a   131.493
_cell.length_b   159.822
_cell.length_c   115.864
_cell.angle_alpha   90.00
_cell.angle_beta   90.00
_cell.angle_gamma   90.00
#
_symmetry.space_group_name_H-M   'P 21 21 2'
#
loop_
_entity.id
_entity.type
_entity.pdbx_description
1 polymer 'DegT/DnrJ/EryC1/StrS aminotransferase'
2 non-polymer "4'-DEOXY-4'-AMINOPYRIDOXAL-5'-PHOSPHATE"
3 non-polymer "2,2'-(1,4-diazepane-1,4-diyl)di(ethane-1-sulfonic acid)"
4 non-polymer 'CHLORIDE ION'
5 non-polymer 1,2-ETHANEDIOL
6 non-polymer 'MAGNESIUM ION'
7 non-polymer 'N-({3-HYDROXY-2-METHYL-5-[(PHOSPHONOOXY)METHYL]PYRIDIN-4-YL}METHYL)-D-GLUTAMIC ACID'
8 non-polymer 'SODIUM ION'
9 water water
#
_entity_poly.entity_id   1
_entity_poly.type   'polypeptide(L)'
_entity_poly.pdbx_seq_one_letter_code
;MIKLSQPTIPEAAIERVSEILRSGQLVHGEECESFEQELASFLGVKHALVVSNGTAALHLALLALDIGVGDAVIVPDFTF
AATANIVEMTGAKAIIVDVDIETYNMDSELLESCIQSWSGPEKLKAIMPVLEFGNPHGLKKYREIANKYNLALIEDAACA
LGAKEQDVMVGTVGDMGCFSFHPRKTLTTGEGGALVTNNDQLYEKAKLLRSHGMMRGEFGIEFRCIGLNYRLTNFQAAIG
RAILPKLNGWIERRRELATIYEDALAPLEQQGLIRLPKIVEGHSVQTYMIVLSDQFNRTEVMKALKEGGIESSLGAQSMS
ELKLFNHDSNTKSNYIIGPKLYIYGLALPLHEHLNIDDVNKITETLEQILLKLEHHHHHH
;
_entity_poly.pdbx_strand_id   A,B,C,D
#
# COMPACT_ATOMS: atom_id res chain seq x y z
N MET A 1 -3.47 7.66 33.03
CA MET A 1 -4.17 8.00 31.75
C MET A 1 -5.66 8.18 32.03
N ILE A 2 -6.24 9.35 31.70
CA ILE A 2 -7.68 9.55 31.76
C ILE A 2 -8.32 8.88 30.56
N LYS A 3 -9.31 8.03 30.81
CA LYS A 3 -9.86 7.14 29.80
C LYS A 3 -11.22 7.65 29.37
N LEU A 4 -11.55 7.37 28.12
CA LEU A 4 -12.85 7.71 27.54
C LEU A 4 -13.98 7.00 28.25
N SER A 5 -13.77 5.70 28.48
CA SER A 5 -14.79 4.87 29.09
C SER A 5 -14.13 3.92 30.09
N GLN A 6 -14.78 3.80 31.24
CA GLN A 6 -14.40 2.89 32.30
C GLN A 6 -15.70 2.22 32.74
N PRO A 7 -16.11 1.10 32.11
CA PRO A 7 -17.38 0.45 32.43
C PRO A 7 -17.52 0.21 33.93
N THR A 8 -18.69 0.55 34.45
CA THR A 8 -18.95 0.41 35.86
C THR A 8 -19.93 -0.74 36.09
N ILE A 9 -19.39 -1.87 36.62
CA ILE A 9 -20.20 -3.00 37.04
C ILE A 9 -20.25 -3.04 38.56
N PRO A 10 -21.42 -2.78 39.16
CA PRO A 10 -21.55 -2.82 40.61
C PRO A 10 -21.15 -4.17 41.21
N GLU A 11 -20.55 -4.14 42.41
CA GLU A 11 -20.08 -5.35 43.08
C GLU A 11 -21.24 -6.30 43.32
N ALA A 12 -22.43 -5.78 43.61
CA ALA A 12 -23.57 -6.67 43.81
C ALA A 12 -23.85 -7.49 42.55
N ALA A 13 -23.60 -6.91 41.37
CA ALA A 13 -23.87 -7.59 40.11
C ALA A 13 -22.83 -8.69 39.91
N ILE A 14 -21.56 -8.34 40.14
CA ILE A 14 -20.47 -9.30 40.10
C ILE A 14 -20.76 -10.53 40.95
N GLU A 15 -21.27 -10.35 42.18
CA GLU A 15 -21.57 -11.48 43.06
C GLU A 15 -22.69 -12.31 42.48
N ARG A 16 -23.69 -11.63 41.95
CA ARG A 16 -24.86 -12.26 41.38
C ARG A 16 -24.48 -13.12 40.17
N VAL A 17 -23.62 -12.63 39.27
CA VAL A 17 -23.10 -13.42 38.16
C VAL A 17 -22.42 -14.69 38.67
N SER A 18 -21.56 -14.54 39.68
CA SER A 18 -20.94 -15.68 40.32
C SER A 18 -21.96 -16.73 40.75
N GLU A 19 -22.99 -16.30 41.50
CA GLU A 19 -24.05 -17.19 41.96
C GLU A 19 -24.71 -17.91 40.79
N ILE A 20 -25.02 -17.16 39.71
CA ILE A 20 -25.64 -17.74 38.53
C ILE A 20 -24.71 -18.76 37.89
N LEU A 21 -23.44 -18.40 37.70
CA LEU A 21 -22.54 -19.33 37.05
C LEU A 21 -22.45 -20.60 37.89
N ARG A 22 -22.44 -20.46 39.21
CA ARG A 22 -22.21 -21.61 40.06
C ARG A 22 -23.47 -22.47 40.12
N SER A 23 -24.65 -21.87 40.33
CA SER A 23 -25.92 -22.58 40.36
C SER A 23 -26.16 -23.18 38.99
N GLY A 24 -26.18 -22.28 38.00
CA GLY A 24 -26.18 -22.65 36.59
C GLY A 24 -27.56 -22.56 35.92
N GLN A 25 -28.42 -21.57 36.25
CA GLN A 25 -29.40 -21.14 35.24
C GLN A 25 -28.79 -20.07 34.33
N LEU A 26 -28.23 -20.53 33.19
CA LEU A 26 -27.43 -19.67 32.32
C LEU A 26 -28.24 -19.02 31.22
N VAL A 27 -29.16 -19.77 30.59
CA VAL A 27 -29.91 -19.28 29.42
C VAL A 27 -30.96 -18.26 29.89
N HIS A 28 -31.48 -17.44 28.97
CA HIS A 28 -32.52 -16.47 29.26
C HIS A 28 -33.48 -17.04 30.31
N GLY A 29 -33.59 -16.37 31.46
CA GLY A 29 -34.51 -16.82 32.51
C GLY A 29 -35.18 -15.66 33.26
N GLU A 30 -35.45 -15.91 34.54
CA GLU A 30 -36.18 -14.96 35.37
C GLU A 30 -35.43 -13.63 35.44
N GLU A 31 -34.12 -13.67 35.18
CA GLU A 31 -33.31 -12.47 35.20
C GLU A 31 -33.58 -11.62 33.94
N CYS A 32 -33.72 -12.24 32.77
CA CYS A 32 -34.05 -11.54 31.56
C CYS A 32 -35.46 -10.97 31.63
N GLU A 33 -36.39 -11.82 32.08
CA GLU A 33 -37.79 -11.46 32.25
C GLU A 33 -37.92 -10.23 33.15
N SER A 34 -37.29 -10.29 34.31
CA SER A 34 -37.34 -9.21 35.26
C SER A 34 -36.68 -7.97 34.68
N PHE A 35 -35.56 -8.14 33.97
CA PHE A 35 -34.86 -7.02 33.36
C PHE A 35 -35.79 -6.36 32.35
N GLU A 36 -36.54 -7.15 31.59
CA GLU A 36 -37.47 -6.57 30.65
C GLU A 36 -38.56 -5.76 31.35
N GLN A 37 -39.12 -6.30 32.44
CA GLN A 37 -40.16 -5.61 33.20
C GLN A 37 -39.62 -4.29 33.75
N GLU A 38 -38.40 -4.29 34.26
CA GLU A 38 -37.84 -3.11 34.87
C GLU A 38 -37.53 -2.08 33.79
N LEU A 39 -37.11 -2.54 32.60
CA LEU A 39 -36.84 -1.63 31.50
C LEU A 39 -38.15 -1.00 31.07
N ALA A 40 -39.20 -1.82 31.02
CA ALA A 40 -40.46 -1.29 30.55
C ALA A 40 -40.96 -0.22 31.54
N SER A 41 -40.77 -0.48 32.84
CA SER A 41 -41.26 0.41 33.89
CA SER A 41 -41.28 0.43 33.85
C SER A 41 -40.44 1.70 33.86
N PHE A 42 -39.12 1.54 33.69
CA PHE A 42 -38.24 2.68 33.57
C PHE A 42 -38.63 3.59 32.40
N LEU A 43 -39.02 2.98 31.27
CA LEU A 43 -39.26 3.74 30.06
C LEU A 43 -40.71 4.25 29.97
N GLY A 44 -41.64 3.60 30.66
CA GLY A 44 -43.07 3.88 30.55
C GLY A 44 -43.66 3.27 29.30
N VAL A 45 -43.17 2.07 28.97
CA VAL A 45 -43.48 1.49 27.69
C VAL A 45 -44.03 0.09 27.93
N LYS A 46 -44.81 -0.43 26.99
CA LYS A 46 -45.60 -1.61 27.26
C LYS A 46 -44.68 -2.84 27.22
N HIS A 47 -43.70 -2.87 26.31
CA HIS A 47 -42.95 -4.10 26.12
C HIS A 47 -41.47 -3.81 25.96
N ALA A 48 -40.65 -4.68 26.59
CA ALA A 48 -39.22 -4.77 26.33
C ALA A 48 -38.79 -6.23 26.06
N LEU A 49 -37.80 -6.39 25.17
CA LEU A 49 -37.10 -7.63 24.87
C LEU A 49 -35.60 -7.36 24.95
N VAL A 50 -34.90 -8.08 25.81
CA VAL A 50 -33.46 -7.97 25.82
C VAL A 50 -32.91 -8.97 24.82
N VAL A 51 -31.78 -8.60 24.24
CA VAL A 51 -31.25 -9.24 23.05
C VAL A 51 -29.72 -9.14 23.11
N SER A 52 -29.07 -9.80 22.17
CA SER A 52 -27.63 -10.02 22.21
C SER A 52 -26.84 -8.71 22.17
N ASN A 53 -27.36 -7.70 21.46
CA ASN A 53 -26.66 -6.43 21.30
C ASN A 53 -27.58 -5.40 20.66
N GLY A 54 -27.10 -4.18 20.47
CA GLY A 54 -27.94 -3.12 19.94
C GLY A 54 -28.27 -3.31 18.46
N THR A 55 -27.32 -3.92 17.73
CA THR A 55 -27.54 -4.22 16.32
C THR A 55 -28.67 -5.24 16.17
N ALA A 56 -28.70 -6.25 17.04
CA ALA A 56 -29.78 -7.22 17.02
C ALA A 56 -31.14 -6.56 17.26
N ALA A 57 -31.19 -5.56 18.16
CA ALA A 57 -32.47 -4.89 18.42
C ALA A 57 -33.00 -4.26 17.13
N LEU A 58 -32.12 -3.49 16.46
CA LEU A 58 -32.40 -2.86 15.19
C LEU A 58 -32.86 -3.92 14.17
N HIS A 59 -32.15 -5.03 14.12
CA HIS A 59 -32.40 -6.07 13.14
C HIS A 59 -33.81 -6.63 13.34
N LEU A 60 -34.14 -6.92 14.58
CA LEU A 60 -35.45 -7.49 14.90
C LEU A 60 -36.56 -6.50 14.64
N ALA A 61 -36.24 -5.21 14.83
CA ALA A 61 -37.21 -4.16 14.56
C ALA A 61 -37.53 -4.16 13.07
N LEU A 62 -36.49 -4.20 12.22
CA LEU A 62 -36.69 -4.30 10.79
C LEU A 62 -37.51 -5.54 10.45
N LEU A 63 -37.09 -6.70 10.97
CA LEU A 63 -37.72 -7.96 10.59
C LEU A 63 -39.16 -7.97 11.09
N ALA A 64 -39.43 -7.42 12.26
CA ALA A 64 -40.79 -7.48 12.77
C ALA A 64 -41.74 -6.63 11.91
N LEU A 65 -41.21 -5.58 11.27
CA LEU A 65 -42.02 -4.72 10.42
C LEU A 65 -42.02 -5.26 8.99
N ASP A 66 -41.41 -6.42 8.80
CA ASP A 66 -41.36 -7.05 7.49
C ASP A 66 -40.64 -6.14 6.49
N ILE A 67 -39.47 -5.63 6.87
CA ILE A 67 -38.68 -4.79 5.98
C ILE A 67 -37.53 -5.62 5.41
N GLY A 68 -37.32 -5.52 4.10
CA GLY A 68 -36.37 -6.38 3.43
C GLY A 68 -36.17 -5.96 1.97
N VAL A 69 -35.93 -6.96 1.10
CA VAL A 69 -35.79 -6.74 -0.34
C VAL A 69 -37.00 -5.98 -0.87
N GLY A 70 -36.73 -4.96 -1.70
CA GLY A 70 -37.78 -4.14 -2.27
C GLY A 70 -38.08 -2.89 -1.45
N ASP A 71 -37.49 -2.78 -0.26
CA ASP A 71 -37.83 -1.72 0.68
C ASP A 71 -36.67 -0.76 0.92
N ALA A 72 -37.03 0.39 1.49
CA ALA A 72 -36.06 1.42 1.80
C ALA A 72 -36.33 2.00 3.19
N VAL A 73 -35.21 2.37 3.83
CA VAL A 73 -35.21 3.00 5.14
C VAL A 73 -34.26 4.20 5.14
N ILE A 74 -34.70 5.30 5.74
CA ILE A 74 -33.86 6.48 5.89
C ILE A 74 -33.07 6.46 7.19
N VAL A 75 -31.75 6.70 7.04
CA VAL A 75 -30.78 6.68 8.11
C VAL A 75 -30.01 7.99 8.08
N PRO A 76 -29.44 8.44 9.22
CA PRO A 76 -28.69 9.70 9.25
C PRO A 76 -27.31 9.45 8.68
N ASP A 77 -26.65 10.49 8.17
CA ASP A 77 -25.29 10.33 7.66
C ASP A 77 -24.31 10.10 8.81
N PHE A 78 -24.57 10.70 9.95
CA PHE A 78 -23.65 10.62 11.06
C PHE A 78 -24.17 9.64 12.09
N THR A 79 -23.48 8.51 12.26
CA THR A 79 -23.85 7.45 13.19
C THR A 79 -22.77 6.39 13.13
N PHE A 80 -22.93 5.34 13.94
CA PHE A 80 -22.09 4.17 13.80
C PHE A 80 -22.64 3.35 12.64
N ALA A 81 -21.79 2.59 11.94
CA ALA A 81 -22.11 1.99 10.67
C ALA A 81 -23.24 0.98 10.80
N ALA A 82 -23.43 0.41 12.01
CA ALA A 82 -24.46 -0.58 12.23
C ALA A 82 -25.82 -0.07 11.75
N THR A 83 -26.12 1.21 11.97
CA THR A 83 -27.44 1.77 11.67
C THR A 83 -27.78 1.52 10.20
N ALA A 84 -26.87 1.85 9.28
CA ALA A 84 -27.08 1.65 7.85
C ALA A 84 -26.85 0.19 7.46
N ASN A 85 -25.78 -0.42 7.98
CA ASN A 85 -25.48 -1.82 7.69
C ASN A 85 -26.70 -2.67 7.95
N ILE A 86 -27.37 -2.47 9.08
CA ILE A 86 -28.33 -3.50 9.49
C ILE A 86 -29.55 -3.42 8.56
N VAL A 87 -29.87 -2.22 8.09
CA VAL A 87 -30.89 -2.06 7.07
C VAL A 87 -30.54 -2.88 5.83
N GLU A 88 -29.30 -2.79 5.35
CA GLU A 88 -28.93 -3.46 4.12
C GLU A 88 -28.80 -4.97 4.34
N MET A 89 -28.52 -5.44 5.56
CA MET A 89 -28.41 -6.88 5.78
C MET A 89 -29.78 -7.55 5.58
N THR A 90 -30.88 -6.80 5.70
CA THR A 90 -32.20 -7.37 5.46
C THR A 90 -32.53 -7.43 3.96
N GLY A 91 -31.76 -6.76 3.11
CA GLY A 91 -32.11 -6.63 1.71
C GLY A 91 -32.65 -5.25 1.33
N ALA A 92 -33.14 -4.50 2.30
CA ALA A 92 -33.57 -3.14 2.09
C ALA A 92 -32.39 -2.25 1.75
N LYS A 93 -32.67 -0.99 1.46
CA LYS A 93 -31.65 -0.04 1.06
C LYS A 93 -31.64 1.12 2.05
N ALA A 94 -30.44 1.54 2.40
CA ALA A 94 -30.29 2.59 3.37
C ALA A 94 -30.23 3.90 2.59
N ILE A 95 -31.17 4.80 2.85
CA ILE A 95 -31.23 6.09 2.17
C ILE A 95 -30.73 7.12 3.17
N ILE A 96 -29.68 7.85 2.81
CA ILE A 96 -29.00 8.66 3.80
C ILE A 96 -29.50 10.09 3.74
N VAL A 97 -29.64 10.66 4.93
CA VAL A 97 -30.00 12.05 5.10
C VAL A 97 -28.99 12.69 6.04
N ASP A 98 -28.63 13.94 5.72
CA ASP A 98 -27.61 14.64 6.47
C ASP A 98 -28.17 14.94 7.85
N VAL A 99 -27.26 15.30 8.77
CA VAL A 99 -27.60 15.67 10.14
C VAL A 99 -27.38 17.17 10.31
N ASP A 100 -27.86 17.65 11.46
CA ASP A 100 -27.83 19.05 11.88
C ASP A 100 -26.56 19.34 12.68
N ILE A 101 -25.92 20.47 12.39
CA ILE A 101 -24.62 20.85 12.94
C ILE A 101 -24.66 21.01 14.47
N GLU A 102 -25.82 21.31 15.05
CA GLU A 102 -25.91 21.62 16.48
C GLU A 102 -26.21 20.36 17.31
N THR A 103 -27.14 19.53 16.81
CA THR A 103 -27.63 18.36 17.55
C THR A 103 -26.82 17.08 17.22
N TYR A 104 -26.24 17.04 16.03
CA TYR A 104 -25.63 15.85 15.46
C TYR A 104 -26.68 14.81 15.07
N ASN A 105 -27.97 15.19 15.04
CA ASN A 105 -29.07 14.29 14.73
C ASN A 105 -29.64 14.57 13.34
N MET A 106 -30.33 13.58 12.77
CA MET A 106 -30.97 13.72 11.48
C MET A 106 -31.69 15.07 11.38
N ASP A 107 -31.38 15.81 10.32
CA ASP A 107 -31.98 17.10 10.03
C ASP A 107 -33.43 16.92 9.57
N SER A 108 -34.40 17.38 10.35
CA SER A 108 -35.80 17.04 10.10
C SER A 108 -36.27 17.57 8.75
N GLU A 109 -35.72 18.73 8.33
CA GLU A 109 -36.12 19.35 7.08
C GLU A 109 -35.57 18.61 5.87
N LEU A 110 -34.30 18.20 5.93
CA LEU A 110 -33.74 17.36 4.89
C LEU A 110 -34.49 16.04 4.85
N LEU A 111 -34.95 15.57 6.01
CA LEU A 111 -35.67 14.31 6.10
C LEU A 111 -36.96 14.43 5.27
N GLU A 112 -37.75 15.43 5.59
CA GLU A 112 -39.05 15.56 4.93
C GLU A 112 -38.83 15.75 3.44
N SER A 113 -37.80 16.52 3.09
CA SER A 113 -37.55 16.82 1.69
C SER A 113 -37.10 15.55 0.95
N CYS A 114 -36.38 14.67 1.65
CA CYS A 114 -35.98 13.39 1.07
C CYS A 114 -37.23 12.53 0.81
N ILE A 115 -38.19 12.54 1.74
CA ILE A 115 -39.40 11.76 1.50
C ILE A 115 -40.18 12.31 0.29
N GLN A 116 -40.34 13.63 0.19
CA GLN A 116 -41.18 14.24 -0.82
C GLN A 116 -40.64 13.98 -2.22
N SER A 117 -39.32 13.91 -2.36
CA SER A 117 -38.72 13.70 -3.66
C SER A 117 -38.38 12.23 -3.91
N TRP A 118 -38.79 11.31 -3.02
CA TRP A 118 -38.46 9.91 -3.20
C TRP A 118 -39.08 9.42 -4.50
N SER A 119 -38.31 8.66 -5.29
CA SER A 119 -38.82 8.20 -6.58
C SER A 119 -38.60 6.69 -6.77
N GLY A 120 -38.58 5.95 -5.67
CA GLY A 120 -38.38 4.52 -5.74
C GLY A 120 -37.00 4.18 -6.32
N PRO A 121 -36.83 2.98 -6.93
CA PRO A 121 -37.93 2.03 -7.13
C PRO A 121 -38.50 1.30 -5.91
N GLU A 122 -37.70 1.20 -4.84
CA GLU A 122 -38.08 0.48 -3.63
C GLU A 122 -39.21 1.24 -2.96
N LYS A 123 -39.96 0.55 -2.11
CA LYS A 123 -40.94 1.22 -1.27
C LYS A 123 -40.31 1.72 0.03
N LEU A 124 -40.45 3.02 0.29
CA LEU A 124 -39.98 3.63 1.52
C LEU A 124 -40.86 3.15 2.66
N LYS A 125 -40.30 2.49 3.69
CA LYS A 125 -41.12 1.92 4.75
C LYS A 125 -40.82 2.53 6.11
N ALA A 126 -39.61 3.06 6.30
CA ALA A 126 -39.33 3.56 7.64
C ALA A 126 -38.31 4.67 7.66
N ILE A 127 -38.36 5.34 8.81
CA ILE A 127 -37.33 6.25 9.25
C ILE A 127 -36.64 5.68 10.48
N MET A 128 -35.31 5.63 10.43
CA MET A 128 -34.52 5.13 11.52
C MET A 128 -33.53 6.23 11.91
N PRO A 129 -34.01 7.30 12.59
CA PRO A 129 -33.14 8.35 13.12
C PRO A 129 -32.35 7.83 14.31
N VAL A 130 -31.18 8.45 14.54
CA VAL A 130 -30.33 8.12 15.67
C VAL A 130 -30.44 9.22 16.70
N LEU A 131 -30.66 8.86 17.97
CA LEU A 131 -30.58 9.86 19.02
C LEU A 131 -29.13 9.88 19.52
N GLU A 132 -28.31 10.60 18.76
CA GLU A 132 -26.88 10.40 18.81
C GLU A 132 -26.29 10.97 20.10
N PHE A 133 -25.45 10.17 20.75
CA PHE A 133 -24.79 10.52 21.98
C PHE A 133 -25.78 10.73 23.13
N GLY A 134 -27.05 10.32 22.96
CA GLY A 134 -28.02 10.50 24.02
C GLY A 134 -28.85 11.77 23.86
N ASN A 135 -28.75 12.38 22.66
CA ASN A 135 -29.43 13.64 22.37
C ASN A 135 -30.83 13.33 21.87
N PRO A 136 -31.89 13.75 22.60
CA PRO A 136 -33.25 13.49 22.15
C PRO A 136 -33.74 14.44 21.08
N HIS A 137 -33.03 15.55 20.88
CA HIS A 137 -33.63 16.63 20.11
C HIS A 137 -33.91 16.18 18.67
N GLY A 138 -35.16 16.44 18.26
CA GLY A 138 -35.68 16.09 16.94
C GLY A 138 -36.75 15.00 16.97
N LEU A 139 -36.82 14.26 18.08
CA LEU A 139 -37.55 13.00 18.10
C LEU A 139 -39.04 13.22 17.81
N LYS A 140 -39.65 14.25 18.36
CA LYS A 140 -41.08 14.44 18.15
C LYS A 140 -41.34 14.82 16.70
N LYS A 141 -40.43 15.64 16.13
CA LYS A 141 -40.49 15.97 14.71
C LYS A 141 -40.42 14.69 13.84
N TYR A 142 -39.53 13.73 14.18
CA TYR A 142 -39.41 12.52 13.40
C TYR A 142 -40.74 11.75 13.43
N ARG A 143 -41.40 11.74 14.58
CA ARG A 143 -42.68 11.08 14.73
C ARG A 143 -43.72 11.75 13.84
N GLU A 144 -43.77 13.10 13.94
CA GLU A 144 -44.72 13.90 13.21
C GLU A 144 -44.54 13.63 11.72
N ILE A 145 -43.27 13.62 11.27
CA ILE A 145 -42.98 13.40 9.85
C ILE A 145 -43.33 11.97 9.43
N ALA A 146 -42.99 10.98 10.26
CA ALA A 146 -43.30 9.59 9.95
C ALA A 146 -44.81 9.37 9.75
N ASN A 147 -45.61 9.94 10.65
CA ASN A 147 -47.06 9.82 10.53
C ASN A 147 -47.59 10.52 9.29
N LYS A 148 -47.10 11.72 8.97
CA LYS A 148 -47.55 12.45 7.80
C LYS A 148 -47.32 11.64 6.52
N TYR A 149 -46.27 10.85 6.51
CA TYR A 149 -45.95 10.14 5.30
C TYR A 149 -46.28 8.65 5.42
N ASN A 150 -46.99 8.25 6.47
CA ASN A 150 -47.40 6.87 6.69
C ASN A 150 -46.20 5.93 6.70
N LEU A 151 -45.12 6.31 7.41
CA LEU A 151 -43.94 5.48 7.55
C LEU A 151 -43.82 5.07 9.01
N ALA A 152 -43.28 3.86 9.25
CA ALA A 152 -42.81 3.48 10.56
C ALA A 152 -41.61 4.31 10.98
N LEU A 153 -41.54 4.58 12.29
CA LEU A 153 -40.39 5.18 12.96
C LEU A 153 -39.70 4.13 13.84
N ILE A 154 -38.42 3.83 13.55
CA ILE A 154 -37.59 2.99 14.43
C ILE A 154 -36.50 3.84 15.07
N GLU A 155 -36.58 4.05 16.40
CA GLU A 155 -35.56 4.83 17.06
C GLU A 155 -34.29 4.00 17.21
N ASP A 156 -33.18 4.46 16.62
CA ASP A 156 -31.89 3.90 17.00
C ASP A 156 -31.45 4.74 18.19
N ALA A 157 -31.87 4.24 19.36
CA ALA A 157 -31.57 4.82 20.64
C ALA A 157 -30.39 4.09 21.26
N ALA A 158 -29.53 3.50 20.42
CA ALA A 158 -28.38 2.76 20.89
C ALA A 158 -27.76 3.44 22.11
N CYS A 159 -27.58 4.77 22.00
CA CYS A 159 -26.79 5.55 22.94
C CYS A 159 -27.64 6.34 23.94
N ALA A 160 -28.95 6.10 23.96
CA ALA A 160 -29.83 7.07 24.59
C ALA A 160 -30.75 6.48 25.63
N LEU A 161 -30.43 5.34 26.23
CA LEU A 161 -31.26 4.83 27.32
C LEU A 161 -31.19 5.83 28.47
N GLY A 162 -32.34 6.32 28.90
CA GLY A 162 -32.37 7.27 29.99
C GLY A 162 -32.55 8.71 29.49
N ALA A 163 -32.36 8.94 28.18
CA ALA A 163 -32.63 10.24 27.58
C ALA A 163 -34.14 10.40 27.49
N LYS A 164 -34.54 11.67 27.44
CA LYS A 164 -35.93 12.06 27.54
C LYS A 164 -36.18 13.22 26.59
N GLU A 165 -37.24 13.10 25.82
CA GLU A 165 -37.65 14.11 24.88
C GLU A 165 -38.84 14.86 25.53
N GLN A 166 -38.57 15.96 26.26
CA GLN A 166 -39.58 16.67 27.05
C GLN A 166 -40.17 15.72 28.11
N ASP A 167 -41.43 15.33 27.93
CA ASP A 167 -42.20 14.51 28.86
C ASP A 167 -42.06 13.01 28.55
N VAL A 168 -41.33 12.64 27.51
CA VAL A 168 -41.44 11.29 26.96
C VAL A 168 -40.06 10.64 26.85
N MET A 169 -39.90 9.42 27.40
CA MET A 169 -38.62 8.73 27.37
C MET A 169 -38.21 8.35 25.94
N VAL A 170 -36.96 8.63 25.56
CA VAL A 170 -36.40 8.20 24.29
C VAL A 170 -36.57 6.69 24.15
N GLY A 171 -36.97 6.27 22.95
CA GLY A 171 -37.23 4.87 22.68
C GLY A 171 -38.71 4.51 22.67
N THR A 172 -39.55 5.37 23.25
CA THR A 172 -40.96 5.06 23.41
C THR A 172 -41.83 5.76 22.37
N VAL A 173 -41.23 6.57 21.47
CA VAL A 173 -41.97 7.32 20.45
C VAL A 173 -42.08 6.54 19.12
N GLY A 174 -40.97 5.93 18.69
CA GLY A 174 -41.01 5.08 17.52
C GLY A 174 -42.03 3.94 17.63
N ASP A 175 -42.42 3.38 16.50
CA ASP A 175 -43.18 2.16 16.49
C ASP A 175 -42.39 1.15 17.34
N MET A 176 -41.06 1.16 17.19
CA MET A 176 -40.16 0.45 18.11
C MET A 176 -38.95 1.32 18.41
N GLY A 177 -38.30 1.03 19.53
CA GLY A 177 -37.06 1.71 19.88
C GLY A 177 -36.01 0.72 20.29
N CYS A 178 -34.74 1.07 20.02
CA CYS A 178 -33.65 0.13 20.19
C CYS A 178 -32.52 0.75 21.01
N PHE A 179 -31.98 -0.05 21.93
CA PHE A 179 -30.91 0.35 22.84
C PHE A 179 -29.74 -0.62 22.74
N SER A 180 -28.52 -0.09 22.93
CA SER A 180 -27.29 -0.86 23.04
C SER A 180 -26.80 -0.82 24.47
N PHE A 181 -26.25 -1.96 24.93
CA PHE A 181 -25.61 -2.09 26.23
C PHE A 181 -24.13 -2.43 26.02
N HIS A 182 -23.58 -1.95 24.91
CA HIS A 182 -22.18 -2.04 24.58
C HIS A 182 -21.33 -1.31 25.63
N PRO A 183 -20.08 -1.71 25.90
CA PRO A 183 -19.37 -1.11 27.02
C PRO A 183 -19.12 0.40 26.90
N ARG A 184 -19.25 0.97 25.70
CA ARG A 184 -19.08 2.42 25.57
C ARG A 184 -20.34 3.14 26.03
N LYS A 185 -21.46 2.42 26.23
CA LYS A 185 -22.72 3.04 26.61
C LYS A 185 -22.75 3.10 28.14
N THR A 186 -23.75 3.74 28.72
CA THR A 186 -23.61 4.09 30.13
C THR A 186 -24.03 2.87 31.00
N LEU A 187 -25.12 2.19 30.66
CA LEU A 187 -25.41 0.86 31.16
C LEU A 187 -24.85 -0.14 30.16
N THR A 188 -23.94 -1.01 30.61
CA THR A 188 -23.40 -2.06 29.76
C THR A 188 -23.67 -3.43 30.38
N THR A 189 -23.82 -4.46 29.52
CA THR A 189 -23.88 -5.86 29.92
C THR A 189 -22.78 -6.59 29.16
N GLY A 190 -21.76 -5.82 28.81
CA GLY A 190 -20.68 -6.33 28.00
C GLY A 190 -21.03 -6.29 26.52
N GLU A 191 -21.97 -7.15 26.10
CA GLU A 191 -22.72 -6.96 24.88
C GLU A 191 -24.17 -7.12 25.29
N GLY A 192 -25.07 -6.36 24.66
CA GLY A 192 -26.47 -6.46 25.01
C GLY A 192 -27.26 -5.31 24.41
N GLY A 193 -28.58 -5.46 24.44
CA GLY A 193 -29.45 -4.48 23.85
C GLY A 193 -30.89 -4.76 24.24
N ALA A 194 -31.79 -3.91 23.75
CA ALA A 194 -33.19 -4.09 24.03
C ALA A 194 -33.98 -3.48 22.89
N LEU A 195 -35.07 -4.18 22.59
CA LEU A 195 -36.05 -3.71 21.63
C LEU A 195 -37.32 -3.43 22.42
N VAL A 196 -37.85 -2.21 22.31
CA VAL A 196 -39.06 -1.85 23.04
C VAL A 196 -40.12 -1.40 22.07
N THR A 197 -41.38 -1.50 22.52
CA THR A 197 -42.52 -1.13 21.71
C THR A 197 -43.79 -1.09 22.54
N ASN A 198 -44.74 -0.25 22.09
CA ASN A 198 -46.08 -0.19 22.65
C ASN A 198 -47.02 -1.07 21.85
N ASN A 199 -46.52 -1.71 20.76
CA ASN A 199 -47.36 -2.50 19.88
C ASN A 199 -47.22 -4.02 20.16
N ASP A 200 -48.35 -4.67 20.43
CA ASP A 200 -48.35 -6.05 20.86
C ASP A 200 -47.89 -7.00 19.76
N GLN A 201 -48.30 -6.77 18.50
CA GLN A 201 -47.93 -7.70 17.45
C GLN A 201 -46.45 -7.58 17.12
N LEU A 202 -45.91 -6.36 17.15
CA LEU A 202 -44.50 -6.16 16.87
C LEU A 202 -43.68 -6.83 17.98
N TYR A 203 -44.12 -6.69 19.23
CA TYR A 203 -43.47 -7.33 20.35
C TYR A 203 -43.51 -8.84 20.17
N GLU A 204 -44.69 -9.41 19.89
CA GLU A 204 -44.83 -10.85 19.83
C GLU A 204 -44.02 -11.39 18.65
N LYS A 205 -43.98 -10.67 17.54
CA LYS A 205 -43.22 -11.11 16.37
C LYS A 205 -41.71 -11.04 16.65
N ALA A 206 -41.22 -9.91 17.13
CA ALA A 206 -39.81 -9.81 17.50
C ALA A 206 -39.44 -10.95 18.47
N LYS A 207 -40.31 -11.30 19.41
CA LYS A 207 -40.01 -12.29 20.41
C LYS A 207 -39.92 -13.68 19.80
N LEU A 208 -40.77 -13.97 18.80
CA LEU A 208 -40.62 -15.20 18.04
C LEU A 208 -39.29 -15.20 17.29
N LEU A 209 -38.96 -14.09 16.64
CA LEU A 209 -37.76 -14.00 15.83
C LEU A 209 -36.50 -14.12 16.67
N ARG A 210 -36.58 -13.65 17.93
CA ARG A 210 -35.44 -13.70 18.85
C ARG A 210 -35.02 -15.11 19.23
N SER A 211 -35.95 -16.08 19.19
CA SER A 211 -35.64 -17.41 19.68
C SER A 211 -36.33 -18.52 18.88
N HIS A 212 -35.92 -18.66 17.61
CA HIS A 212 -36.25 -19.80 16.78
C HIS A 212 -37.75 -19.98 16.62
N GLY A 213 -38.49 -18.88 16.67
CA GLY A 213 -39.93 -18.97 16.54
C GLY A 213 -40.61 -19.76 17.65
N MET A 214 -40.00 -19.84 18.83
CA MET A 214 -40.57 -20.62 19.94
C MET A 214 -41.65 -19.81 20.65
N MET A 215 -42.76 -20.47 21.04
CA MET A 215 -43.71 -19.95 22.03
C MET A 215 -44.38 -21.10 22.78
N ARG A 216 -45.11 -20.76 23.86
CA ARG A 216 -45.74 -21.73 24.76
C ARG A 216 -47.09 -22.15 24.20
N GLY A 217 -47.29 -23.47 24.01
CA GLY A 217 -48.59 -24.02 23.66
C GLY A 217 -49.06 -25.09 24.66
N GLU A 218 -50.31 -25.54 24.52
CA GLU A 218 -50.98 -26.34 25.55
C GLU A 218 -50.12 -27.54 25.94
N PHE A 219 -49.57 -28.28 24.97
CA PHE A 219 -48.77 -29.48 25.27
C PHE A 219 -47.26 -29.17 25.29
N GLY A 220 -46.86 -27.90 25.37
CA GLY A 220 -45.44 -27.56 25.44
C GLY A 220 -45.01 -26.47 24.44
N ILE A 221 -43.68 -26.39 24.26
CA ILE A 221 -43.05 -25.41 23.39
C ILE A 221 -43.41 -25.72 21.94
N GLU A 222 -43.91 -24.71 21.22
CA GLU A 222 -44.23 -24.83 19.81
C GLU A 222 -43.31 -23.97 18.94
N PHE A 223 -43.09 -24.43 17.71
CA PHE A 223 -42.29 -23.71 16.73
C PHE A 223 -43.19 -23.14 15.64
N ARG A 224 -43.50 -21.85 15.77
CA ARG A 224 -44.55 -21.22 14.98
C ARG A 224 -44.00 -20.56 13.71
N CYS A 225 -42.72 -20.22 13.64
CA CYS A 225 -42.18 -19.61 12.43
C CYS A 225 -40.66 -19.73 12.44
N ILE A 226 -40.01 -19.41 11.32
CA ILE A 226 -38.56 -19.36 11.29
C ILE A 226 -38.09 -18.16 12.12
N GLY A 227 -36.95 -18.30 12.79
CA GLY A 227 -36.35 -17.20 13.52
C GLY A 227 -34.85 -17.41 13.70
N LEU A 228 -34.28 -16.60 14.59
CA LEU A 228 -32.85 -16.50 14.85
C LEU A 228 -32.58 -16.84 16.31
N ASN A 229 -31.33 -16.66 16.72
CA ASN A 229 -31.02 -16.62 18.14
C ASN A 229 -30.36 -15.29 18.46
N TYR A 230 -31.13 -14.44 19.15
CA TYR A 230 -30.62 -13.15 19.59
C TYR A 230 -30.81 -13.01 21.09
N ARG A 231 -30.75 -14.14 21.80
CA ARG A 231 -31.02 -14.12 23.24
C ARG A 231 -29.82 -13.57 23.98
N LEU A 232 -30.17 -12.92 25.10
CA LEU A 232 -29.21 -12.52 26.10
C LEU A 232 -29.16 -13.58 27.20
N THR A 233 -27.98 -13.75 27.79
CA THR A 233 -27.83 -14.65 28.92
C THR A 233 -28.34 -14.02 30.21
N ASN A 234 -28.81 -14.93 31.07
CA ASN A 234 -29.37 -14.62 32.37
C ASN A 234 -28.38 -13.83 33.21
N PHE A 235 -27.08 -14.14 33.12
CA PHE A 235 -26.10 -13.43 33.92
C PHE A 235 -25.81 -12.03 33.38
N GLN A 236 -25.83 -11.89 32.05
CA GLN A 236 -25.74 -10.55 31.50
C GLN A 236 -26.94 -9.72 31.95
N ALA A 237 -28.13 -10.33 32.02
CA ALA A 237 -29.32 -9.56 32.34
C ALA A 237 -29.18 -9.04 33.76
N ALA A 238 -28.62 -9.88 34.62
CA ALA A 238 -28.42 -9.56 36.03
C ALA A 238 -27.51 -8.35 36.14
N ILE A 239 -26.51 -8.28 35.27
CA ILE A 239 -25.61 -7.14 35.29
C ILE A 239 -26.43 -5.89 35.03
N GLY A 240 -27.31 -6.00 34.04
CA GLY A 240 -28.02 -4.81 33.59
C GLY A 240 -29.02 -4.35 34.65
N ARG A 241 -29.62 -5.32 35.34
CA ARG A 241 -30.64 -5.03 36.33
C ARG A 241 -30.04 -4.28 37.49
N ALA A 242 -28.76 -4.51 37.76
CA ALA A 242 -28.10 -3.86 38.86
C ALA A 242 -27.73 -2.43 38.50
N ILE A 243 -27.57 -2.13 37.19
CA ILE A 243 -27.16 -0.80 36.81
C ILE A 243 -28.38 0.11 36.67
N LEU A 244 -29.49 -0.46 36.22
CA LEU A 244 -30.60 0.35 35.76
C LEU A 244 -31.09 1.31 36.87
N PRO A 245 -31.24 0.90 38.14
CA PRO A 245 -31.77 1.79 39.17
C PRO A 245 -30.79 2.90 39.51
N LYS A 246 -29.53 2.75 39.07
CA LYS A 246 -28.56 3.81 39.26
C LYS A 246 -28.52 4.76 38.06
N LEU A 247 -29.15 4.41 36.93
CA LEU A 247 -28.85 5.06 35.65
C LEU A 247 -29.21 6.56 35.67
N ASN A 248 -30.42 6.93 36.12
CA ASN A 248 -30.81 8.33 36.11
CA ASN A 248 -30.79 8.33 36.08
C ASN A 248 -29.76 9.17 36.84
N GLY A 249 -29.33 8.69 38.03
CA GLY A 249 -28.35 9.38 38.84
C GLY A 249 -27.01 9.56 38.13
N TRP A 250 -26.59 8.49 37.42
CA TRP A 250 -25.39 8.54 36.60
C TRP A 250 -25.54 9.61 35.52
N ILE A 251 -26.72 9.69 34.92
CA ILE A 251 -26.92 10.64 33.85
C ILE A 251 -26.83 12.06 34.44
N GLU A 252 -27.46 12.27 35.60
CA GLU A 252 -27.46 13.58 36.24
C GLU A 252 -26.03 14.02 36.46
N ARG A 253 -25.18 13.10 36.94
CA ARG A 253 -23.79 13.45 37.18
C ARG A 253 -23.10 13.79 35.87
N ARG A 254 -23.43 13.06 34.79
CA ARG A 254 -22.82 13.35 33.49
C ARG A 254 -23.22 14.75 33.00
N ARG A 255 -24.47 15.17 33.23
CA ARG A 255 -24.89 16.50 32.79
C ARG A 255 -24.14 17.55 33.59
N GLU A 256 -23.80 17.22 34.85
CA GLU A 256 -23.05 18.14 35.69
C GLU A 256 -21.62 18.28 35.17
N LEU A 257 -20.96 17.17 34.77
CA LEU A 257 -19.63 17.28 34.16
C LEU A 257 -19.67 18.07 32.86
N ALA A 258 -20.81 18.01 32.12
CA ALA A 258 -20.96 18.69 30.86
C ALA A 258 -21.00 20.21 31.07
N THR A 259 -21.72 20.64 32.12
CA THR A 259 -21.69 22.01 32.63
C THR A 259 -20.25 22.49 32.84
N ILE A 260 -19.42 21.67 33.49
CA ILE A 260 -18.04 22.02 33.75
C ILE A 260 -17.27 22.17 32.45
N TYR A 261 -17.43 21.22 31.51
CA TYR A 261 -16.78 21.33 30.20
C TYR A 261 -17.18 22.64 29.52
N GLU A 262 -18.48 22.93 29.54
CA GLU A 262 -19.07 24.01 28.80
C GLU A 262 -18.52 25.36 29.27
N ASP A 263 -18.38 25.51 30.58
CA ASP A 263 -17.89 26.76 31.12
C ASP A 263 -16.38 26.83 30.90
N ALA A 264 -15.64 25.76 31.18
CA ALA A 264 -14.21 25.80 30.91
C ALA A 264 -13.91 26.07 29.43
N LEU A 265 -14.67 25.51 28.50
CA LEU A 265 -14.30 25.61 27.08
C LEU A 265 -14.92 26.82 26.36
N ALA A 266 -15.85 27.54 26.99
CA ALA A 266 -16.65 28.55 26.31
C ALA A 266 -15.78 29.59 25.61
N PRO A 267 -14.63 30.03 26.18
CA PRO A 267 -13.75 30.97 25.50
C PRO A 267 -13.17 30.44 24.18
N LEU A 268 -12.70 29.18 24.18
CA LEU A 268 -12.24 28.56 22.95
C LEU A 268 -13.37 28.58 21.90
N GLU A 269 -14.63 28.43 22.35
CA GLU A 269 -15.77 28.47 21.42
C GLU A 269 -16.01 29.90 20.94
N GLN A 270 -15.85 30.86 21.87
CA GLN A 270 -15.92 32.29 21.60
C GLN A 270 -14.95 32.70 20.50
N GLN A 271 -13.70 32.19 20.58
CA GLN A 271 -12.65 32.50 19.62
C GLN A 271 -12.86 31.80 18.27
N GLY A 272 -13.92 30.99 18.10
CA GLY A 272 -14.19 30.27 16.86
C GLY A 272 -13.33 29.03 16.67
N LEU A 273 -12.61 28.58 17.69
CA LEU A 273 -11.67 27.47 17.57
C LEU A 273 -12.38 26.11 17.71
N ILE A 274 -13.48 26.06 18.46
CA ILE A 274 -14.25 24.84 18.60
C ILE A 274 -15.74 25.17 18.65
N ARG A 275 -16.55 24.14 18.35
CA ARG A 275 -17.99 24.14 18.52
C ARG A 275 -18.33 23.14 19.64
N LEU A 276 -19.08 23.61 20.64
CA LEU A 276 -19.48 22.77 21.75
C LEU A 276 -20.84 22.17 21.46
N PRO A 277 -21.14 20.97 21.97
CA PRO A 277 -22.46 20.39 21.80
C PRO A 277 -23.46 21.12 22.69
N LYS A 278 -24.72 21.15 22.24
CA LYS A 278 -25.84 21.72 22.97
C LYS A 278 -26.49 20.60 23.74
N ILE A 279 -26.27 20.61 25.03
CA ILE A 279 -26.76 19.57 25.90
C ILE A 279 -28.13 19.98 26.37
N VAL A 280 -29.12 19.76 25.56
CA VAL A 280 -30.48 20.14 25.88
C VAL A 280 -30.98 19.31 27.06
N GLU A 281 -32.13 19.75 27.58
CA GLU A 281 -32.83 19.07 28.65
C GLU A 281 -33.12 17.64 28.21
N GLY A 282 -32.81 16.67 29.04
CA GLY A 282 -33.09 15.28 28.67
C GLY A 282 -31.98 14.59 27.86
N HIS A 283 -30.88 15.30 27.54
CA HIS A 283 -29.71 14.68 26.95
C HIS A 283 -29.00 13.83 27.99
N SER A 284 -28.73 12.56 27.65
CA SER A 284 -28.16 11.62 28.62
C SER A 284 -26.64 11.66 28.63
N VAL A 285 -26.06 12.46 27.75
CA VAL A 285 -24.62 12.65 27.66
C VAL A 285 -23.89 11.33 27.62
N GLN A 286 -24.27 10.47 26.69
CA GLN A 286 -23.52 9.23 26.51
C GLN A 286 -22.14 9.60 25.97
N THR A 287 -22.09 10.67 25.18
CA THR A 287 -20.84 11.18 24.63
C THR A 287 -20.87 12.71 24.60
N TYR A 288 -19.74 13.33 24.96
CA TYR A 288 -19.54 14.76 24.89
C TYR A 288 -18.59 15.02 23.72
N MET A 289 -19.14 15.46 22.58
CA MET A 289 -18.33 15.62 21.38
C MET A 289 -18.34 17.10 20.97
N ILE A 290 -17.12 17.64 20.86
CA ILE A 290 -16.88 18.97 20.33
C ILE A 290 -16.53 18.85 18.85
N VAL A 291 -16.55 19.98 18.15
CA VAL A 291 -16.12 19.96 16.76
C VAL A 291 -14.93 20.91 16.60
N LEU A 292 -13.79 20.40 16.12
CA LEU A 292 -12.61 21.21 15.90
C LEU A 292 -12.80 22.12 14.67
N SER A 293 -12.33 23.35 14.78
CA SER A 293 -12.24 24.21 13.62
C SER A 293 -11.27 23.63 12.59
N ASP A 294 -11.66 23.78 11.32
CA ASP A 294 -10.96 23.69 10.05
C ASP A 294 -9.41 23.64 10.08
N GLN A 295 -8.81 24.67 10.68
CA GLN A 295 -7.37 24.84 10.89
C GLN A 295 -6.70 23.65 11.58
N PHE A 296 -7.43 22.91 12.44
CA PHE A 296 -6.80 21.89 13.24
C PHE A 296 -6.85 20.55 12.54
N ASN A 297 -5.89 19.69 12.91
CA ASN A 297 -5.83 18.33 12.44
C ASN A 297 -6.21 17.45 13.61
N ARG A 298 -7.34 16.75 13.55
CA ARG A 298 -7.80 16.03 14.72
C ARG A 298 -6.80 14.97 15.19
N THR A 299 -6.10 14.35 14.23
CA THR A 299 -5.11 13.31 14.52
C THR A 299 -4.00 13.90 15.41
N GLU A 300 -3.53 15.09 15.09
CA GLU A 300 -2.47 15.71 15.86
C GLU A 300 -3.02 16.09 17.24
N VAL A 301 -4.28 16.57 17.28
CA VAL A 301 -4.84 17.01 18.55
C VAL A 301 -4.90 15.82 19.48
N MET A 302 -5.31 14.67 18.95
CA MET A 302 -5.53 13.48 19.72
C MET A 302 -4.20 12.99 20.25
N LYS A 303 -3.17 13.04 19.38
CA LYS A 303 -1.82 12.61 19.77
C LYS A 303 -1.34 13.44 20.95
N ALA A 304 -1.50 14.77 20.87
CA ALA A 304 -0.98 15.68 21.89
C ALA A 304 -1.77 15.52 23.18
N LEU A 305 -3.08 15.22 23.10
CA LEU A 305 -3.88 14.93 24.30
C LEU A 305 -3.40 13.64 24.95
N LYS A 306 -3.07 12.65 24.13
CA LYS A 306 -2.64 11.35 24.63
C LYS A 306 -1.32 11.52 25.39
N GLU A 307 -0.38 12.32 24.83
CA GLU A 307 0.89 12.59 25.48
C GLU A 307 0.68 13.36 26.79
N GLY A 308 -0.43 14.11 26.91
CA GLY A 308 -0.77 14.78 28.16
C GLY A 308 -1.64 13.92 29.06
N GLY A 309 -1.69 12.60 28.81
CA GLY A 309 -2.43 11.65 29.62
C GLY A 309 -3.96 11.69 29.46
N ILE A 310 -4.47 12.07 28.28
CA ILE A 310 -5.91 12.12 28.02
C ILE A 310 -6.26 11.34 26.76
N GLU A 311 -7.17 10.37 26.89
CA GLU A 311 -7.80 9.70 25.75
C GLU A 311 -8.85 10.55 25.05
N SER A 312 -8.92 10.39 23.73
CA SER A 312 -10.00 10.96 22.94
C SER A 312 -10.25 10.09 21.71
N SER A 313 -11.36 10.36 21.00
CA SER A 313 -11.63 9.65 19.74
C SER A 313 -12.55 10.51 18.90
N LEU A 314 -12.64 10.13 17.62
CA LEU A 314 -13.76 10.51 16.77
C LEU A 314 -15.07 10.13 17.47
N GLY A 315 -16.14 10.81 17.11
CA GLY A 315 -17.47 10.60 17.68
C GLY A 315 -18.24 9.48 16.97
N ALA A 316 -18.37 9.62 15.65
CA ALA A 316 -19.06 8.64 14.84
C ALA A 316 -18.55 8.70 13.39
N GLN A 317 -19.10 7.84 12.52
CA GLN A 317 -18.75 7.84 11.10
C GLN A 317 -19.73 8.63 10.25
N SER A 318 -19.30 8.95 9.01
CA SER A 318 -20.15 9.38 7.91
C SER A 318 -20.55 8.23 6.97
N MET A 319 -21.83 7.93 6.88
CA MET A 319 -22.27 6.75 6.15
C MET A 319 -21.97 6.96 4.64
N SER A 320 -22.15 8.20 4.14
CA SER A 320 -21.91 8.50 2.74
C SER A 320 -20.43 8.27 2.42
N GLU A 321 -19.55 8.64 3.36
CA GLU A 321 -18.13 8.52 3.13
C GLU A 321 -17.67 7.07 3.15
N LEU A 322 -18.39 6.17 3.82
CA LEU A 322 -17.94 4.79 3.81
C LEU A 322 -18.06 4.16 2.42
N LYS A 323 -18.96 4.71 1.55
CA LYS A 323 -19.19 4.20 0.20
C LYS A 323 -19.72 2.78 0.22
N LEU A 324 -20.66 2.46 1.12
CA LEU A 324 -21.23 1.11 1.20
C LEU A 324 -22.72 1.13 0.85
N PHE A 325 -23.32 2.31 0.84
CA PHE A 325 -24.77 2.46 0.77
C PHE A 325 -25.04 3.22 -0.52
N ASN A 326 -25.16 2.46 -1.60
CA ASN A 326 -24.91 3.01 -2.92
C ASN A 326 -26.19 3.12 -3.73
N HIS A 327 -27.36 3.18 -3.11
CA HIS A 327 -28.55 3.56 -3.85
C HIS A 327 -28.27 4.89 -4.54
N ASP A 328 -28.76 4.99 -5.77
CA ASP A 328 -28.69 6.17 -6.62
C ASP A 328 -29.09 7.43 -5.85
N SER A 329 -30.09 7.31 -4.99
CA SER A 329 -30.54 8.45 -4.21
C SER A 329 -29.42 8.98 -3.31
N ASN A 330 -28.48 8.13 -2.89
CA ASN A 330 -27.40 8.60 -2.06
C ASN A 330 -26.28 9.21 -2.93
N THR A 331 -25.94 8.56 -4.06
CA THR A 331 -24.83 9.01 -4.90
C THR A 331 -25.17 10.34 -5.58
N LYS A 332 -26.46 10.66 -5.72
CA LYS A 332 -26.88 11.91 -6.34
C LYS A 332 -27.17 12.99 -5.30
N SER A 333 -27.07 12.66 -4.01
CA SER A 333 -27.18 13.66 -2.97
C SER A 333 -25.79 14.17 -2.61
N ASN A 334 -25.81 15.24 -1.81
CA ASN A 334 -24.63 15.87 -1.27
CA ASN A 334 -24.59 15.79 -1.26
C ASN A 334 -24.80 15.93 0.24
N TYR A 335 -23.75 15.55 0.98
CA TYR A 335 -23.72 15.59 2.42
C TYR A 335 -22.63 16.54 2.87
N ILE A 336 -22.99 17.42 3.80
CA ILE A 336 -22.13 18.49 4.24
C ILE A 336 -21.70 18.24 5.68
N ILE A 337 -22.66 18.14 6.59
CA ILE A 337 -22.40 18.13 8.00
C ILE A 337 -21.77 16.82 8.46
N GLY A 338 -22.40 15.71 8.11
CA GLY A 338 -21.90 14.42 8.54
C GLY A 338 -20.42 14.23 8.20
N PRO A 339 -19.99 14.46 6.94
CA PRO A 339 -18.57 14.37 6.58
C PRO A 339 -17.66 15.28 7.42
N LYS A 340 -18.16 16.45 7.86
CA LYS A 340 -17.36 17.35 8.66
C LYS A 340 -17.23 16.80 10.07
N LEU A 341 -18.32 16.29 10.61
CA LEU A 341 -18.27 15.74 11.96
C LEU A 341 -17.35 14.53 11.95
N TYR A 342 -17.38 13.78 10.86
CA TYR A 342 -16.57 12.58 10.75
C TYR A 342 -15.07 12.88 10.90
N ILE A 343 -14.60 14.05 10.40
CA ILE A 343 -13.19 14.41 10.39
C ILE A 343 -12.83 15.33 11.56
N TYR A 344 -13.77 16.19 12.00
CA TYR A 344 -13.46 17.22 12.96
C TYR A 344 -14.07 16.95 14.34
N GLY A 345 -14.96 15.95 14.45
CA GLY A 345 -15.67 15.70 15.70
C GLY A 345 -14.76 14.99 16.71
N LEU A 346 -14.70 15.50 17.95
CA LEU A 346 -13.75 14.96 18.91
C LEU A 346 -14.45 14.72 20.24
N ALA A 347 -14.54 13.44 20.61
CA ALA A 347 -15.14 13.04 21.86
C ALA A 347 -14.12 13.21 22.99
N LEU A 348 -14.59 13.74 24.13
CA LEU A 348 -13.71 13.93 25.28
C LEU A 348 -14.25 13.13 26.45
N PRO A 349 -13.34 12.71 27.37
CA PRO A 349 -13.70 11.81 28.46
C PRO A 349 -14.83 12.40 29.30
N LEU A 350 -15.84 11.56 29.50
CA LEU A 350 -16.98 11.88 30.31
C LEU A 350 -17.72 10.60 30.68
N HIS A 351 -17.55 10.21 31.96
CA HIS A 351 -18.11 8.99 32.52
C HIS A 351 -18.17 9.09 34.05
N GLU A 352 -18.57 7.97 34.67
CA GLU A 352 -18.97 7.88 36.06
C GLU A 352 -17.83 8.18 37.04
N HIS A 353 -16.57 7.98 36.64
CA HIS A 353 -15.42 8.16 37.50
C HIS A 353 -14.49 9.31 37.05
N LEU A 354 -15.05 10.38 36.46
CA LEU A 354 -14.31 11.63 36.27
C LEU A 354 -14.84 12.67 37.24
N ASN A 355 -13.93 13.53 37.71
CA ASN A 355 -14.27 14.57 38.66
C ASN A 355 -13.87 15.92 38.07
N ILE A 356 -14.13 17.00 38.82
CA ILE A 356 -13.86 18.32 38.29
C ILE A 356 -12.39 18.51 37.98
N ASP A 357 -11.49 17.90 38.74
CA ASP A 357 -10.07 18.12 38.51
C ASP A 357 -9.63 17.47 37.19
N ASP A 358 -10.25 16.33 36.88
CA ASP A 358 -10.00 15.60 35.64
C ASP A 358 -10.41 16.49 34.48
N VAL A 359 -11.58 17.14 34.58
CA VAL A 359 -12.11 17.93 33.48
C VAL A 359 -11.31 19.22 33.32
N ASN A 360 -10.94 19.84 34.45
CA ASN A 360 -10.05 21.00 34.42
C ASN A 360 -8.75 20.62 33.73
N LYS A 361 -8.21 19.42 33.98
CA LYS A 361 -6.95 19.04 33.38
C LYS A 361 -7.13 18.86 31.87
N ILE A 362 -8.23 18.21 31.47
CA ILE A 362 -8.55 17.98 30.09
C ILE A 362 -8.69 19.32 29.36
N THR A 363 -9.43 20.26 29.91
CA THR A 363 -9.71 21.48 29.17
C THR A 363 -8.47 22.36 29.10
N GLU A 364 -7.62 22.31 30.13
CA GLU A 364 -6.40 23.11 30.15
C GLU A 364 -5.45 22.55 29.10
N THR A 365 -5.38 21.21 29.03
CA THR A 365 -4.54 20.58 28.05
C THR A 365 -5.06 20.91 26.64
N LEU A 366 -6.38 20.83 26.40
CA LEU A 366 -6.92 21.18 25.10
C LEU A 366 -6.46 22.61 24.75
N GLU A 367 -6.72 23.54 25.67
CA GLU A 367 -6.36 24.95 25.52
C GLU A 367 -4.91 25.11 25.08
N GLN A 368 -4.01 24.45 25.79
CA GLN A 368 -2.59 24.59 25.51
C GLN A 368 -2.26 23.98 24.14
N ILE A 369 -3.03 22.98 23.68
CA ILE A 369 -2.78 22.41 22.36
C ILE A 369 -3.28 23.37 21.27
N LEU A 370 -4.50 23.88 21.41
CA LEU A 370 -5.08 24.69 20.36
C LEU A 370 -4.41 26.06 20.31
N LEU A 371 -4.11 26.67 21.47
CA LEU A 371 -3.59 28.04 21.49
C LEU A 371 -2.05 28.05 21.46
N LYS A 372 -1.43 26.87 21.61
CA LYS A 372 0.02 26.66 21.61
C LYS A 372 0.74 27.41 22.73
N LEU A 373 0.73 26.82 23.94
CA LEU A 373 1.21 27.46 25.16
C LEU A 373 2.19 26.52 25.87
N MET B 1 -13.14 22.10 -24.01
CA MET B 1 -12.69 22.31 -22.61
C MET B 1 -12.14 23.73 -22.52
N ILE B 2 -12.72 24.57 -21.65
CA ILE B 2 -12.12 25.85 -21.33
C ILE B 2 -10.95 25.61 -20.38
N LYS B 3 -9.74 26.04 -20.77
CA LYS B 3 -8.53 25.76 -20.00
C LYS B 3 -8.14 26.99 -19.17
N LEU B 4 -7.53 26.73 -18.00
CA LEU B 4 -6.93 27.75 -17.15
C LEU B 4 -5.84 28.51 -17.90
N SER B 5 -5.07 27.79 -18.67
CA SER B 5 -3.88 28.36 -19.27
C SER B 5 -3.83 28.00 -20.75
N GLN B 6 -3.57 28.99 -21.60
CA GLN B 6 -3.35 28.75 -23.01
C GLN B 6 -2.24 29.68 -23.47
N PRO B 7 -0.97 29.25 -23.30
CA PRO B 7 0.16 30.15 -23.51
C PRO B 7 0.12 30.73 -24.91
N THR B 8 0.40 32.03 -24.98
CA THR B 8 0.27 32.82 -26.19
C THR B 8 1.65 33.24 -26.69
N ILE B 9 2.15 32.51 -27.72
CA ILE B 9 3.44 32.84 -28.32
C ILE B 9 3.13 33.53 -29.64
N PRO B 10 3.48 34.81 -29.79
CA PRO B 10 3.23 35.50 -31.07
C PRO B 10 3.97 34.78 -32.20
N GLU B 11 3.31 34.70 -33.37
CA GLU B 11 3.90 34.12 -34.58
C GLU B 11 5.23 34.76 -34.95
N ALA B 12 5.41 36.05 -34.68
CA ALA B 12 6.68 36.68 -34.95
C ALA B 12 7.78 36.08 -34.09
N ALA B 13 7.44 35.69 -32.85
CA ALA B 13 8.41 35.04 -31.99
C ALA B 13 8.78 33.65 -32.51
N ILE B 14 7.77 32.87 -32.89
CA ILE B 14 7.99 31.57 -33.47
C ILE B 14 9.00 31.61 -34.62
N GLU B 15 8.81 32.54 -35.55
CA GLU B 15 9.72 32.68 -36.69
C GLU B 15 11.12 33.04 -36.25
N ARG B 16 11.21 33.93 -35.27
CA ARG B 16 12.50 34.39 -34.78
C ARG B 16 13.24 33.24 -34.11
N VAL B 17 12.49 32.38 -33.42
CA VAL B 17 13.09 31.20 -32.83
C VAL B 17 13.71 30.32 -33.92
N SER B 18 12.89 29.98 -34.94
CA SER B 18 13.35 29.24 -36.11
C SER B 18 14.64 29.83 -36.67
N GLU B 19 14.68 31.15 -36.84
CA GLU B 19 15.86 31.81 -37.40
C GLU B 19 17.04 31.58 -36.48
N ILE B 20 16.82 31.73 -35.16
CA ILE B 20 17.92 31.64 -34.21
C ILE B 20 18.46 30.22 -34.23
N LEU B 21 17.56 29.25 -34.25
CA LEU B 21 17.95 27.85 -34.25
C LEU B 21 18.74 27.52 -35.52
N ARG B 22 18.32 28.07 -36.67
CA ARG B 22 18.95 27.77 -37.95
C ARG B 22 20.32 28.47 -38.05
N SER B 23 20.43 29.74 -37.62
CA SER B 23 21.65 30.54 -37.69
C SER B 23 22.69 30.03 -36.71
N GLY B 24 22.18 29.62 -35.53
CA GLY B 24 22.94 28.92 -34.50
C GLY B 24 23.59 29.84 -33.47
N GLN B 25 23.03 31.03 -33.16
CA GLN B 25 23.47 31.77 -31.97
C GLN B 25 22.56 31.47 -30.77
N LEU B 26 22.91 30.42 -30.02
CA LEU B 26 21.97 29.79 -29.11
C LEU B 26 22.11 30.31 -27.68
N VAL B 27 23.37 30.47 -27.23
CA VAL B 27 23.70 30.81 -25.85
C VAL B 27 23.38 32.30 -25.68
N HIS B 28 22.97 32.66 -24.45
CA HIS B 28 22.69 34.05 -24.06
C HIS B 28 23.51 34.99 -24.94
N GLY B 29 22.81 35.90 -25.64
CA GLY B 29 23.49 36.89 -26.48
C GLY B 29 22.63 38.14 -26.63
N GLU B 30 22.59 38.69 -27.85
CA GLU B 30 22.00 40.00 -28.08
C GLU B 30 20.52 39.99 -27.69
N GLU B 31 19.86 38.88 -27.95
CA GLU B 31 18.48 38.65 -27.57
C GLU B 31 18.30 38.80 -26.06
N CYS B 32 19.17 38.18 -25.23
CA CYS B 32 19.05 38.28 -23.78
C CYS B 32 19.30 39.70 -23.27
N GLU B 33 20.35 40.32 -23.81
CA GLU B 33 20.78 41.67 -23.43
C GLU B 33 19.68 42.66 -23.76
N SER B 34 19.11 42.53 -24.96
CA SER B 34 18.05 43.43 -25.36
C SER B 34 16.82 43.20 -24.50
N PHE B 35 16.50 41.94 -24.21
CA PHE B 35 15.36 41.65 -23.38
C PHE B 35 15.53 42.32 -22.01
N GLU B 36 16.75 42.29 -21.48
CA GLU B 36 17.03 42.88 -20.18
C GLU B 36 16.84 44.41 -20.21
N GLN B 37 17.35 45.08 -21.25
CA GLN B 37 17.12 46.51 -21.47
C GLN B 37 15.64 46.85 -21.53
N GLU B 38 14.87 46.03 -22.25
CA GLU B 38 13.44 46.27 -22.45
C GLU B 38 12.65 46.03 -21.17
N LEU B 39 13.05 45.03 -20.39
CA LEU B 39 12.46 44.78 -19.09
C LEU B 39 12.72 45.96 -18.16
N ALA B 40 13.97 46.42 -18.12
CA ALA B 40 14.38 47.48 -17.23
C ALA B 40 13.61 48.75 -17.53
N SER B 41 13.51 49.04 -18.82
CA SER B 41 12.76 50.18 -19.32
C SER B 41 11.28 50.05 -18.98
N PHE B 42 10.66 48.91 -19.29
CA PHE B 42 9.27 48.66 -18.92
C PHE B 42 9.02 48.90 -17.43
N LEU B 43 9.96 48.48 -16.58
CA LEU B 43 9.76 48.58 -15.13
C LEU B 43 10.26 49.91 -14.55
N GLY B 44 11.06 50.67 -15.28
CA GLY B 44 11.63 51.90 -14.72
C GLY B 44 12.65 51.59 -13.60
N VAL B 45 13.41 50.51 -13.82
CA VAL B 45 14.42 50.06 -12.87
C VAL B 45 15.77 50.00 -13.60
N LYS B 46 16.88 50.08 -12.85
CA LYS B 46 18.16 50.25 -13.52
C LYS B 46 18.66 48.94 -14.11
N HIS B 47 18.54 47.80 -13.42
CA HIS B 47 19.13 46.58 -13.92
C HIS B 47 18.11 45.43 -14.00
N ALA B 48 18.27 44.59 -15.04
CA ALA B 48 17.52 43.36 -15.19
C ALA B 48 18.48 42.27 -15.63
N LEU B 49 18.28 41.05 -15.10
CA LEU B 49 19.02 39.86 -15.49
C LEU B 49 18.00 38.76 -15.76
N VAL B 50 18.00 38.20 -16.98
CA VAL B 50 17.16 37.07 -17.30
C VAL B 50 17.88 35.78 -16.97
N VAL B 51 17.08 34.85 -16.45
CA VAL B 51 17.57 33.63 -15.86
C VAL B 51 16.68 32.46 -16.30
N SER B 52 17.06 31.22 -15.94
CA SER B 52 16.41 29.96 -16.34
C SER B 52 14.93 29.86 -15.96
N ASN B 53 14.57 30.44 -14.82
CA ASN B 53 13.24 30.34 -14.24
C ASN B 53 13.10 31.31 -13.08
N GLY B 54 11.89 31.44 -12.53
CA GLY B 54 11.65 32.36 -11.43
C GLY B 54 12.32 31.91 -10.12
N THR B 55 12.44 30.60 -9.93
CA THR B 55 13.10 30.11 -8.75
C THR B 55 14.56 30.54 -8.78
N ALA B 56 15.16 30.49 -9.97
CA ALA B 56 16.54 30.92 -10.13
C ALA B 56 16.68 32.40 -9.73
N ALA B 57 15.68 33.22 -10.09
CA ALA B 57 15.72 34.64 -9.75
C ALA B 57 15.83 34.82 -8.23
N LEU B 58 14.93 34.17 -7.50
CA LEU B 58 14.87 34.23 -6.06
C LEU B 58 16.18 33.73 -5.46
N HIS B 59 16.65 32.60 -5.96
CA HIS B 59 17.90 31.97 -5.51
C HIS B 59 19.08 32.94 -5.62
N LEU B 60 19.20 33.57 -6.79
CA LEU B 60 20.28 34.51 -7.00
C LEU B 60 20.11 35.73 -6.11
N ALA B 61 18.85 36.11 -5.83
CA ALA B 61 18.66 37.27 -4.97
C ALA B 61 19.20 36.91 -3.59
N LEU B 62 18.89 35.72 -3.08
CA LEU B 62 19.36 35.29 -1.78
C LEU B 62 20.90 35.23 -1.73
N LEU B 63 21.53 34.65 -2.75
CA LEU B 63 22.97 34.44 -2.68
C LEU B 63 23.71 35.78 -2.79
N ALA B 64 23.16 36.70 -3.56
CA ALA B 64 23.78 38.00 -3.74
C ALA B 64 23.75 38.80 -2.45
N LEU B 65 22.71 38.60 -1.63
CA LEU B 65 22.56 39.19 -0.31
C LEU B 65 23.32 38.41 0.75
N ASP B 66 24.04 37.36 0.36
CA ASP B 66 24.87 36.57 1.26
C ASP B 66 23.96 35.95 2.32
N ILE B 67 22.81 35.45 1.92
CA ILE B 67 21.88 34.81 2.84
C ILE B 67 22.10 33.31 2.74
N GLY B 68 22.27 32.67 3.89
CA GLY B 68 22.64 31.27 3.95
C GLY B 68 22.46 30.73 5.36
N VAL B 69 23.26 29.71 5.70
CA VAL B 69 23.28 29.09 7.02
C VAL B 69 23.48 30.15 8.12
N GLY B 70 22.64 30.05 9.16
CA GLY B 70 22.69 31.01 10.26
C GLY B 70 21.76 32.20 10.04
N ASP B 71 21.04 32.23 8.91
CA ASP B 71 20.16 33.34 8.56
C ASP B 71 18.72 32.87 8.42
N ALA B 72 17.81 33.85 8.39
CA ALA B 72 16.40 33.59 8.28
C ALA B 72 15.75 34.64 7.39
N VAL B 73 14.68 34.21 6.70
CA VAL B 73 13.96 35.03 5.75
C VAL B 73 12.48 34.75 6.00
N ILE B 74 11.68 35.81 6.03
CA ILE B 74 10.25 35.72 6.26
C ILE B 74 9.57 35.55 4.91
N VAL B 75 8.67 34.57 4.84
CA VAL B 75 7.91 34.24 3.67
C VAL B 75 6.43 34.14 4.05
N PRO B 76 5.52 34.19 3.05
CA PRO B 76 4.09 34.09 3.33
C PRO B 76 3.67 32.63 3.39
N ASP B 77 2.59 32.35 4.12
CA ASP B 77 2.07 31.00 4.22
C ASP B 77 1.43 30.58 2.91
N PHE B 78 0.82 31.54 2.21
CA PHE B 78 0.10 31.23 0.99
C PHE B 78 0.94 31.66 -0.21
N THR B 79 1.46 30.65 -0.94
CA THR B 79 2.31 30.82 -2.09
C THR B 79 2.62 29.46 -2.71
N PHE B 80 3.44 29.46 -3.75
CA PHE B 80 3.98 28.22 -4.30
C PHE B 80 5.22 27.88 -3.47
N ALA B 81 5.46 26.59 -3.30
CA ALA B 81 6.47 26.05 -2.41
C ALA B 81 7.86 26.64 -2.71
N ALA B 82 8.12 27.01 -3.96
CA ALA B 82 9.44 27.48 -4.33
C ALA B 82 9.86 28.64 -3.43
N THR B 83 8.90 29.46 -3.01
CA THR B 83 9.24 30.63 -2.22
C THR B 83 9.96 30.25 -0.93
N ALA B 84 9.41 29.27 -0.19
CA ALA B 84 10.02 28.83 1.06
C ALA B 84 11.17 27.84 0.77
N ASN B 85 10.98 26.95 -0.19
CA ASN B 85 12.03 26.01 -0.56
C ASN B 85 13.36 26.74 -0.79
N ILE B 86 13.30 27.83 -1.54
CA ILE B 86 14.53 28.38 -2.09
C ILE B 86 15.31 29.04 -0.96
N VAL B 87 14.58 29.52 0.04
CA VAL B 87 15.22 30.03 1.24
C VAL B 87 16.02 28.89 1.87
N GLU B 88 15.38 27.72 2.01
CA GLU B 88 15.96 26.63 2.77
C GLU B 88 17.13 26.00 2.01
N MET B 89 17.11 26.05 0.68
CA MET B 89 18.14 25.49 -0.17
C MET B 89 19.44 26.25 0.04
N THR B 90 19.39 27.52 0.47
CA THR B 90 20.62 28.24 0.75
C THR B 90 21.18 27.89 2.12
N GLY B 91 20.43 27.14 2.91
CA GLY B 91 20.79 26.88 4.30
C GLY B 91 20.09 27.79 5.31
N ALA B 92 19.51 28.92 4.86
CA ALA B 92 18.71 29.79 5.72
C ALA B 92 17.42 29.09 6.08
N LYS B 93 16.69 29.66 7.03
CA LYS B 93 15.40 29.13 7.45
C LYS B 93 14.25 30.05 6.99
N ALA B 94 13.22 29.42 6.44
CA ALA B 94 12.01 30.11 6.07
C ALA B 94 11.11 30.32 7.30
N ILE B 95 10.78 31.59 7.56
CA ILE B 95 9.99 31.97 8.73
C ILE B 95 8.64 32.46 8.21
N ILE B 96 7.57 31.76 8.58
CA ILE B 96 6.29 31.93 7.89
C ILE B 96 5.42 32.96 8.60
N VAL B 97 4.73 33.78 7.79
CA VAL B 97 3.77 34.76 8.28
C VAL B 97 2.49 34.58 7.47
N ASP B 98 1.37 34.64 8.17
CA ASP B 98 0.07 34.35 7.57
C ASP B 98 -0.27 35.48 6.61
N VAL B 99 -1.25 35.23 5.72
CA VAL B 99 -1.67 36.22 4.75
C VAL B 99 -3.03 36.81 5.14
N ASP B 100 -3.42 37.85 4.40
CA ASP B 100 -4.67 38.55 4.55
C ASP B 100 -5.74 37.83 3.75
N ILE B 101 -6.92 37.61 4.35
CA ILE B 101 -8.04 36.88 3.74
C ILE B 101 -8.54 37.58 2.47
N GLU B 102 -8.37 38.90 2.33
CA GLU B 102 -8.92 39.62 1.18
C GLU B 102 -7.95 39.67 -0.01
N THR B 103 -6.69 39.90 0.31
CA THR B 103 -5.68 40.16 -0.71
C THR B 103 -4.93 38.88 -1.09
N TYR B 104 -4.85 37.93 -0.15
CA TYR B 104 -4.06 36.70 -0.26
C TYR B 104 -2.56 37.00 -0.16
N ASN B 105 -2.20 38.20 0.27
CA ASN B 105 -0.82 38.61 0.45
C ASN B 105 -0.44 38.64 1.93
N MET B 106 0.87 38.50 2.18
CA MET B 106 1.41 38.60 3.52
C MET B 106 0.73 39.72 4.30
N ASP B 107 0.25 39.39 5.51
CA ASP B 107 -0.43 40.32 6.39
C ASP B 107 0.59 41.24 7.05
N SER B 108 0.55 42.55 6.73
CA SER B 108 1.64 43.45 7.09
C SER B 108 1.73 43.55 8.61
N GLU B 109 0.59 43.46 9.30
CA GLU B 109 0.60 43.60 10.74
C GLU B 109 1.22 42.37 11.40
N LEU B 110 0.87 41.17 10.90
CA LEU B 110 1.46 39.94 11.40
C LEU B 110 2.95 39.90 11.09
N LEU B 111 3.35 40.50 9.96
CA LEU B 111 4.74 40.62 9.55
C LEU B 111 5.52 41.40 10.60
N GLU B 112 5.02 42.59 10.93
CA GLU B 112 5.69 43.42 11.92
C GLU B 112 5.77 42.72 13.28
N SER B 113 4.70 42.02 13.70
CA SER B 113 4.73 41.41 15.02
C SER B 113 5.65 40.19 15.02
N CYS B 114 5.76 39.50 13.87
CA CYS B 114 6.78 38.46 13.72
C CYS B 114 8.18 39.06 13.92
N ILE B 115 8.49 40.20 13.31
CA ILE B 115 9.85 40.77 13.44
C ILE B 115 10.12 41.21 14.90
N GLN B 116 9.12 41.83 15.54
CA GLN B 116 9.22 42.31 16.92
C GLN B 116 9.49 41.17 17.89
N SER B 117 8.92 39.99 17.63
CA SER B 117 9.06 38.88 18.56
C SER B 117 10.16 37.92 18.11
N TRP B 118 10.93 38.31 17.09
CA TRP B 118 11.98 37.45 16.58
C TRP B 118 13.03 37.25 17.69
N SER B 119 13.31 36.00 18.05
CA SER B 119 14.23 35.74 19.14
C SER B 119 15.40 34.84 18.71
N GLY B 120 15.62 34.74 17.39
CA GLY B 120 16.75 33.99 16.86
C GLY B 120 16.53 32.49 16.97
N PRO B 121 17.59 31.65 17.01
CA PRO B 121 18.98 32.13 17.04
C PRO B 121 19.55 32.65 15.71
N GLU B 122 18.83 32.44 14.60
CA GLU B 122 19.35 32.86 13.30
C GLU B 122 19.22 34.38 13.20
N LYS B 123 20.04 34.96 12.34
CA LYS B 123 19.98 36.38 12.04
C LYS B 123 18.93 36.62 10.96
N LEU B 124 17.89 37.37 11.33
CA LEU B 124 16.83 37.68 10.41
C LEU B 124 17.41 38.68 9.42
N LYS B 125 17.40 38.32 8.14
CA LYS B 125 18.08 39.09 7.11
C LYS B 125 17.11 39.73 6.13
N ALA B 126 15.95 39.12 5.85
CA ALA B 126 15.13 39.63 4.76
C ALA B 126 13.65 39.25 4.89
N ILE B 127 12.82 40.10 4.27
CA ILE B 127 11.42 39.77 4.03
C ILE B 127 11.25 39.43 2.56
N MET B 128 10.52 38.35 2.28
CA MET B 128 10.27 37.89 0.92
C MET B 128 8.77 37.69 0.78
N PRO B 129 8.00 38.79 0.62
CA PRO B 129 6.57 38.71 0.40
C PRO B 129 6.31 38.29 -1.04
N VAL B 130 5.13 37.72 -1.25
CA VAL B 130 4.66 37.38 -2.58
C VAL B 130 3.60 38.36 -3.04
N LEU B 131 3.71 38.84 -4.26
CA LEU B 131 2.63 39.63 -4.84
C LEU B 131 1.74 38.64 -5.59
N GLU B 132 0.90 37.95 -4.80
CA GLU B 132 0.27 36.73 -5.26
C GLU B 132 -0.77 37.05 -6.33
N PHE B 133 -0.73 36.24 -7.39
CA PHE B 133 -1.66 36.36 -8.52
C PHE B 133 -1.62 37.74 -9.17
N GLY B 134 -0.54 38.50 -8.95
CA GLY B 134 -0.35 39.81 -9.55
C GLY B 134 -0.97 40.94 -8.73
N ASN B 135 -1.27 40.68 -7.45
CA ASN B 135 -1.84 41.65 -6.53
C ASN B 135 -0.74 42.48 -5.89
N PRO B 136 -0.66 43.80 -6.14
CA PRO B 136 0.36 44.65 -5.50
C PRO B 136 0.12 45.03 -4.05
N HIS B 137 -1.10 44.75 -3.55
CA HIS B 137 -1.57 45.36 -2.32
C HIS B 137 -0.68 44.92 -1.17
N GLY B 138 -0.16 45.90 -0.42
CA GLY B 138 0.72 45.66 0.70
C GLY B 138 2.18 46.07 0.42
N LEU B 139 2.56 46.19 -0.84
CA LEU B 139 3.98 46.30 -1.18
C LEU B 139 4.66 47.51 -0.50
N LYS B 140 4.03 48.69 -0.51
CA LYS B 140 4.64 49.85 0.12
C LYS B 140 4.84 49.63 1.63
N LYS B 141 3.84 49.00 2.26
CA LYS B 141 3.92 48.63 3.67
C LYS B 141 5.10 47.69 3.93
N TYR B 142 5.32 46.70 3.05
CA TYR B 142 6.48 45.81 3.15
C TYR B 142 7.78 46.62 3.05
N ARG B 143 7.90 47.54 2.12
CA ARG B 143 9.09 48.39 2.04
C ARG B 143 9.27 49.13 3.37
N GLU B 144 8.18 49.74 3.83
CA GLU B 144 8.19 50.58 5.03
C GLU B 144 8.69 49.77 6.23
N ILE B 145 8.26 48.50 6.32
CA ILE B 145 8.59 47.64 7.44
C ILE B 145 10.02 47.13 7.31
N ALA B 146 10.39 46.68 6.10
CA ALA B 146 11.76 46.37 5.82
C ALA B 146 12.70 47.48 6.32
N ASN B 147 12.42 48.73 5.96
CA ASN B 147 13.33 49.83 6.28
C ASN B 147 13.34 50.13 7.77
N LYS B 148 12.17 50.05 8.40
CA LYS B 148 12.01 50.27 9.82
C LYS B 148 12.90 49.33 10.61
N TYR B 149 13.07 48.08 10.15
CA TYR B 149 13.83 47.07 10.89
C TYR B 149 15.17 46.75 10.21
N ASN B 150 15.59 47.62 9.30
CA ASN B 150 16.84 47.40 8.58
C ASN B 150 16.95 45.99 8.00
N LEU B 151 15.88 45.50 7.36
CA LEU B 151 15.94 44.22 6.64
C LEU B 151 15.88 44.47 5.15
N ALA B 152 16.49 43.56 4.39
CA ALA B 152 16.37 43.58 2.94
C ALA B 152 14.98 43.12 2.53
N LEU B 153 14.46 43.69 1.45
CA LEU B 153 13.18 43.27 0.89
C LEU B 153 13.42 42.62 -0.46
N ILE B 154 12.96 41.37 -0.61
CA ILE B 154 13.04 40.67 -1.89
C ILE B 154 11.63 40.41 -2.38
N GLU B 155 11.19 41.05 -3.46
CA GLU B 155 9.86 40.78 -4.00
C GLU B 155 9.84 39.49 -4.80
N ASP B 156 9.05 38.53 -4.33
CA ASP B 156 8.65 37.39 -5.13
C ASP B 156 7.46 37.87 -5.93
N ALA B 157 7.82 38.44 -7.06
CA ALA B 157 6.89 38.93 -8.05
C ALA B 157 6.75 37.90 -9.16
N ALA B 158 6.90 36.62 -8.85
CA ALA B 158 6.78 35.60 -9.88
C ALA B 158 5.60 35.84 -10.79
N CYS B 159 4.47 36.22 -10.18
CA CYS B 159 3.17 36.25 -10.84
C CYS B 159 2.83 37.66 -11.33
N ALA B 160 3.67 38.65 -11.03
CA ALA B 160 3.21 40.03 -11.00
C ALA B 160 3.95 40.93 -12.00
N LEU B 161 4.52 40.39 -13.08
CA LEU B 161 5.16 41.28 -14.04
C LEU B 161 4.09 42.14 -14.72
N GLY B 162 4.27 43.48 -14.67
CA GLY B 162 3.28 44.39 -15.23
C GLY B 162 2.25 44.88 -14.22
N ALA B 163 2.25 44.28 -13.02
CA ALA B 163 1.51 44.79 -11.89
C ALA B 163 2.13 46.10 -11.43
N LYS B 164 1.31 46.90 -10.77
CA LYS B 164 1.68 48.25 -10.44
C LYS B 164 1.12 48.59 -9.06
N GLU B 165 2.00 49.11 -8.21
CA GLU B 165 1.63 49.56 -6.88
C GLU B 165 1.58 51.09 -6.93
N GLN B 166 0.39 51.65 -7.13
CA GLN B 166 0.24 53.09 -7.31
C GLN B 166 1.07 53.55 -8.50
N ASP B 167 2.14 54.29 -8.21
CA ASP B 167 2.91 55.02 -9.22
C ASP B 167 4.10 54.17 -9.68
N VAL B 168 4.35 53.04 -9.02
CA VAL B 168 5.63 52.37 -9.09
C VAL B 168 5.39 50.92 -9.54
N MET B 169 6.21 50.41 -10.48
CA MET B 169 6.03 49.02 -10.94
C MET B 169 6.47 47.98 -9.89
N VAL B 170 5.63 46.94 -9.71
CA VAL B 170 5.97 45.78 -8.89
C VAL B 170 7.30 45.21 -9.37
N GLY B 171 8.12 44.84 -8.42
CA GLY B 171 9.45 44.35 -8.67
C GLY B 171 10.52 45.41 -8.43
N THR B 172 10.15 46.71 -8.36
CA THR B 172 11.15 47.78 -8.32
C THR B 172 11.29 48.40 -6.92
N VAL B 173 10.46 47.89 -5.99
CA VAL B 173 10.37 48.41 -4.65
C VAL B 173 11.32 47.69 -3.71
N GLY B 174 11.42 46.37 -3.83
CA GLY B 174 12.40 45.60 -3.08
C GLY B 174 13.83 46.02 -3.42
N ASP B 175 14.76 45.67 -2.54
CA ASP B 175 16.17 45.68 -2.88
C ASP B 175 16.37 44.98 -4.21
N MET B 176 15.72 43.82 -4.39
CA MET B 176 15.64 43.17 -5.68
C MET B 176 14.21 42.66 -5.87
N GLY B 177 13.87 42.40 -7.14
CA GLY B 177 12.58 41.85 -7.48
C GLY B 177 12.74 40.66 -8.42
N CYS B 178 11.81 39.71 -8.34
CA CYS B 178 11.94 38.45 -9.04
C CYS B 178 10.66 38.10 -9.78
N PHE B 179 10.82 37.75 -11.05
CA PHE B 179 9.69 37.39 -11.90
C PHE B 179 9.88 35.99 -12.44
N SER B 180 8.75 35.34 -12.68
CA SER B 180 8.68 34.04 -13.34
C SER B 180 8.06 34.16 -14.75
N PHE B 181 8.64 33.46 -15.74
CA PHE B 181 8.08 33.33 -17.09
C PHE B 181 7.60 31.90 -17.34
N HIS B 182 7.22 31.18 -16.28
CA HIS B 182 6.58 29.87 -16.40
C HIS B 182 5.32 29.97 -17.27
N PRO B 183 4.83 28.89 -17.94
CA PRO B 183 3.69 29.01 -18.85
C PRO B 183 2.34 29.38 -18.24
N ARG B 184 2.19 29.22 -16.92
CA ARG B 184 0.97 29.70 -16.28
C ARG B 184 1.01 31.21 -16.06
N LYS B 185 2.14 31.87 -16.35
CA LYS B 185 2.27 33.30 -16.13
C LYS B 185 1.84 33.98 -17.43
N THR B 186 1.62 35.29 -17.41
CA THR B 186 0.97 35.91 -18.55
C THR B 186 1.98 36.02 -19.70
N LEU B 187 3.20 36.43 -19.36
CA LEU B 187 4.34 36.38 -20.27
C LEU B 187 5.13 35.11 -19.95
N THR B 188 5.35 34.25 -20.94
CA THR B 188 6.08 33.01 -20.76
C THR B 188 7.17 32.88 -21.81
N THR B 189 8.24 32.19 -21.39
CA THR B 189 9.32 31.80 -22.26
C THR B 189 9.53 30.30 -22.13
N GLY B 190 8.46 29.59 -21.75
CA GLY B 190 8.51 28.17 -21.45
C GLY B 190 9.04 27.87 -20.05
N GLU B 191 10.34 28.07 -19.84
CA GLU B 191 10.82 28.35 -18.50
C GLU B 191 11.61 29.65 -18.60
N GLY B 192 11.60 30.45 -17.55
CA GLY B 192 12.33 31.70 -17.60
C GLY B 192 12.06 32.53 -16.37
N GLY B 193 12.87 33.56 -16.19
CA GLY B 193 12.68 34.49 -15.08
C GLY B 193 13.56 35.71 -15.22
N ALA B 194 13.34 36.66 -14.31
CA ALA B 194 14.18 37.84 -14.26
C ALA B 194 14.33 38.30 -12.82
N LEU B 195 15.56 38.73 -12.55
CA LEU B 195 15.96 39.33 -11.29
C LEU B 195 16.24 40.81 -11.60
N VAL B 196 15.55 41.73 -10.94
CA VAL B 196 15.77 43.14 -11.20
C VAL B 196 16.20 43.87 -9.93
N THR B 197 16.84 45.04 -10.12
CA THR B 197 17.31 45.83 -9.00
C THR B 197 17.82 47.18 -9.49
N ASN B 198 17.80 48.14 -8.56
CA ASN B 198 18.51 49.39 -8.69
C ASN B 198 19.83 49.34 -7.96
N ASN B 199 20.17 48.21 -7.33
CA ASN B 199 21.40 48.16 -6.56
C ASN B 199 22.50 47.58 -7.45
N ASP B 200 23.52 48.40 -7.74
CA ASP B 200 24.61 47.97 -8.59
C ASP B 200 25.40 46.80 -8.03
N GLN B 201 25.69 46.77 -6.72
CA GLN B 201 26.48 45.71 -6.12
C GLN B 201 25.73 44.38 -6.20
N LEU B 202 24.41 44.38 -5.94
CA LEU B 202 23.65 43.15 -5.97
C LEU B 202 23.54 42.68 -7.43
N TYR B 203 23.33 43.63 -8.34
CA TYR B 203 23.34 43.30 -9.75
C TYR B 203 24.64 42.59 -10.10
N GLU B 204 25.78 43.23 -9.83
CA GLU B 204 27.04 42.65 -10.29
C GLU B 204 27.23 41.25 -9.67
N LYS B 205 26.87 41.05 -8.39
CA LYS B 205 27.09 39.76 -7.75
C LYS B 205 26.15 38.74 -8.38
N ALA B 206 24.90 39.11 -8.64
CA ALA B 206 23.97 38.12 -9.17
C ALA B 206 24.42 37.71 -10.58
N LYS B 207 24.93 38.69 -11.35
CA LYS B 207 25.41 38.45 -12.70
C LYS B 207 26.59 37.46 -12.71
N LEU B 208 27.50 37.59 -11.75
CA LEU B 208 28.60 36.64 -11.65
C LEU B 208 28.06 35.24 -11.32
N LEU B 209 27.12 35.17 -10.41
CA LEU B 209 26.61 33.89 -9.90
C LEU B 209 25.82 33.15 -10.98
N ARG B 210 25.23 33.91 -11.90
CA ARG B 210 24.41 33.40 -12.98
C ARG B 210 25.23 32.54 -13.94
N SER B 211 26.54 32.85 -14.05
CA SER B 211 27.34 32.24 -15.09
C SER B 211 28.77 32.00 -14.59
N HIS B 212 28.90 31.18 -13.57
CA HIS B 212 30.19 30.59 -13.26
C HIS B 212 31.24 31.64 -12.86
N GLY B 213 30.78 32.78 -12.31
CA GLY B 213 31.65 33.86 -11.88
C GLY B 213 32.41 34.52 -13.03
N MET B 214 31.84 34.49 -14.24
CA MET B 214 32.49 35.02 -15.44
C MET B 214 32.27 36.52 -15.57
N MET B 215 33.31 37.17 -16.10
CA MET B 215 33.48 38.62 -16.12
C MET B 215 34.34 38.94 -17.35
N ARG B 216 33.94 39.96 -18.11
CA ARG B 216 34.72 40.43 -19.26
C ARG B 216 36.01 41.08 -18.78
N GLY B 217 37.16 40.60 -19.31
CA GLY B 217 38.46 41.10 -18.89
C GLY B 217 39.30 41.65 -20.06
N GLU B 218 40.35 42.40 -19.70
CA GLU B 218 41.26 42.99 -20.67
C GLU B 218 41.73 41.95 -21.67
N PHE B 219 42.28 40.83 -21.18
CA PHE B 219 42.88 39.77 -22.00
C PHE B 219 41.89 38.63 -22.27
N GLY B 220 40.64 38.77 -21.80
CA GLY B 220 39.58 37.80 -22.06
C GLY B 220 38.64 37.63 -20.88
N ILE B 221 37.99 36.47 -20.82
CA ILE B 221 37.05 36.19 -19.76
C ILE B 221 37.85 35.80 -18.53
N GLU B 222 37.46 36.32 -17.37
CA GLU B 222 38.05 35.93 -16.10
C GLU B 222 37.00 35.29 -15.21
N PHE B 223 37.48 34.40 -14.32
CA PHE B 223 36.65 33.75 -13.33
C PHE B 223 36.93 34.33 -11.93
N ARG B 224 36.02 35.19 -11.46
CA ARG B 224 36.24 35.98 -10.26
C ARG B 224 35.77 35.29 -8.98
N CYS B 225 34.79 34.38 -9.09
CA CYS B 225 34.24 33.72 -7.91
C CYS B 225 33.52 32.45 -8.33
N ILE B 226 33.11 31.65 -7.37
CA ILE B 226 32.40 30.42 -7.70
C ILE B 226 30.97 30.85 -8.01
N GLY B 227 30.35 30.17 -8.94
CA GLY B 227 28.95 30.44 -9.22
C GLY B 227 28.27 29.22 -9.83
N LEU B 228 27.15 29.50 -10.51
CA LEU B 228 26.22 28.52 -11.03
C LEU B 228 26.07 28.75 -12.51
N ASN B 229 25.17 27.96 -13.11
CA ASN B 229 24.66 28.28 -14.42
C ASN B 229 23.15 28.46 -14.34
N TYR B 230 22.68 29.70 -14.46
CA TYR B 230 21.25 30.01 -14.46
C TYR B 230 20.92 30.83 -15.71
N ARG B 231 21.70 30.68 -16.78
CA ARG B 231 21.47 31.46 -17.99
C ARG B 231 20.19 31.00 -18.70
N LEU B 232 19.58 31.98 -19.36
CA LEU B 232 18.44 31.77 -20.23
C LEU B 232 18.93 31.68 -21.66
N THR B 233 18.31 30.82 -22.50
CA THR B 233 18.74 30.74 -23.90
C THR B 233 18.37 32.02 -24.66
N ASN B 234 19.10 32.28 -25.75
CA ASN B 234 18.90 33.41 -26.63
C ASN B 234 17.54 33.30 -27.32
N PHE B 235 17.09 32.08 -27.64
CA PHE B 235 15.80 31.92 -28.31
C PHE B 235 14.64 32.02 -27.33
N GLN B 236 14.86 31.60 -26.09
CA GLN B 236 13.86 31.86 -25.07
C GLN B 236 13.70 33.37 -24.87
N ALA B 237 14.81 34.13 -24.87
CA ALA B 237 14.69 35.57 -24.67
C ALA B 237 13.93 36.19 -25.82
N ALA B 238 14.12 35.67 -27.05
CA ALA B 238 13.40 36.25 -28.19
C ALA B 238 11.90 36.16 -27.99
N ILE B 239 11.44 35.02 -27.45
CA ILE B 239 10.01 34.85 -27.15
C ILE B 239 9.53 35.95 -26.22
N GLY B 240 10.27 36.15 -25.13
CA GLY B 240 9.85 37.10 -24.13
C GLY B 240 9.84 38.52 -24.70
N ARG B 241 10.82 38.83 -25.55
CA ARG B 241 10.88 40.18 -26.11
C ARG B 241 9.65 40.47 -26.95
N ALA B 242 9.07 39.44 -27.55
CA ALA B 242 7.97 39.61 -28.47
C ALA B 242 6.65 39.80 -27.71
N ILE B 243 6.61 39.37 -26.46
CA ILE B 243 5.41 39.46 -25.66
C ILE B 243 5.41 40.73 -24.81
N LEU B 244 6.56 41.22 -24.40
CA LEU B 244 6.60 42.29 -23.43
C LEU B 244 5.85 43.52 -23.94
N PRO B 245 5.94 43.92 -25.23
CA PRO B 245 5.21 45.10 -25.72
C PRO B 245 3.71 44.93 -25.80
N LYS B 246 3.23 43.69 -25.66
CA LYS B 246 1.81 43.39 -25.64
C LYS B 246 1.26 43.30 -24.23
N LEU B 247 2.14 43.30 -23.23
CA LEU B 247 1.78 42.80 -21.91
C LEU B 247 0.76 43.71 -21.25
N ASN B 248 1.02 45.03 -21.22
CA ASN B 248 0.11 45.97 -20.59
CA ASN B 248 0.10 45.93 -20.56
C ASN B 248 -1.29 45.80 -21.19
N GLY B 249 -1.35 45.71 -22.54
CA GLY B 249 -2.60 45.46 -23.23
C GLY B 249 -3.31 44.20 -22.72
N TRP B 250 -2.57 43.09 -22.65
CA TRP B 250 -3.07 41.82 -22.13
C TRP B 250 -3.64 41.96 -20.73
N ILE B 251 -2.94 42.68 -19.86
CA ILE B 251 -3.39 42.85 -18.50
C ILE B 251 -4.71 43.65 -18.47
N GLU B 252 -4.78 44.72 -19.27
CA GLU B 252 -5.98 45.54 -19.36
C GLU B 252 -7.18 44.65 -19.71
N ARG B 253 -6.99 43.74 -20.66
CA ARG B 253 -8.10 42.92 -21.06
C ARG B 253 -8.42 41.93 -19.95
N ARG B 254 -7.40 41.43 -19.25
CA ARG B 254 -7.66 40.52 -18.13
C ARG B 254 -8.53 41.20 -17.08
N ARG B 255 -8.21 42.45 -16.75
CA ARG B 255 -9.00 43.22 -15.81
C ARG B 255 -10.44 43.41 -16.27
N GLU B 256 -10.65 43.48 -17.60
CA GLU B 256 -11.97 43.51 -18.19
C GLU B 256 -12.67 42.18 -17.93
N LEU B 257 -12.04 41.04 -18.19
CA LEU B 257 -12.68 39.77 -17.86
C LEU B 257 -13.00 39.68 -16.36
N ALA B 258 -12.10 40.21 -15.52
CA ALA B 258 -12.35 40.13 -14.11
C ALA B 258 -13.62 40.90 -13.72
N THR B 259 -13.90 41.97 -14.48
CA THR B 259 -15.07 42.80 -14.29
C THR B 259 -16.31 41.99 -14.68
N ILE B 260 -16.23 41.17 -15.72
CA ILE B 260 -17.33 40.30 -16.11
C ILE B 260 -17.58 39.23 -15.05
N TYR B 261 -16.49 38.61 -14.55
CA TYR B 261 -16.61 37.68 -13.41
C TYR B 261 -17.28 38.34 -12.21
N GLU B 262 -16.82 39.54 -11.83
CA GLU B 262 -17.24 40.16 -10.59
C GLU B 262 -18.73 40.49 -10.62
N ASP B 263 -19.22 40.86 -11.82
CA ASP B 263 -20.61 41.21 -12.06
C ASP B 263 -21.46 39.96 -11.88
N ALA B 264 -21.09 38.89 -12.61
CA ALA B 264 -21.88 37.68 -12.63
C ALA B 264 -21.96 37.03 -11.24
N LEU B 265 -20.88 37.13 -10.44
CA LEU B 265 -20.74 36.39 -9.19
C LEU B 265 -21.05 37.21 -7.94
N ALA B 266 -21.08 38.55 -8.04
CA ALA B 266 -21.36 39.37 -6.88
C ALA B 266 -22.64 38.91 -6.16
N PRO B 267 -23.74 38.50 -6.82
CA PRO B 267 -24.90 37.97 -6.10
C PRO B 267 -24.53 36.77 -5.24
N LEU B 268 -23.77 35.81 -5.79
CA LEU B 268 -23.37 34.64 -5.02
C LEU B 268 -22.54 35.07 -3.81
N GLU B 269 -21.75 36.14 -3.96
CA GLU B 269 -20.92 36.60 -2.85
C GLU B 269 -21.81 37.22 -1.76
N GLN B 270 -22.89 37.89 -2.21
CA GLN B 270 -23.76 38.59 -1.28
C GLN B 270 -24.65 37.59 -0.55
N GLN B 271 -24.91 36.43 -1.20
CA GLN B 271 -25.59 35.29 -0.58
C GLN B 271 -24.69 34.56 0.43
N GLY B 272 -23.41 34.96 0.53
CA GLY B 272 -22.47 34.28 1.43
C GLY B 272 -21.92 32.96 0.87
N LEU B 273 -22.17 32.63 -0.41
CA LEU B 273 -21.73 31.37 -1.00
C LEU B 273 -20.24 31.36 -1.39
N ILE B 274 -19.69 32.48 -1.87
CA ILE B 274 -18.29 32.59 -2.23
C ILE B 274 -17.77 33.93 -1.77
N ARG B 275 -16.45 34.07 -1.70
CA ARG B 275 -15.81 35.37 -1.62
C ARG B 275 -15.04 35.61 -2.93
N LEU B 276 -15.05 36.87 -3.40
CA LEU B 276 -14.40 37.20 -4.65
C LEU B 276 -13.10 37.91 -4.37
N PRO B 277 -12.13 37.83 -5.30
CA PRO B 277 -10.89 38.59 -5.15
C PRO B 277 -11.18 40.07 -5.36
N LYS B 278 -10.42 40.91 -4.68
CA LYS B 278 -10.48 42.36 -4.82
C LYS B 278 -9.37 42.80 -5.78
N ILE B 279 -9.81 43.07 -7.01
CA ILE B 279 -8.94 43.45 -8.11
C ILE B 279 -8.61 44.93 -7.98
N VAL B 280 -7.71 45.28 -7.07
CA VAL B 280 -7.34 46.66 -6.86
C VAL B 280 -6.73 47.23 -8.12
N GLU B 281 -6.58 48.55 -8.16
CA GLU B 281 -5.84 49.22 -9.22
C GLU B 281 -4.39 48.70 -9.26
N GLY B 282 -3.91 48.36 -10.45
CA GLY B 282 -2.55 47.85 -10.60
C GLY B 282 -2.41 46.31 -10.47
N HIS B 283 -3.50 45.62 -10.12
CA HIS B 283 -3.53 44.16 -10.07
C HIS B 283 -3.40 43.63 -11.49
N SER B 284 -2.43 42.75 -11.76
CA SER B 284 -2.22 42.25 -13.12
C SER B 284 -3.07 41.02 -13.46
N VAL B 285 -3.82 40.48 -12.52
CA VAL B 285 -4.80 39.45 -12.82
C VAL B 285 -4.16 38.25 -13.50
N GLN B 286 -3.02 37.81 -12.97
CA GLN B 286 -2.38 36.58 -13.40
C GLN B 286 -3.28 35.40 -13.04
N THR B 287 -3.91 35.47 -11.85
CA THR B 287 -4.87 34.45 -11.43
C THR B 287 -6.13 35.13 -10.90
N TYR B 288 -7.30 34.59 -11.25
CA TYR B 288 -8.58 35.01 -10.68
C TYR B 288 -9.02 33.91 -9.69
N MET B 289 -8.86 34.18 -8.40
CA MET B 289 -9.11 33.14 -7.41
C MET B 289 -10.23 33.59 -6.46
N ILE B 290 -11.31 32.80 -6.46
CA ILE B 290 -12.38 32.96 -5.47
C ILE B 290 -12.08 32.09 -4.25
N VAL B 291 -12.89 32.26 -3.21
CA VAL B 291 -12.85 31.42 -2.01
C VAL B 291 -14.23 30.82 -1.75
N LEU B 292 -14.35 29.49 -1.86
CA LEU B 292 -15.61 28.82 -1.58
C LEU B 292 -15.92 28.95 -0.08
N SER B 293 -17.19 29.20 0.27
CA SER B 293 -17.73 28.95 1.62
C SER B 293 -17.41 27.56 2.16
N ASP B 294 -17.29 27.46 3.49
CA ASP B 294 -17.12 26.24 4.29
C ASP B 294 -18.05 25.11 3.85
N GLN B 295 -19.26 25.44 3.36
CA GLN B 295 -20.30 24.51 2.94
C GLN B 295 -19.81 23.52 1.90
N PHE B 296 -18.85 23.99 1.09
CA PHE B 296 -18.58 23.35 -0.17
C PHE B 296 -17.31 22.52 -0.05
N ASN B 297 -17.31 21.41 -0.78
CA ASN B 297 -16.14 20.58 -0.98
C ASN B 297 -15.56 20.96 -2.34
N ARG B 298 -14.37 21.57 -2.29
CA ARG B 298 -13.76 22.08 -3.51
C ARG B 298 -13.57 20.96 -4.52
N THR B 299 -13.21 19.74 -4.08
CA THR B 299 -12.98 18.60 -4.98
C THR B 299 -14.25 18.28 -5.78
N GLU B 300 -15.43 18.31 -5.16
CA GLU B 300 -16.71 18.08 -5.80
C GLU B 300 -16.99 19.23 -6.79
N VAL B 301 -16.79 20.48 -6.36
CA VAL B 301 -17.08 21.62 -7.23
C VAL B 301 -16.22 21.49 -8.49
N MET B 302 -14.93 21.23 -8.29
CA MET B 302 -13.98 21.10 -9.38
C MET B 302 -14.38 20.00 -10.36
N LYS B 303 -14.82 18.85 -9.80
CA LYS B 303 -15.21 17.73 -10.62
C LYS B 303 -16.41 18.13 -11.48
N ALA B 304 -17.35 18.84 -10.88
CA ALA B 304 -18.59 19.18 -11.58
C ALA B 304 -18.31 20.25 -12.66
N LEU B 305 -17.39 21.18 -12.37
CA LEU B 305 -16.98 22.17 -13.36
C LEU B 305 -16.37 21.45 -14.55
N LYS B 306 -15.56 20.44 -14.25
CA LYS B 306 -14.91 19.67 -15.31
C LYS B 306 -15.95 18.93 -16.17
N GLU B 307 -16.93 18.27 -15.53
CA GLU B 307 -17.99 17.60 -16.28
C GLU B 307 -18.72 18.61 -17.18
N GLY B 308 -18.79 19.88 -16.76
CA GLY B 308 -19.36 20.96 -17.58
C GLY B 308 -18.39 21.66 -18.55
N GLY B 309 -17.23 21.06 -18.83
CA GLY B 309 -16.27 21.57 -19.82
C GLY B 309 -15.42 22.72 -19.29
N ILE B 310 -15.23 22.83 -17.96
CA ILE B 310 -14.50 23.95 -17.37
C ILE B 310 -13.39 23.44 -16.43
N GLU B 311 -12.14 23.82 -16.73
CA GLU B 311 -10.98 23.53 -15.90
C GLU B 311 -10.93 24.47 -14.69
N SER B 312 -10.34 24.00 -13.60
CA SER B 312 -10.10 24.83 -12.44
C SER B 312 -9.10 24.14 -11.51
N SER B 313 -8.63 24.87 -10.50
CA SER B 313 -7.57 24.38 -9.65
C SER B 313 -7.52 25.18 -8.35
N LEU B 314 -6.73 24.65 -7.41
CA LEU B 314 -6.41 25.40 -6.22
C LEU B 314 -5.54 26.56 -6.68
N GLY B 315 -5.38 27.57 -5.84
CA GLY B 315 -4.64 28.77 -6.20
C GLY B 315 -3.16 28.65 -5.83
N ALA B 316 -2.90 28.27 -4.58
CA ALA B 316 -1.54 28.11 -4.06
C ALA B 316 -1.61 27.21 -2.84
N GLN B 317 -0.46 26.94 -2.22
CA GLN B 317 -0.35 26.02 -1.11
C GLN B 317 -0.22 26.78 0.19
N SER B 318 -0.41 26.08 1.32
CA SER B 318 -0.06 26.58 2.64
C SER B 318 1.31 26.02 2.99
N MET B 319 2.29 26.90 3.22
CA MET B 319 3.65 26.48 3.55
C MET B 319 3.66 25.75 4.90
N SER B 320 2.89 26.27 5.87
CA SER B 320 2.80 25.62 7.18
C SER B 320 2.29 24.18 7.05
N GLU B 321 1.31 23.94 6.16
CA GLU B 321 0.70 22.63 6.01
CA GLU B 321 0.69 22.64 5.99
C GLU B 321 1.66 21.64 5.35
N LEU B 322 2.66 22.13 4.61
CA LEU B 322 3.56 21.23 3.91
C LEU B 322 4.46 20.48 4.90
N LYS B 323 4.62 21.02 6.12
CA LYS B 323 5.44 20.46 7.17
C LYS B 323 6.89 20.29 6.70
N LEU B 324 7.43 21.29 6.01
CA LEU B 324 8.81 21.22 5.56
C LEU B 324 9.67 22.31 6.19
N PHE B 325 9.01 23.33 6.76
CA PHE B 325 9.66 24.52 7.26
C PHE B 325 9.51 24.53 8.79
N ASN B 326 10.49 23.89 9.44
CA ASN B 326 10.31 23.42 10.81
C ASN B 326 11.07 24.25 11.83
N HIS B 327 11.44 25.49 11.51
CA HIS B 327 11.90 26.40 12.54
C HIS B 327 10.84 26.44 13.65
N ASP B 328 11.35 26.44 14.88
CA ASP B 328 10.57 26.60 16.08
C ASP B 328 9.48 27.66 15.94
N SER B 329 9.78 28.84 15.37
CA SER B 329 8.81 29.92 15.38
C SER B 329 7.65 29.66 14.40
N ASN B 330 7.83 28.71 13.47
CA ASN B 330 6.72 28.25 12.64
C ASN B 330 5.85 27.28 13.46
N THR B 331 6.48 26.27 14.09
CA THR B 331 5.78 25.17 14.75
C THR B 331 5.06 25.69 15.99
N LYS B 332 5.50 26.82 16.54
CA LYS B 332 4.90 27.40 17.73
C LYS B 332 3.84 28.44 17.33
N SER B 333 3.59 28.61 16.02
CA SER B 333 2.57 29.55 15.57
C SER B 333 1.30 28.82 15.13
N ASN B 334 0.16 29.53 15.15
CA ASN B 334 -1.04 29.04 14.50
C ASN B 334 -1.33 29.85 13.24
N TYR B 335 -1.52 29.14 12.12
CA TYR B 335 -1.87 29.78 10.85
C TYR B 335 -3.32 29.47 10.52
N ILE B 336 -4.06 30.43 9.99
CA ILE B 336 -5.50 30.30 9.75
C ILE B 336 -5.83 30.57 8.30
N ILE B 337 -5.37 31.73 7.80
CA ILE B 337 -5.85 32.25 6.55
C ILE B 337 -5.26 31.42 5.42
N GLY B 338 -3.96 31.22 5.46
CA GLY B 338 -3.29 30.44 4.43
C GLY B 338 -3.86 29.02 4.34
N PRO B 339 -3.96 28.27 5.46
CA PRO B 339 -4.56 26.94 5.42
C PRO B 339 -5.98 26.95 4.87
N LYS B 340 -6.73 28.02 5.18
CA LYS B 340 -8.11 28.11 4.72
C LYS B 340 -8.14 28.30 3.20
N LEU B 341 -7.31 29.21 2.67
CA LEU B 341 -7.25 29.42 1.23
C LEU B 341 -6.69 28.19 0.53
N TYR B 342 -5.78 27.49 1.19
CA TYR B 342 -5.22 26.26 0.64
C TYR B 342 -6.32 25.26 0.28
N ILE B 343 -7.39 25.23 1.08
CA ILE B 343 -8.46 24.22 1.05
C ILE B 343 -9.66 24.70 0.19
N TYR B 344 -9.99 26.00 0.27
CA TYR B 344 -11.21 26.53 -0.33
C TYR B 344 -10.96 27.49 -1.50
N GLY B 345 -9.70 27.87 -1.75
CA GLY B 345 -9.41 28.74 -2.88
C GLY B 345 -9.62 28.01 -4.20
N LEU B 346 -10.27 28.70 -5.14
CA LEU B 346 -10.49 28.14 -6.46
C LEU B 346 -10.17 29.18 -7.53
N ALA B 347 -9.21 28.82 -8.38
CA ALA B 347 -8.83 29.59 -9.54
C ALA B 347 -9.77 29.24 -10.69
N LEU B 348 -10.28 30.29 -11.35
CA LEU B 348 -11.13 30.11 -12.50
C LEU B 348 -10.43 30.63 -13.76
N PRO B 349 -10.66 30.00 -14.94
CA PRO B 349 -9.99 30.40 -16.18
C PRO B 349 -10.10 31.89 -16.48
N LEU B 350 -8.96 32.47 -16.79
CA LEU B 350 -8.93 33.87 -17.16
C LEU B 350 -7.60 34.11 -17.86
N HIS B 351 -7.68 34.23 -19.18
CA HIS B 351 -6.50 34.33 -20.04
C HIS B 351 -6.82 35.06 -21.35
N GLU B 352 -5.82 35.09 -22.23
CA GLU B 352 -5.81 35.98 -23.39
C GLU B 352 -6.87 35.57 -24.42
N HIS B 353 -7.37 34.31 -24.36
CA HIS B 353 -8.28 33.78 -25.38
C HIS B 353 -9.57 33.25 -24.77
N LEU B 354 -10.01 33.89 -23.68
CA LEU B 354 -11.35 33.74 -23.15
C LEU B 354 -12.08 35.05 -23.39
N ASN B 355 -13.33 34.94 -23.81
CA ASN B 355 -14.20 36.09 -24.04
C ASN B 355 -15.39 36.09 -23.06
N ILE B 356 -16.24 37.12 -23.20
CA ILE B 356 -17.41 37.33 -22.36
C ILE B 356 -18.30 36.09 -22.33
N ASP B 357 -18.43 35.42 -23.48
CA ASP B 357 -19.33 34.29 -23.61
C ASP B 357 -18.78 33.11 -22.84
N ASP B 358 -17.45 32.93 -22.87
CA ASP B 358 -16.81 31.90 -22.09
C ASP B 358 -16.99 32.18 -20.59
N VAL B 359 -16.82 33.43 -20.18
CA VAL B 359 -16.98 33.73 -18.77
C VAL B 359 -18.44 33.54 -18.34
N ASN B 360 -19.39 33.83 -19.23
CA ASN B 360 -20.80 33.67 -18.91
C ASN B 360 -21.07 32.19 -18.70
N LYS B 361 -20.55 31.33 -19.59
CA LYS B 361 -20.65 29.90 -19.43
C LYS B 361 -20.05 29.46 -18.09
N ILE B 362 -18.88 30.00 -17.72
CA ILE B 362 -18.21 29.57 -16.51
C ILE B 362 -19.06 29.99 -15.31
N THR B 363 -19.50 31.24 -15.26
CA THR B 363 -20.19 31.69 -14.07
C THR B 363 -21.57 31.06 -13.96
N GLU B 364 -22.21 30.69 -15.09
CA GLU B 364 -23.52 30.05 -15.05
C GLU B 364 -23.39 28.63 -14.53
N THR B 365 -22.39 27.88 -15.04
CA THR B 365 -22.14 26.53 -14.57
C THR B 365 -21.79 26.56 -13.07
N LEU B 366 -20.92 27.47 -12.64
CA LEU B 366 -20.57 27.50 -11.24
C LEU B 366 -21.81 27.73 -10.36
N GLU B 367 -22.67 28.66 -10.81
CA GLU B 367 -23.89 29.00 -10.12
C GLU B 367 -24.80 27.77 -9.97
N GLN B 368 -24.99 26.99 -11.06
CA GLN B 368 -25.89 25.85 -11.01
CA GLN B 368 -25.85 25.83 -11.04
C GLN B 368 -25.30 24.82 -10.02
N ILE B 369 -23.97 24.64 -10.06
CA ILE B 369 -23.27 23.74 -9.15
C ILE B 369 -23.42 24.19 -7.70
N LEU B 370 -23.11 25.45 -7.39
CA LEU B 370 -23.16 25.87 -6.02
C LEU B 370 -24.60 25.84 -5.48
N LEU B 371 -25.63 26.17 -6.29
CA LEU B 371 -26.98 26.19 -5.76
C LEU B 371 -27.46 24.76 -5.50
N LYS B 372 -27.04 23.84 -6.35
CA LYS B 372 -27.27 22.42 -6.10
C LYS B 372 -26.60 21.96 -4.80
N LEU B 373 -25.32 22.28 -4.58
CA LEU B 373 -24.53 21.68 -3.52
C LEU B 373 -24.75 22.40 -2.20
N GLU B 374 -25.38 23.58 -2.26
CA GLU B 374 -25.62 24.46 -1.13
C GLU B 374 -26.43 23.80 0.00
N HIS B 375 -26.24 24.34 1.23
CA HIS B 375 -26.94 23.99 2.45
C HIS B 375 -28.43 24.43 2.39
N HIS B 376 -28.74 25.60 2.97
CA HIS B 376 -30.07 26.20 2.93
C HIS B 376 -29.94 27.72 2.71
N MET C 1 -1.31 -49.34 -15.76
CA MET C 1 -1.95 -48.02 -15.55
C MET C 1 -1.44 -47.04 -16.62
N ILE C 2 -2.34 -46.57 -17.48
CA ILE C 2 -1.99 -45.50 -18.40
C ILE C 2 -2.06 -44.17 -17.64
N LYS C 3 -0.94 -43.43 -17.66
CA LYS C 3 -0.72 -42.24 -16.85
C LYS C 3 -0.93 -40.98 -17.70
N LEU C 4 -1.45 -39.91 -17.08
CA LEU C 4 -1.58 -38.61 -17.72
C LEU C 4 -0.20 -38.04 -18.09
N SER C 5 0.78 -38.27 -17.22
CA SER C 5 2.08 -37.63 -17.38
C SER C 5 3.16 -38.67 -17.16
N GLN C 6 4.20 -38.67 -18.00
CA GLN C 6 5.37 -39.48 -17.78
C GLN C 6 6.57 -38.63 -18.19
N PRO C 7 7.16 -37.86 -17.24
CA PRO C 7 8.26 -36.96 -17.58
C PRO C 7 9.41 -37.69 -18.25
N THR C 8 9.87 -37.10 -19.37
CA THR C 8 10.86 -37.70 -20.25
C THR C 8 12.18 -36.92 -20.16
N ILE C 9 13.18 -37.46 -19.45
CA ILE C 9 14.48 -36.83 -19.35
C ILE C 9 15.44 -37.58 -20.26
N PRO C 10 15.99 -36.95 -21.31
CA PRO C 10 17.01 -37.63 -22.13
C PRO C 10 18.19 -38.15 -21.31
N GLU C 11 18.75 -39.27 -21.77
CA GLU C 11 19.88 -39.87 -21.11
C GLU C 11 21.07 -38.91 -21.17
N ALA C 12 21.20 -38.19 -22.29
CA ALA C 12 22.24 -37.20 -22.46
C ALA C 12 22.23 -36.19 -21.31
N ALA C 13 21.02 -35.75 -20.93
CA ALA C 13 20.82 -34.82 -19.82
C ALA C 13 21.20 -35.46 -18.48
N ILE C 14 20.84 -36.73 -18.28
CA ILE C 14 21.14 -37.40 -17.01
C ILE C 14 22.65 -37.45 -16.81
N GLU C 15 23.39 -37.76 -17.89
CA GLU C 15 24.85 -37.86 -17.79
C GLU C 15 25.39 -36.48 -17.48
N ARG C 16 24.85 -35.48 -18.17
CA ARG C 16 25.27 -34.09 -18.02
C ARG C 16 25.03 -33.64 -16.58
N VAL C 17 23.88 -33.99 -15.99
CA VAL C 17 23.60 -33.61 -14.62
C VAL C 17 24.69 -34.17 -13.71
N SER C 18 25.01 -35.46 -13.87
CA SER C 18 26.02 -36.12 -13.03
C SER C 18 27.37 -35.39 -13.11
N GLU C 19 27.79 -35.01 -14.34
CA GLU C 19 29.05 -34.29 -14.56
C GLU C 19 29.04 -32.96 -13.80
N ILE C 20 27.88 -32.29 -13.77
CA ILE C 20 27.77 -30.98 -13.14
C ILE C 20 27.82 -31.12 -11.62
N LEU C 21 27.10 -32.10 -11.06
CA LEU C 21 27.11 -32.32 -9.62
C LEU C 21 28.51 -32.70 -9.15
N ARG C 22 29.23 -33.52 -9.95
CA ARG C 22 30.56 -33.96 -9.56
C ARG C 22 31.56 -32.81 -9.66
N SER C 23 31.46 -32.01 -10.73
CA SER C 23 32.26 -30.80 -10.92
C SER C 23 32.02 -29.80 -9.80
N GLY C 24 30.74 -29.64 -9.40
CA GLY C 24 30.36 -28.70 -8.35
C GLY C 24 30.10 -27.26 -8.82
N GLN C 25 29.78 -27.05 -10.12
CA GLN C 25 29.24 -25.76 -10.56
C GLN C 25 27.71 -25.79 -10.54
N LEU C 26 27.14 -25.53 -9.36
CA LEU C 26 25.77 -25.92 -9.05
C LEU C 26 24.82 -24.74 -9.29
N VAL C 27 25.29 -23.54 -8.96
CA VAL C 27 24.46 -22.36 -9.01
C VAL C 27 24.42 -21.86 -10.45
N HIS C 28 23.33 -21.15 -10.81
CA HIS C 28 23.14 -20.50 -12.11
C HIS C 28 24.51 -20.13 -12.70
N GLY C 29 24.83 -20.72 -13.87
CA GLY C 29 26.10 -20.52 -14.57
C GLY C 29 25.88 -20.63 -16.08
N GLU C 30 26.87 -21.18 -16.79
CA GLU C 30 26.91 -21.20 -18.26
C GLU C 30 25.68 -21.92 -18.83
N GLU C 31 25.29 -23.00 -18.15
CA GLU C 31 24.12 -23.78 -18.47
C GLU C 31 22.88 -22.87 -18.44
N CYS C 32 22.71 -22.04 -17.40
CA CYS C 32 21.52 -21.20 -17.37
C CYS C 32 21.56 -20.17 -18.49
N GLU C 33 22.75 -19.61 -18.76
CA GLU C 33 22.92 -18.59 -19.78
C GLU C 33 22.71 -19.19 -21.17
N SER C 34 23.33 -20.35 -21.41
CA SER C 34 23.10 -21.04 -22.69
C SER C 34 21.62 -21.38 -22.91
N PHE C 35 20.94 -21.89 -21.87
CA PHE C 35 19.53 -22.26 -22.00
C PHE C 35 18.72 -21.02 -22.36
N GLU C 36 19.11 -19.88 -21.78
CA GLU C 36 18.45 -18.62 -22.07
C GLU C 36 18.63 -18.25 -23.54
N GLN C 37 19.86 -18.29 -24.08
CA GLN C 37 20.06 -17.99 -25.50
C GLN C 37 19.20 -18.91 -26.34
N GLU C 38 19.26 -20.20 -25.99
CA GLU C 38 18.61 -21.23 -26.77
C GLU C 38 17.09 -21.00 -26.78
N LEU C 39 16.52 -20.60 -25.63
CA LEU C 39 15.10 -20.30 -25.54
C LEU C 39 14.77 -19.09 -26.42
N ALA C 40 15.60 -18.05 -26.36
CA ALA C 40 15.34 -16.82 -27.11
C ALA C 40 15.37 -17.10 -28.62
N SER C 41 16.35 -17.93 -28.99
CA SER C 41 16.49 -18.37 -30.37
CA SER C 41 16.49 -18.37 -30.37
C SER C 41 15.25 -19.13 -30.79
N PHE C 42 14.84 -20.13 -30.01
CA PHE C 42 13.67 -20.93 -30.38
C PHE C 42 12.41 -20.08 -30.53
N LEU C 43 12.31 -19.06 -29.70
CA LEU C 43 11.09 -18.28 -29.63
C LEU C 43 11.14 -17.10 -30.59
N GLY C 44 12.38 -16.69 -30.94
CA GLY C 44 12.58 -15.51 -31.77
C GLY C 44 12.31 -14.25 -30.97
N VAL C 45 12.80 -14.23 -29.73
CA VAL C 45 12.53 -13.11 -28.83
C VAL C 45 13.89 -12.66 -28.33
N LYS C 46 13.96 -11.39 -27.91
CA LYS C 46 15.25 -10.77 -27.66
C LYS C 46 15.87 -11.34 -26.39
N HIS C 47 15.03 -11.58 -25.36
CA HIS C 47 15.55 -11.91 -24.03
C HIS C 47 14.77 -13.04 -23.34
N ALA C 48 15.51 -13.83 -22.54
CA ALA C 48 14.93 -14.88 -21.74
C ALA C 48 15.67 -14.97 -20.42
N LEU C 49 14.92 -15.25 -19.36
CA LEU C 49 15.51 -15.54 -18.05
C LEU C 49 14.87 -16.82 -17.55
N VAL C 50 15.70 -17.78 -17.13
CA VAL C 50 15.15 -18.98 -16.54
C VAL C 50 15.05 -18.74 -15.04
N VAL C 51 14.00 -19.35 -14.46
CA VAL C 51 13.59 -19.08 -13.10
C VAL C 51 13.12 -20.38 -12.44
N SER C 52 12.89 -20.31 -11.13
CA SER C 52 12.57 -21.44 -10.27
C SER C 52 11.39 -22.25 -10.78
N ASN C 53 10.39 -21.53 -11.32
CA ASN C 53 9.16 -22.19 -11.75
C ASN C 53 8.33 -21.18 -12.50
N GLY C 54 7.22 -21.69 -13.05
CA GLY C 54 6.33 -20.86 -13.84
C GLY C 54 5.66 -19.78 -13.01
N THR C 55 5.39 -20.06 -11.73
CA THR C 55 4.78 -19.08 -10.84
C THR C 55 5.77 -17.93 -10.62
N ALA C 56 7.05 -18.26 -10.53
CA ALA C 56 8.09 -17.26 -10.42
C ALA C 56 8.14 -16.33 -11.62
N ALA C 57 8.07 -16.89 -12.82
CA ALA C 57 8.11 -16.09 -14.02
C ALA C 57 7.00 -15.05 -13.98
N LEU C 58 5.78 -15.50 -13.70
CA LEU C 58 4.63 -14.62 -13.61
C LEU C 58 4.87 -13.52 -12.58
N HIS C 59 5.30 -13.93 -11.38
CA HIS C 59 5.59 -13.04 -10.27
C HIS C 59 6.57 -11.93 -10.68
N LEU C 60 7.68 -12.31 -11.32
CA LEU C 60 8.69 -11.38 -11.77
C LEU C 60 8.18 -10.47 -12.87
N ALA C 61 7.28 -11.01 -13.70
CA ALA C 61 6.69 -10.19 -14.75
C ALA C 61 5.88 -9.08 -14.09
N LEU C 62 5.01 -9.45 -13.12
CA LEU C 62 4.21 -8.47 -12.39
C LEU C 62 5.10 -7.42 -11.70
N LEU C 63 6.15 -7.87 -11.00
CA LEU C 63 7.05 -6.99 -10.27
C LEU C 63 7.86 -6.10 -11.20
N ALA C 64 8.26 -6.62 -12.38
CA ALA C 64 9.04 -5.83 -13.31
C ALA C 64 8.18 -4.70 -13.86
N LEU C 65 6.85 -4.91 -13.93
CA LEU C 65 5.93 -3.91 -14.44
C LEU C 65 5.39 -3.01 -13.34
N ASP C 66 5.92 -3.19 -12.13
CA ASP C 66 5.58 -2.31 -11.05
C ASP C 66 4.11 -2.46 -10.67
N ILE C 67 3.63 -3.71 -10.68
CA ILE C 67 2.26 -4.02 -10.29
C ILE C 67 2.22 -4.48 -8.83
N GLY C 68 1.32 -3.85 -8.08
CA GLY C 68 1.15 -4.15 -6.67
C GLY C 68 -0.13 -3.55 -6.12
N VAL C 69 -0.03 -3.16 -4.83
CA VAL C 69 -1.10 -2.48 -4.10
C VAL C 69 -1.61 -1.30 -4.92
N GLY C 70 -2.95 -1.17 -4.99
CA GLY C 70 -3.64 -0.11 -5.72
C GLY C 70 -3.86 -0.45 -7.20
N ASP C 71 -3.37 -1.63 -7.64
CA ASP C 71 -3.48 -2.06 -9.03
C ASP C 71 -4.42 -3.24 -9.20
N ALA C 72 -4.82 -3.51 -10.45
CA ALA C 72 -5.57 -4.70 -10.78
C ALA C 72 -5.10 -5.30 -12.09
N VAL C 73 -5.27 -6.63 -12.20
CA VAL C 73 -4.86 -7.40 -13.35
C VAL C 73 -6.00 -8.33 -13.74
N ILE C 74 -6.32 -8.35 -15.05
CA ILE C 74 -7.37 -9.24 -15.56
C ILE C 74 -6.80 -10.64 -15.84
N VAL C 75 -7.52 -11.65 -15.35
CA VAL C 75 -7.14 -13.04 -15.45
C VAL C 75 -8.37 -13.82 -15.92
N PRO C 76 -8.20 -14.99 -16.59
CA PRO C 76 -9.33 -15.78 -17.03
C PRO C 76 -9.88 -16.59 -15.88
N ASP C 77 -11.17 -16.94 -15.94
CA ASP C 77 -11.79 -17.76 -14.91
C ASP C 77 -11.20 -19.17 -14.91
N PHE C 78 -10.82 -19.69 -16.09
CA PHE C 78 -10.46 -21.09 -16.18
C PHE C 78 -8.94 -21.19 -16.36
N THR C 79 -8.28 -21.71 -15.33
CA THR C 79 -6.84 -21.75 -15.26
C THR C 79 -6.45 -22.45 -13.98
N PHE C 80 -5.15 -22.66 -13.81
CA PHE C 80 -4.58 -23.07 -12.54
C PHE C 80 -4.55 -21.87 -11.59
N ALA C 81 -4.76 -22.10 -10.29
CA ALA C 81 -4.88 -21.04 -9.30
C ALA C 81 -3.69 -20.06 -9.28
N ALA C 82 -2.49 -20.51 -9.72
CA ALA C 82 -1.31 -19.68 -9.65
C ALA C 82 -1.53 -18.35 -10.35
N THR C 83 -2.25 -18.39 -11.49
CA THR C 83 -2.45 -17.24 -12.33
C THR C 83 -3.07 -16.07 -11.55
N ALA C 84 -4.16 -16.34 -10.84
CA ALA C 84 -4.82 -15.32 -10.04
C ALA C 84 -4.08 -15.09 -8.71
N ASN C 85 -3.66 -16.18 -8.05
CA ASN C 85 -2.97 -16.08 -6.77
C ASN C 85 -1.78 -15.14 -6.88
N ILE C 86 -0.98 -15.31 -7.93
CA ILE C 86 0.29 -14.60 -8.01
C ILE C 86 0.01 -13.11 -8.20
N VAL C 87 -1.06 -12.74 -8.89
CA VAL C 87 -1.45 -11.33 -8.89
C VAL C 87 -1.67 -10.84 -7.47
N GLU C 88 -2.40 -11.61 -6.66
CA GLU C 88 -2.80 -11.13 -5.34
C GLU C 88 -1.58 -11.11 -4.41
N MET C 89 -0.56 -11.96 -4.68
CA MET C 89 0.64 -11.95 -3.84
C MET C 89 1.41 -10.64 -3.97
N THR C 90 1.15 -9.83 -5.02
CA THR C 90 1.82 -8.55 -5.16
C THR C 90 1.09 -7.43 -4.43
N GLY C 91 -0.15 -7.69 -3.96
CA GLY C 91 -1.06 -6.70 -3.43
C GLY C 91 -2.12 -6.24 -4.43
N ALA C 92 -1.89 -6.46 -5.75
CA ALA C 92 -2.87 -6.16 -6.79
C ALA C 92 -4.09 -7.08 -6.67
N LYS C 93 -5.14 -6.78 -7.45
CA LYS C 93 -6.36 -7.55 -7.40
C LYS C 93 -6.64 -8.24 -8.75
N ALA C 94 -7.01 -9.51 -8.65
CA ALA C 94 -7.28 -10.37 -9.79
C ALA C 94 -8.72 -10.11 -10.20
N ILE C 95 -8.90 -9.64 -11.42
CA ILE C 95 -10.21 -9.32 -11.99
C ILE C 95 -10.52 -10.39 -13.02
N ILE C 96 -11.54 -11.20 -12.74
CA ILE C 96 -11.80 -12.43 -13.48
C ILE C 96 -12.68 -12.13 -14.69
N VAL C 97 -12.21 -12.56 -15.86
CA VAL C 97 -13.00 -12.57 -17.08
C VAL C 97 -13.25 -14.01 -17.50
N ASP C 98 -14.48 -14.31 -17.98
CA ASP C 98 -14.87 -15.68 -18.31
C ASP C 98 -14.14 -16.14 -19.59
N VAL C 99 -14.17 -17.45 -19.84
CA VAL C 99 -13.51 -18.04 -21.00
C VAL C 99 -14.54 -18.47 -22.06
N ASP C 100 -14.02 -18.72 -23.27
CA ASP C 100 -14.75 -19.18 -24.42
C ASP C 100 -14.91 -20.69 -24.31
N ILE C 101 -16.14 -21.20 -24.57
CA ILE C 101 -16.53 -22.60 -24.39
C ILE C 101 -15.73 -23.54 -25.30
N GLU C 102 -15.18 -22.99 -26.38
CA GLU C 102 -14.56 -23.76 -27.43
C GLU C 102 -13.05 -23.87 -27.21
N THR C 103 -12.39 -22.71 -27.01
CA THR C 103 -10.94 -22.61 -26.93
C THR C 103 -10.44 -22.84 -25.50
N TYR C 104 -11.32 -22.59 -24.53
CA TYR C 104 -11.00 -22.65 -23.11
C TYR C 104 -10.12 -21.45 -22.72
N ASN C 105 -9.99 -20.44 -23.61
CA ASN C 105 -9.20 -19.25 -23.34
C ASN C 105 -10.11 -18.06 -23.04
N MET C 106 -9.50 -17.03 -22.45
CA MET C 106 -10.20 -15.81 -22.08
C MET C 106 -10.98 -15.33 -23.28
N ASP C 107 -12.26 -15.02 -23.05
CA ASP C 107 -13.16 -14.57 -24.09
C ASP C 107 -12.87 -13.10 -24.35
N SER C 108 -12.46 -12.75 -25.58
CA SER C 108 -11.94 -11.43 -25.89
C SER C 108 -13.01 -10.34 -25.83
N GLU C 109 -14.27 -10.71 -26.10
CA GLU C 109 -15.38 -9.75 -26.06
C GLU C 109 -15.77 -9.48 -24.61
N LEU C 110 -15.75 -10.52 -23.78
CA LEU C 110 -15.94 -10.34 -22.35
C LEU C 110 -14.77 -9.53 -21.75
N LEU C 111 -13.55 -9.71 -22.27
CA LEU C 111 -12.39 -8.95 -21.84
C LEU C 111 -12.57 -7.45 -22.12
N GLU C 112 -12.92 -7.12 -23.38
CA GLU C 112 -13.10 -5.74 -23.78
C GLU C 112 -14.22 -5.10 -22.95
N SER C 113 -15.33 -5.82 -22.84
CA SER C 113 -16.43 -5.34 -22.04
C SER C 113 -16.00 -5.08 -20.59
N CYS C 114 -15.12 -5.93 -20.03
CA CYS C 114 -14.63 -5.76 -18.65
C CYS C 114 -13.84 -4.45 -18.48
N ILE C 115 -12.89 -4.22 -19.38
CA ILE C 115 -12.10 -2.99 -19.40
C ILE C 115 -12.99 -1.76 -19.53
N GLN C 116 -13.98 -1.79 -20.44
CA GLN C 116 -14.82 -0.62 -20.70
C GLN C 116 -15.64 -0.27 -19.46
N SER C 117 -16.17 -1.25 -18.73
CA SER C 117 -17.02 -0.96 -17.60
C SER C 117 -16.26 -1.02 -16.28
N TRP C 118 -14.93 -0.92 -16.33
CA TRP C 118 -14.08 -0.91 -15.15
C TRP C 118 -14.35 0.37 -14.37
N SER C 119 -14.64 0.24 -13.05
CA SER C 119 -15.01 1.38 -12.23
C SER C 119 -14.20 1.43 -10.92
N GLY C 120 -12.97 0.91 -10.95
CA GLY C 120 -12.01 1.07 -9.87
C GLY C 120 -12.41 0.32 -8.59
N PRO C 121 -11.89 0.73 -7.41
CA PRO C 121 -11.03 1.91 -7.32
C PRO C 121 -9.59 1.74 -7.85
N GLU C 122 -9.15 0.50 -8.07
CA GLU C 122 -7.78 0.22 -8.45
C GLU C 122 -7.52 0.69 -9.89
N LYS C 123 -6.27 1.00 -10.12
CA LYS C 123 -5.74 1.28 -11.44
C LYS C 123 -5.54 -0.06 -12.15
N LEU C 124 -6.31 -0.28 -13.21
CA LEU C 124 -6.15 -1.44 -14.08
C LEU C 124 -4.85 -1.31 -14.87
N LYS C 125 -3.94 -2.28 -14.75
CA LYS C 125 -2.58 -2.13 -15.27
C LYS C 125 -2.21 -3.19 -16.33
N ALA C 126 -2.85 -4.35 -16.33
CA ALA C 126 -2.39 -5.46 -17.16
C ALA C 126 -3.49 -6.48 -17.37
N ILE C 127 -3.37 -7.18 -18.50
CA ILE C 127 -4.18 -8.34 -18.83
C ILE C 127 -3.25 -9.55 -18.85
N MET C 128 -3.71 -10.62 -18.19
CA MET C 128 -2.88 -11.80 -18.00
C MET C 128 -3.67 -13.03 -18.47
N PRO C 129 -3.84 -13.17 -19.81
CA PRO C 129 -4.57 -14.30 -20.36
C PRO C 129 -3.70 -15.54 -20.25
N VAL C 130 -4.37 -16.70 -20.25
CA VAL C 130 -3.70 -17.98 -20.31
C VAL C 130 -3.92 -18.55 -21.69
N LEU C 131 -2.82 -19.07 -22.27
CA LEU C 131 -2.89 -19.88 -23.48
C LEU C 131 -3.07 -21.33 -23.01
N GLU C 132 -4.30 -21.62 -22.60
CA GLU C 132 -4.56 -22.81 -21.80
C GLU C 132 -4.33 -24.07 -22.63
N PHE C 133 -3.55 -25.01 -22.04
CA PHE C 133 -3.30 -26.37 -22.53
C PHE C 133 -2.45 -26.34 -23.79
N GLY C 134 -1.84 -25.19 -24.11
CA GLY C 134 -1.07 -25.06 -25.33
C GLY C 134 -1.86 -24.40 -26.46
N ASN C 135 -3.07 -23.92 -26.19
CA ASN C 135 -3.87 -23.35 -27.26
C ASN C 135 -3.57 -21.86 -27.46
N PRO C 136 -3.07 -21.42 -28.64
CA PRO C 136 -2.76 -20.01 -28.88
C PRO C 136 -3.94 -19.09 -29.21
N HIS C 137 -5.12 -19.68 -29.43
CA HIS C 137 -6.22 -18.91 -29.98
C HIS C 137 -6.62 -17.77 -29.05
N GLY C 138 -6.67 -16.56 -29.61
CA GLY C 138 -7.07 -15.35 -28.91
C GLY C 138 -5.93 -14.35 -28.83
N LEU C 139 -4.69 -14.82 -29.02
CA LEU C 139 -3.53 -14.09 -28.54
C LEU C 139 -3.43 -12.72 -29.22
N LYS C 140 -3.51 -12.71 -30.57
CA LYS C 140 -3.37 -11.46 -31.31
C LYS C 140 -4.47 -10.46 -30.90
N LYS C 141 -5.67 -10.96 -30.64
CA LYS C 141 -6.77 -10.15 -30.15
C LYS C 141 -6.44 -9.57 -28.76
N TYR C 142 -5.81 -10.36 -27.89
CA TYR C 142 -5.46 -9.90 -26.55
C TYR C 142 -4.47 -8.74 -26.68
N ARG C 143 -3.49 -8.88 -27.60
CA ARG C 143 -2.52 -7.84 -27.90
C ARG C 143 -3.20 -6.55 -28.37
N GLU C 144 -4.24 -6.68 -29.18
CA GLU C 144 -4.85 -5.54 -29.84
C GLU C 144 -5.64 -4.75 -28.78
N ILE C 145 -6.39 -5.48 -27.94
CA ILE C 145 -7.10 -4.92 -26.80
C ILE C 145 -6.15 -4.25 -25.80
N ALA C 146 -5.02 -4.89 -25.47
CA ALA C 146 -4.06 -4.31 -24.56
C ALA C 146 -3.50 -2.99 -25.10
N ASN C 147 -3.14 -2.94 -26.38
CA ASN C 147 -2.65 -1.71 -27.00
C ASN C 147 -3.70 -0.62 -26.98
N LYS C 148 -4.94 -0.98 -27.33
CA LYS C 148 -6.05 -0.05 -27.39
C LYS C 148 -6.30 0.62 -26.05
N TYR C 149 -6.13 -0.09 -24.92
CA TYR C 149 -6.47 0.48 -23.62
C TYR C 149 -5.21 0.78 -22.80
N ASN C 150 -4.05 0.83 -23.47
CA ASN C 150 -2.77 1.13 -22.87
C ASN C 150 -2.52 0.28 -21.62
N LEU C 151 -2.83 -1.03 -21.72
CA LEU C 151 -2.55 -1.97 -20.65
C LEU C 151 -1.39 -2.86 -21.08
N ALA C 152 -0.61 -3.34 -20.12
CA ALA C 152 0.42 -4.32 -20.41
C ALA C 152 -0.25 -5.66 -20.64
N LEU C 153 0.36 -6.50 -21.47
CA LEU C 153 -0.09 -7.86 -21.68
C LEU C 153 1.01 -8.80 -21.18
N ILE C 154 0.64 -9.66 -20.24
CA ILE C 154 1.53 -10.67 -19.71
C ILE C 154 0.96 -12.02 -20.12
N GLU C 155 1.65 -12.75 -20.99
CA GLU C 155 1.15 -14.06 -21.37
C GLU C 155 1.48 -15.10 -20.30
N ASP C 156 0.44 -15.70 -19.72
CA ASP C 156 0.63 -16.90 -18.93
C ASP C 156 0.67 -18.06 -19.93
N ALA C 157 1.87 -18.33 -20.45
CA ALA C 157 2.08 -19.39 -21.41
C ALA C 157 2.67 -20.61 -20.71
N ALA C 158 2.30 -20.81 -19.44
CA ALA C 158 2.80 -21.92 -18.64
C ALA C 158 2.75 -23.22 -19.43
N CYS C 159 1.65 -23.44 -20.16
CA CYS C 159 1.42 -24.70 -20.83
C CYS C 159 1.91 -24.68 -22.27
N ALA C 160 2.47 -23.58 -22.76
CA ALA C 160 2.35 -23.35 -24.19
C ALA C 160 3.71 -23.08 -24.83
N LEU C 161 4.78 -23.51 -24.20
CA LEU C 161 6.07 -23.46 -24.88
C LEU C 161 6.00 -24.32 -26.12
N GLY C 162 6.23 -23.66 -27.26
CA GLY C 162 6.30 -24.31 -28.56
C GLY C 162 5.05 -24.04 -29.36
N ALA C 163 4.01 -23.51 -28.71
CA ALA C 163 2.77 -23.17 -29.39
C ALA C 163 2.99 -21.93 -30.23
N LYS C 164 2.18 -21.79 -31.29
CA LYS C 164 2.29 -20.70 -32.26
C LYS C 164 0.93 -20.10 -32.57
N GLU C 165 0.84 -18.78 -32.50
CA GLU C 165 -0.27 -18.02 -33.03
C GLU C 165 0.10 -17.58 -34.44
N GLN C 166 -0.37 -18.33 -35.45
CA GLN C 166 -0.06 -18.12 -36.86
C GLN C 166 1.45 -18.20 -37.08
N ASP C 167 2.12 -17.05 -37.22
CA ASP C 167 3.50 -16.95 -37.67
C ASP C 167 4.44 -16.68 -36.49
N VAL C 168 3.90 -16.68 -35.27
CA VAL C 168 4.59 -15.99 -34.18
C VAL C 168 4.50 -16.83 -32.90
N MET C 169 5.65 -17.07 -32.24
CA MET C 169 5.73 -18.01 -31.13
C MET C 169 4.99 -17.46 -29.90
N VAL C 170 4.19 -18.32 -29.27
CA VAL C 170 3.48 -17.95 -28.06
C VAL C 170 4.53 -17.61 -27.01
N GLY C 171 4.26 -16.52 -26.29
CA GLY C 171 5.21 -16.01 -25.32
C GLY C 171 5.82 -14.68 -25.73
N THR C 172 5.76 -14.38 -27.05
CA THR C 172 6.56 -13.32 -27.64
C THR C 172 5.69 -12.14 -28.04
N VAL C 173 4.37 -12.22 -27.82
CA VAL C 173 3.46 -11.16 -28.20
C VAL C 173 3.17 -10.24 -27.02
N GLY C 174 3.15 -10.79 -25.80
CA GLY C 174 2.96 -9.95 -24.64
C GLY C 174 4.16 -9.05 -24.42
N ASP C 175 3.97 -8.02 -23.59
CA ASP C 175 5.08 -7.22 -23.11
C ASP C 175 6.11 -8.15 -22.50
N MET C 176 5.60 -9.17 -21.78
CA MET C 176 6.38 -10.29 -21.27
C MET C 176 5.59 -11.58 -21.49
N GLY C 177 6.32 -12.69 -21.58
CA GLY C 177 5.70 -14.00 -21.63
C GLY C 177 6.32 -14.97 -20.64
N CYS C 178 5.48 -15.87 -20.11
CA CYS C 178 5.90 -16.72 -19.02
C CYS C 178 5.61 -18.18 -19.30
N PHE C 179 6.59 -19.04 -19.02
CA PHE C 179 6.48 -20.48 -19.25
C PHE C 179 6.77 -21.28 -17.96
N SER C 180 6.13 -22.46 -17.84
CA SER C 180 6.39 -23.42 -16.77
C SER C 180 7.09 -24.65 -17.32
N PHE C 181 8.07 -25.17 -16.53
CA PHE C 181 8.77 -26.42 -16.82
C PHE C 181 8.41 -27.49 -15.78
N HIS C 182 7.24 -27.36 -15.17
CA HIS C 182 6.74 -28.32 -14.19
C HIS C 182 6.60 -29.69 -14.86
N PRO C 183 6.64 -30.81 -14.11
CA PRO C 183 6.66 -32.13 -14.75
C PRO C 183 5.42 -32.45 -15.59
N ARG C 184 4.28 -31.81 -15.31
CA ARG C 184 3.08 -32.03 -16.11
C ARG C 184 3.17 -31.30 -17.46
N LYS C 185 4.18 -30.43 -17.67
CA LYS C 185 4.33 -29.73 -18.94
C LYS C 185 5.24 -30.58 -19.83
N THR C 186 5.34 -30.25 -21.13
CA THR C 186 5.97 -31.14 -22.09
C THR C 186 7.51 -31.10 -21.94
N LEU C 187 8.09 -29.91 -21.80
CA LEU C 187 9.47 -29.76 -21.39
C LEU C 187 9.47 -29.46 -19.90
N THR C 188 10.22 -30.28 -19.13
CA THR C 188 10.28 -30.15 -17.68
C THR C 188 11.72 -30.09 -17.22
N THR C 189 11.96 -29.36 -16.11
CA THR C 189 13.23 -29.40 -15.44
C THR C 189 13.02 -29.71 -13.98
N GLY C 190 11.95 -30.46 -13.71
CA GLY C 190 11.59 -30.85 -12.36
C GLY C 190 10.66 -29.80 -11.78
N GLU C 191 11.27 -28.64 -11.51
CA GLU C 191 10.59 -27.36 -11.42
C GLU C 191 11.42 -26.40 -12.24
N GLY C 192 10.76 -25.41 -12.83
CA GLY C 192 11.46 -24.41 -13.61
C GLY C 192 10.47 -23.62 -14.44
N GLY C 193 10.97 -22.51 -15.00
CA GLY C 193 10.15 -21.68 -15.84
C GLY C 193 11.03 -20.67 -16.57
N ALA C 194 10.42 -19.79 -17.33
CA ALA C 194 11.20 -18.78 -18.00
C ALA C 194 10.30 -17.58 -18.23
N LEU C 195 10.92 -16.41 -18.14
CA LEU C 195 10.29 -15.14 -18.42
C LEU C 195 10.99 -14.57 -19.66
N VAL C 196 10.23 -14.20 -20.68
CA VAL C 196 10.81 -13.70 -21.91
C VAL C 196 10.18 -12.36 -22.27
N THR C 197 10.97 -11.55 -22.99
CA THR C 197 10.53 -10.24 -23.42
C THR C 197 11.46 -9.71 -24.52
N ASN C 198 10.90 -8.82 -25.35
CA ASN C 198 11.70 -8.00 -26.26
C ASN C 198 12.11 -6.67 -25.64
N ASN C 199 11.61 -6.34 -24.44
CA ASN C 199 11.84 -5.03 -23.82
C ASN C 199 13.09 -5.05 -22.95
N ASP C 200 14.09 -4.23 -23.29
CA ASP C 200 15.35 -4.21 -22.56
C ASP C 200 15.12 -3.89 -21.08
N GLN C 201 14.29 -2.90 -20.79
CA GLN C 201 14.15 -2.38 -19.44
C GLN C 201 13.43 -3.42 -18.56
N LEU C 202 12.35 -4.03 -19.06
CA LEU C 202 11.65 -5.06 -18.29
C LEU C 202 12.58 -6.24 -18.02
N TYR C 203 13.43 -6.58 -19.01
CA TYR C 203 14.43 -7.63 -18.86
C TYR C 203 15.36 -7.35 -17.69
N GLU C 204 16.01 -6.18 -17.72
CA GLU C 204 17.05 -5.86 -16.77
C GLU C 204 16.44 -5.84 -15.39
N LYS C 205 15.21 -5.34 -15.28
CA LYS C 205 14.51 -5.26 -14.03
C LYS C 205 14.15 -6.65 -13.49
N ALA C 206 13.63 -7.56 -14.34
CA ALA C 206 13.26 -8.90 -13.89
C ALA C 206 14.51 -9.66 -13.47
N LYS C 207 15.61 -9.38 -14.15
CA LYS C 207 16.87 -10.04 -13.87
C LYS C 207 17.42 -9.65 -12.50
N LEU C 208 17.27 -8.39 -12.08
CA LEU C 208 17.67 -7.99 -10.73
C LEU C 208 16.80 -8.66 -9.67
N LEU C 209 15.47 -8.67 -9.87
CA LEU C 209 14.51 -9.18 -8.91
C LEU C 209 14.66 -10.68 -8.69
N ARG C 210 15.12 -11.40 -9.74
CA ARG C 210 15.36 -12.83 -9.69
C ARG C 210 16.46 -13.19 -8.70
N SER C 211 17.39 -12.27 -8.44
CA SER C 211 18.53 -12.60 -7.60
C SER C 211 18.93 -11.46 -6.68
N HIS C 212 18.00 -11.09 -5.77
CA HIS C 212 18.28 -10.20 -4.66
C HIS C 212 18.76 -8.83 -5.10
N GLY C 213 18.33 -8.39 -6.28
CA GLY C 213 18.74 -7.11 -6.83
C GLY C 213 20.22 -7.04 -7.16
N MET C 214 20.88 -8.19 -7.37
CA MET C 214 22.34 -8.26 -7.49
C MET C 214 22.76 -8.05 -8.93
N MET C 215 23.71 -7.16 -9.16
CA MET C 215 24.24 -6.97 -10.50
C MET C 215 25.67 -7.49 -10.50
N ARG C 216 25.89 -8.25 -11.57
CA ARG C 216 26.94 -9.23 -11.76
C ARG C 216 27.94 -8.55 -12.69
N GLY C 217 28.77 -7.67 -12.13
CA GLY C 217 29.42 -6.64 -12.93
C GLY C 217 30.94 -6.80 -13.03
N GLU C 218 31.51 -6.08 -14.00
CA GLU C 218 32.96 -6.01 -14.20
C GLU C 218 33.68 -5.63 -12.90
N PHE C 219 33.09 -4.72 -12.12
CA PHE C 219 33.74 -4.16 -10.94
C PHE C 219 33.27 -4.88 -9.68
N GLY C 220 32.64 -6.06 -9.85
CA GLY C 220 32.08 -6.79 -8.72
C GLY C 220 30.58 -6.57 -8.57
N ILE C 221 30.08 -6.89 -7.35
CA ILE C 221 28.66 -7.11 -7.15
C ILE C 221 28.04 -5.82 -6.60
N GLU C 222 27.02 -5.29 -7.30
CA GLU C 222 26.23 -4.17 -6.82
C GLU C 222 24.82 -4.63 -6.46
N PHE C 223 24.30 -4.06 -5.36
CA PHE C 223 22.95 -4.32 -4.93
C PHE C 223 22.09 -3.12 -5.32
N ARG C 224 21.35 -3.25 -6.42
CA ARG C 224 20.66 -2.10 -7.00
C ARG C 224 19.23 -2.04 -6.50
N CYS C 225 18.69 -3.13 -5.94
CA CYS C 225 17.33 -3.00 -5.42
C CYS C 225 16.97 -4.18 -4.55
N ILE C 226 15.82 -4.05 -3.90
CA ILE C 226 15.19 -5.14 -3.18
C ILE C 226 14.77 -6.22 -4.19
N GLY C 227 15.11 -7.47 -3.84
CA GLY C 227 14.84 -8.61 -4.70
C GLY C 227 14.47 -9.89 -3.96
N LEU C 228 14.30 -10.94 -4.76
CA LEU C 228 13.95 -12.28 -4.32
C LEU C 228 15.06 -13.23 -4.78
N ASN C 229 14.87 -14.52 -4.45
CA ASN C 229 15.65 -15.58 -5.07
C ASN C 229 14.69 -16.47 -5.85
N TYR C 230 14.72 -16.35 -7.18
CA TYR C 230 13.96 -17.17 -8.09
C TYR C 230 14.92 -17.79 -9.14
N ARG C 231 16.17 -18.07 -8.73
CA ARG C 231 17.17 -18.65 -9.61
C ARG C 231 16.93 -20.16 -9.80
N LEU C 232 17.19 -20.61 -11.03
CA LEU C 232 17.24 -22.00 -11.43
C LEU C 232 18.67 -22.50 -11.29
N THR C 233 18.83 -23.80 -10.93
CA THR C 233 20.17 -24.34 -10.81
C THR C 233 20.73 -24.63 -12.18
N ASN C 234 22.06 -24.70 -12.19
CA ASN C 234 22.83 -24.97 -13.38
C ASN C 234 22.45 -26.35 -13.92
N PHE C 235 22.23 -27.33 -13.03
CA PHE C 235 21.91 -28.68 -13.45
C PHE C 235 20.47 -28.83 -13.94
N GLN C 236 19.52 -28.07 -13.36
CA GLN C 236 18.16 -28.06 -13.89
C GLN C 236 18.18 -27.48 -15.30
N ALA C 237 19.03 -26.48 -15.56
CA ALA C 237 19.01 -25.86 -16.86
C ALA C 237 19.56 -26.83 -17.89
N ALA C 238 20.57 -27.63 -17.54
CA ALA C 238 21.13 -28.64 -18.43
C ALA C 238 20.03 -29.62 -18.88
N ILE C 239 19.10 -29.96 -17.97
CA ILE C 239 17.97 -30.81 -18.33
C ILE C 239 17.17 -30.14 -19.44
N GLY C 240 16.80 -28.88 -19.23
CA GLY C 240 15.97 -28.16 -20.18
C GLY C 240 16.65 -28.01 -21.55
N ARG C 241 17.97 -27.84 -21.53
CA ARG C 241 18.75 -27.64 -22.74
C ARG C 241 18.67 -28.88 -23.63
N ALA C 242 18.76 -30.08 -23.02
CA ALA C 242 18.70 -31.33 -23.76
C ALA C 242 17.32 -31.55 -24.36
N ILE C 243 16.25 -31.04 -23.73
CA ILE C 243 14.90 -31.33 -24.21
C ILE C 243 14.49 -30.36 -25.31
N LEU C 244 14.93 -29.10 -25.24
CA LEU C 244 14.38 -28.11 -26.13
C LEU C 244 14.54 -28.49 -27.60
N PRO C 245 15.71 -28.98 -28.09
CA PRO C 245 15.85 -29.36 -29.50
C PRO C 245 14.86 -30.44 -29.96
N LYS C 246 14.35 -31.28 -29.05
CA LYS C 246 13.37 -32.30 -29.37
C LYS C 246 11.92 -31.81 -29.31
N LEU C 247 11.69 -30.60 -28.76
CA LEU C 247 10.35 -30.25 -28.29
C LEU C 247 9.35 -30.15 -29.45
N ASN C 248 9.77 -29.54 -30.57
CA ASN C 248 8.88 -29.37 -31.71
C ASN C 248 8.43 -30.73 -32.25
N GLY C 249 9.36 -31.68 -32.32
CA GLY C 249 9.05 -33.05 -32.69
C GLY C 249 8.02 -33.69 -31.76
N TRP C 250 8.26 -33.53 -30.45
CA TRP C 250 7.32 -33.98 -29.43
C TRP C 250 5.95 -33.39 -29.66
N ILE C 251 5.90 -32.11 -30.02
CA ILE C 251 4.62 -31.46 -30.17
C ILE C 251 3.89 -32.06 -31.38
N GLU C 252 4.66 -32.40 -32.44
CA GLU C 252 4.09 -32.93 -33.66
C GLU C 252 3.42 -34.27 -33.37
N ARG C 253 4.10 -35.10 -32.55
CA ARG C 253 3.55 -36.39 -32.19
C ARG C 253 2.28 -36.22 -31.36
N ARG C 254 2.24 -35.21 -30.47
CA ARG C 254 1.06 -34.98 -29.63
C ARG C 254 -0.12 -34.60 -30.50
N ARG C 255 0.10 -33.78 -31.53
CA ARG C 255 -0.96 -33.46 -32.46
C ARG C 255 -1.44 -34.73 -33.18
N GLU C 256 -0.53 -35.65 -33.48
CA GLU C 256 -0.93 -36.90 -34.12
C GLU C 256 -1.91 -37.61 -33.18
N LEU C 257 -1.52 -37.78 -31.91
CA LEU C 257 -2.39 -38.41 -30.93
C LEU C 257 -3.74 -37.69 -30.83
N ALA C 258 -3.75 -36.36 -30.83
CA ALA C 258 -5.01 -35.65 -30.75
C ALA C 258 -5.92 -35.99 -31.93
N THR C 259 -5.29 -36.09 -33.09
CA THR C 259 -5.96 -36.49 -34.31
C THR C 259 -6.60 -37.86 -34.10
N ILE C 260 -5.87 -38.79 -33.47
CA ILE C 260 -6.39 -40.13 -33.26
C ILE C 260 -7.56 -40.13 -32.26
N TYR C 261 -7.44 -39.37 -31.16
CA TYR C 261 -8.53 -39.17 -30.23
C TYR C 261 -9.76 -38.66 -30.97
N GLU C 262 -9.54 -37.67 -31.83
CA GLU C 262 -10.62 -36.92 -32.48
C GLU C 262 -11.45 -37.83 -33.39
N ASP C 263 -10.76 -38.71 -34.11
CA ASP C 263 -11.43 -39.70 -34.95
C ASP C 263 -12.27 -40.62 -34.04
N ALA C 264 -11.60 -41.20 -33.04
CA ALA C 264 -12.16 -42.29 -32.25
C ALA C 264 -13.28 -41.83 -31.31
N LEU C 265 -13.49 -40.51 -31.13
CA LEU C 265 -14.46 -39.94 -30.19
C LEU C 265 -15.57 -39.16 -30.90
N ALA C 266 -15.45 -38.95 -32.23
CA ALA C 266 -16.40 -38.12 -32.96
C ALA C 266 -17.83 -38.67 -32.89
N PRO C 267 -18.04 -40.01 -32.93
CA PRO C 267 -19.36 -40.58 -32.64
C PRO C 267 -19.93 -40.04 -31.33
N LEU C 268 -19.18 -40.24 -30.21
CA LEU C 268 -19.59 -39.75 -28.91
C LEU C 268 -19.98 -38.28 -28.99
N GLU C 269 -19.27 -37.49 -29.81
CA GLU C 269 -19.58 -36.07 -29.93
C GLU C 269 -20.86 -35.88 -30.73
N GLN C 270 -21.01 -36.65 -31.82
CA GLN C 270 -22.18 -36.51 -32.68
C GLN C 270 -23.43 -36.88 -31.88
N GLN C 271 -23.32 -37.87 -30.98
CA GLN C 271 -24.38 -38.28 -30.07
C GLN C 271 -24.66 -37.25 -28.96
N GLY C 272 -23.75 -36.28 -28.77
CA GLY C 272 -23.96 -35.20 -27.81
C GLY C 272 -23.60 -35.58 -26.37
N LEU C 273 -22.81 -36.68 -26.20
CA LEU C 273 -22.34 -37.16 -24.91
C LEU C 273 -21.10 -36.42 -24.41
N ILE C 274 -20.29 -35.90 -25.34
CA ILE C 274 -19.10 -35.13 -25.01
C ILE C 274 -18.93 -33.99 -26.02
N ARG C 275 -17.98 -33.12 -25.70
CA ARG C 275 -17.56 -32.08 -26.61
C ARG C 275 -16.05 -32.24 -26.67
N LEU C 276 -15.48 -32.07 -27.87
CA LEU C 276 -14.06 -32.26 -28.09
C LEU C 276 -13.36 -30.91 -28.15
N PRO C 277 -12.06 -30.82 -27.80
CA PRO C 277 -11.29 -29.59 -27.98
C PRO C 277 -11.07 -29.35 -29.47
N LYS C 278 -10.96 -28.09 -29.86
CA LYS C 278 -10.59 -27.75 -31.22
C LYS C 278 -9.09 -27.49 -31.25
N ILE C 279 -8.35 -28.45 -31.80
CA ILE C 279 -6.90 -28.36 -31.87
C ILE C 279 -6.53 -27.55 -33.12
N VAL C 280 -6.45 -26.23 -32.97
CA VAL C 280 -6.16 -25.31 -34.08
C VAL C 280 -4.71 -25.46 -34.52
N GLU C 281 -4.35 -24.80 -35.63
CA GLU C 281 -2.96 -24.76 -36.06
C GLU C 281 -2.16 -24.04 -34.99
N GLY C 282 -1.00 -24.60 -34.63
CA GLY C 282 -0.15 -24.02 -33.60
C GLY C 282 -0.45 -24.48 -32.16
N HIS C 283 -1.61 -25.13 -31.92
CA HIS C 283 -1.90 -25.72 -30.62
C HIS C 283 -0.81 -26.72 -30.27
N SER C 284 -0.15 -26.58 -29.10
CA SER C 284 0.93 -27.49 -28.69
C SER C 284 0.45 -28.72 -27.92
N VAL C 285 -0.85 -28.82 -27.65
CA VAL C 285 -1.45 -30.04 -27.12
C VAL C 285 -0.75 -30.48 -25.83
N GLN C 286 -0.58 -29.56 -24.88
CA GLN C 286 -0.02 -29.92 -23.60
C GLN C 286 -1.01 -30.75 -22.81
N THR C 287 -2.30 -30.52 -23.07
CA THR C 287 -3.39 -31.25 -22.44
C THR C 287 -4.49 -31.44 -23.48
N TYR C 288 -5.09 -32.63 -23.45
CA TYR C 288 -6.25 -32.92 -24.28
C TYR C 288 -7.49 -33.00 -23.40
N MET C 289 -8.33 -31.95 -23.41
CA MET C 289 -9.44 -31.93 -22.47
C MET C 289 -10.77 -31.94 -23.24
N ILE C 290 -11.57 -32.98 -22.99
CA ILE C 290 -12.94 -33.06 -23.48
C ILE C 290 -13.88 -32.45 -22.44
N VAL C 291 -15.12 -32.19 -22.83
CA VAL C 291 -16.13 -31.78 -21.86
C VAL C 291 -17.29 -32.77 -21.84
N LEU C 292 -17.52 -33.42 -20.70
CA LEU C 292 -18.68 -34.28 -20.51
C LEU C 292 -19.95 -33.42 -20.55
N SER C 293 -20.99 -33.88 -21.24
CA SER C 293 -22.30 -33.23 -21.13
C SER C 293 -22.85 -33.36 -19.72
N ASP C 294 -23.91 -32.57 -19.45
CA ASP C 294 -24.45 -32.30 -18.12
C ASP C 294 -25.01 -33.55 -17.43
N GLN C 295 -25.25 -34.62 -18.20
CA GLN C 295 -25.88 -35.81 -17.67
C GLN C 295 -24.88 -36.69 -16.92
N PHE C 296 -23.57 -36.50 -17.17
CA PHE C 296 -22.60 -37.39 -16.56
C PHE C 296 -21.99 -36.74 -15.33
N ASN C 297 -21.55 -37.59 -14.41
CA ASN C 297 -20.93 -37.13 -13.20
C ASN C 297 -19.44 -37.41 -13.32
N ARG C 298 -18.64 -36.35 -13.35
CA ARG C 298 -17.25 -36.54 -13.71
C ARG C 298 -16.59 -37.55 -12.77
N THR C 299 -16.96 -37.49 -11.48
CA THR C 299 -16.34 -38.30 -10.46
C THR C 299 -16.61 -39.77 -10.80
N GLU C 300 -17.81 -40.09 -11.29
CA GLU C 300 -18.15 -41.46 -11.61
C GLU C 300 -17.35 -41.94 -12.82
N VAL C 301 -17.22 -41.06 -13.84
CA VAL C 301 -16.52 -41.40 -15.06
C VAL C 301 -15.04 -41.65 -14.71
N MET C 302 -14.42 -40.76 -13.94
CA MET C 302 -13.02 -40.89 -13.57
C MET C 302 -12.74 -42.18 -12.81
N LYS C 303 -13.66 -42.54 -11.91
CA LYS C 303 -13.55 -43.73 -11.09
C LYS C 303 -13.56 -44.96 -11.99
N ALA C 304 -14.55 -45.03 -12.91
CA ALA C 304 -14.65 -46.12 -13.88
C ALA C 304 -13.41 -46.19 -14.79
N LEU C 305 -12.91 -45.05 -15.30
CA LEU C 305 -11.67 -45.06 -16.07
C LEU C 305 -10.52 -45.64 -15.25
N LYS C 306 -10.42 -45.32 -13.97
CA LYS C 306 -9.31 -45.82 -13.15
C LYS C 306 -9.40 -47.33 -12.92
N GLU C 307 -10.61 -47.85 -12.69
CA GLU C 307 -10.86 -49.30 -12.61
C GLU C 307 -10.50 -49.96 -13.94
N GLY C 308 -10.65 -49.23 -15.06
CA GLY C 308 -10.29 -49.75 -16.38
C GLY C 308 -8.83 -49.49 -16.75
N GLY C 309 -8.03 -49.08 -15.76
CA GLY C 309 -6.61 -48.89 -15.93
C GLY C 309 -6.22 -47.56 -16.58
N ILE C 310 -7.08 -46.53 -16.47
CA ILE C 310 -6.82 -45.24 -17.11
C ILE C 310 -6.90 -44.09 -16.10
N GLU C 311 -5.82 -43.29 -16.07
CA GLU C 311 -5.75 -42.07 -15.29
C GLU C 311 -6.47 -40.96 -16.04
N SER C 312 -7.14 -40.10 -15.31
CA SER C 312 -7.78 -38.93 -15.89
C SER C 312 -7.89 -37.88 -14.77
N SER C 313 -8.25 -36.65 -15.16
CA SER C 313 -8.24 -35.56 -14.19
C SER C 313 -9.14 -34.46 -14.73
N LEU C 314 -9.44 -33.50 -13.85
CA LEU C 314 -9.98 -32.25 -14.33
C LEU C 314 -8.85 -31.52 -15.06
N GLY C 315 -9.23 -30.55 -15.90
CA GLY C 315 -8.26 -29.80 -16.64
C GLY C 315 -7.73 -28.58 -15.88
N ALA C 316 -8.62 -27.72 -15.40
CA ALA C 316 -8.22 -26.59 -14.59
C ALA C 316 -9.33 -26.21 -13.61
N GLN C 317 -9.09 -25.20 -12.77
CA GLN C 317 -10.07 -24.77 -11.79
C GLN C 317 -10.82 -23.56 -12.33
N SER C 318 -11.97 -23.25 -11.72
CA SER C 318 -12.64 -21.95 -11.87
C SER C 318 -12.22 -20.98 -10.76
N MET C 319 -11.57 -19.87 -11.13
CA MET C 319 -11.12 -18.87 -10.16
C MET C 319 -12.32 -18.32 -9.38
N SER C 320 -13.39 -17.96 -10.07
CA SER C 320 -14.58 -17.48 -9.36
C SER C 320 -15.09 -18.51 -8.34
N GLU C 321 -15.09 -19.80 -8.69
CA GLU C 321 -15.63 -20.82 -7.79
C GLU C 321 -14.73 -21.03 -6.56
N LEU C 322 -13.40 -20.79 -6.67
CA LEU C 322 -12.53 -20.93 -5.51
C LEU C 322 -12.86 -19.85 -4.46
N LYS C 323 -13.40 -18.72 -4.93
CA LYS C 323 -13.89 -17.65 -4.09
C LYS C 323 -12.74 -16.91 -3.40
N LEU C 324 -11.49 -17.12 -3.83
CA LEU C 324 -10.37 -16.52 -3.13
C LEU C 324 -10.15 -15.08 -3.61
N PHE C 325 -10.71 -14.72 -4.78
CA PHE C 325 -10.44 -13.44 -5.39
C PHE C 325 -11.64 -12.51 -5.18
N ASN C 326 -11.60 -11.68 -4.13
CA ASN C 326 -12.80 -11.08 -3.56
C ASN C 326 -13.09 -9.68 -4.08
N HIS C 327 -12.44 -9.22 -5.15
CA HIS C 327 -12.79 -7.92 -5.69
C HIS C 327 -14.30 -7.88 -5.98
N ASP C 328 -14.94 -6.74 -5.75
CA ASP C 328 -16.37 -6.59 -5.96
C ASP C 328 -16.75 -6.92 -7.39
N SER C 329 -15.90 -6.52 -8.33
CA SER C 329 -16.10 -6.81 -9.73
C SER C 329 -16.37 -8.31 -9.92
N ASN C 330 -15.66 -9.17 -9.20
CA ASN C 330 -15.82 -10.60 -9.39
C ASN C 330 -17.12 -11.12 -8.76
N THR C 331 -17.49 -10.65 -7.57
CA THR C 331 -18.68 -11.19 -6.90
C THR C 331 -19.97 -10.66 -7.54
N LYS C 332 -19.90 -9.55 -8.29
CA LYS C 332 -21.04 -8.98 -9.00
C LYS C 332 -21.34 -9.75 -10.27
N SER C 333 -20.27 -10.20 -10.94
CA SER C 333 -20.37 -10.82 -12.24
C SER C 333 -20.95 -12.23 -12.12
N ASN C 334 -21.46 -12.73 -13.25
CA ASN C 334 -21.78 -14.15 -13.40
C ASN C 334 -20.84 -14.78 -14.40
N TYR C 335 -20.29 -15.91 -13.97
CA TYR C 335 -19.37 -16.71 -14.74
C TYR C 335 -20.08 -18.00 -15.08
N ILE C 336 -20.07 -18.36 -16.38
CA ILE C 336 -20.87 -19.50 -16.83
C ILE C 336 -19.99 -20.59 -17.42
N ILE C 337 -18.99 -20.19 -18.21
CA ILE C 337 -18.19 -21.12 -18.99
C ILE C 337 -17.13 -21.77 -18.11
N GLY C 338 -16.32 -20.97 -17.40
CA GLY C 338 -15.29 -21.47 -16.49
C GLY C 338 -15.82 -22.52 -15.50
N PRO C 339 -16.87 -22.20 -14.72
CA PRO C 339 -17.53 -23.17 -13.84
C PRO C 339 -17.93 -24.47 -14.51
N LYS C 340 -18.51 -24.39 -15.72
CA LYS C 340 -18.89 -25.57 -16.49
C LYS C 340 -17.64 -26.39 -16.82
N LEU C 341 -16.58 -25.74 -17.31
CA LEU C 341 -15.34 -26.44 -17.65
C LEU C 341 -14.71 -27.04 -16.40
N TYR C 342 -14.83 -26.32 -15.26
CA TYR C 342 -14.30 -26.79 -13.99
C TYR C 342 -14.92 -28.11 -13.57
N ILE C 343 -16.23 -28.21 -13.73
CA ILE C 343 -17.02 -29.33 -13.21
C ILE C 343 -17.04 -30.51 -14.19
N TYR C 344 -17.06 -30.22 -15.51
CA TYR C 344 -17.33 -31.22 -16.55
C TYR C 344 -16.13 -31.49 -17.46
N GLY C 345 -15.05 -30.68 -17.37
CA GLY C 345 -13.86 -30.88 -18.16
C GLY C 345 -13.09 -32.13 -17.72
N LEU C 346 -12.64 -32.93 -18.69
CA LEU C 346 -11.91 -34.16 -18.41
C LEU C 346 -10.68 -34.24 -19.31
N ALA C 347 -9.49 -34.29 -18.69
CA ALA C 347 -8.22 -34.44 -19.39
C ALA C 347 -7.98 -35.93 -19.58
N LEU C 348 -7.63 -36.33 -20.82
CA LEU C 348 -7.30 -37.72 -21.14
C LEU C 348 -5.81 -37.80 -21.39
N PRO C 349 -5.16 -38.95 -21.09
CA PRO C 349 -3.72 -39.11 -21.28
C PRO C 349 -3.24 -38.86 -22.70
N LEU C 350 -2.14 -38.11 -22.78
CA LEU C 350 -1.56 -37.69 -24.03
C LEU C 350 -0.16 -37.17 -23.74
N HIS C 351 0.83 -38.01 -24.04
CA HIS C 351 2.21 -37.69 -23.73
C HIS C 351 3.14 -38.45 -24.68
N GLU C 352 4.45 -38.28 -24.48
CA GLU C 352 5.49 -38.73 -25.39
C GLU C 352 5.51 -40.25 -25.52
N HIS C 353 5.02 -40.99 -24.51
CA HIS C 353 5.14 -42.44 -24.51
C HIS C 353 3.76 -43.09 -24.57
N LEU C 354 2.85 -42.42 -25.26
CA LEU C 354 1.48 -42.88 -25.42
C LEU C 354 1.30 -43.22 -26.90
N ASN C 355 0.72 -44.38 -27.20
CA ASN C 355 0.62 -44.85 -28.56
C ASN C 355 -0.85 -45.09 -28.93
N ILE C 356 -1.06 -45.42 -30.23
CA ILE C 356 -2.41 -45.55 -30.76
C ILE C 356 -3.13 -46.68 -30.00
N ASP C 357 -2.42 -47.74 -29.59
CA ASP C 357 -3.08 -48.84 -28.92
C ASP C 357 -3.65 -48.34 -27.58
N ASP C 358 -2.90 -47.43 -26.93
CA ASP C 358 -3.33 -46.79 -25.70
C ASP C 358 -4.56 -45.92 -25.98
N VAL C 359 -4.51 -45.13 -27.06
CA VAL C 359 -5.65 -44.27 -27.36
C VAL C 359 -6.90 -45.11 -27.61
N ASN C 360 -6.75 -46.24 -28.29
CA ASN C 360 -7.93 -47.02 -28.59
C ASN C 360 -8.48 -47.60 -27.29
N LYS C 361 -7.62 -48.15 -26.44
CA LYS C 361 -8.07 -48.68 -25.17
C LYS C 361 -8.81 -47.58 -24.38
N ILE C 362 -8.24 -46.37 -24.34
CA ILE C 362 -8.81 -45.27 -23.58
C ILE C 362 -10.19 -44.94 -24.11
N THR C 363 -10.29 -44.70 -25.42
CA THR C 363 -11.54 -44.26 -26.02
C THR C 363 -12.59 -45.37 -26.03
N GLU C 364 -12.18 -46.64 -26.09
CA GLU C 364 -13.17 -47.71 -26.02
C GLU C 364 -13.71 -47.80 -24.59
N THR C 365 -12.82 -47.73 -23.59
CA THR C 365 -13.25 -47.79 -22.20
C THR C 365 -14.16 -46.62 -21.86
N LEU C 366 -13.85 -45.42 -22.37
CA LEU C 366 -14.67 -44.26 -22.09
C LEU C 366 -16.06 -44.46 -22.68
N GLU C 367 -16.15 -45.03 -23.87
CA GLU C 367 -17.44 -45.03 -24.54
C GLU C 367 -18.32 -46.13 -23.94
N GLN C 368 -17.74 -47.20 -23.35
CA GLN C 368 -18.59 -48.16 -22.67
C GLN C 368 -19.02 -47.59 -21.30
N ILE C 369 -18.14 -46.87 -20.61
CA ILE C 369 -18.53 -46.15 -19.42
C ILE C 369 -19.68 -45.20 -19.73
N LEU C 370 -19.52 -44.34 -20.72
CA LEU C 370 -20.53 -43.33 -20.97
C LEU C 370 -21.83 -43.95 -21.47
N LEU C 371 -21.76 -45.05 -22.23
CA LEU C 371 -22.97 -45.61 -22.83
C LEU C 371 -23.80 -46.32 -21.76
N LYS C 372 -23.14 -46.92 -20.78
CA LYS C 372 -23.80 -47.47 -19.61
C LYS C 372 -24.51 -46.35 -18.82
N LEU C 373 -23.73 -45.41 -18.26
CA LEU C 373 -24.24 -44.34 -17.42
C LEU C 373 -25.44 -43.64 -18.09
N GLU C 374 -25.40 -43.43 -19.41
CA GLU C 374 -26.54 -42.91 -20.18
C GLU C 374 -27.67 -43.95 -20.19
N MET D 1 45.18 -23.02 -6.95
CA MET D 1 44.38 -21.90 -6.38
C MET D 1 43.52 -22.46 -5.23
N ILE D 2 43.72 -21.96 -4.00
CA ILE D 2 42.86 -22.38 -2.89
C ILE D 2 41.55 -21.59 -2.93
N LYS D 3 40.45 -22.33 -2.86
CA LYS D 3 39.10 -21.84 -3.10
C LYS D 3 38.33 -21.70 -1.76
N LEU D 4 37.48 -20.67 -1.68
CA LEU D 4 36.65 -20.40 -0.50
C LEU D 4 35.65 -21.52 -0.24
N SER D 5 35.20 -22.15 -1.34
CA SER D 5 34.11 -23.09 -1.33
C SER D 5 34.46 -24.23 -2.28
N GLN D 6 34.22 -25.48 -1.89
CA GLN D 6 34.36 -26.61 -2.78
C GLN D 6 33.21 -27.58 -2.50
N PRO D 7 32.01 -27.34 -3.07
CA PRO D 7 30.83 -28.11 -2.71
C PRO D 7 31.05 -29.61 -2.98
N THR D 8 30.68 -30.42 -2.00
CA THR D 8 30.91 -31.84 -2.06
C THR D 8 29.58 -32.59 -2.22
N ILE D 9 29.36 -33.22 -3.40
CA ILE D 9 28.18 -34.05 -3.61
C ILE D 9 28.56 -35.53 -3.58
N PRO D 10 28.11 -36.32 -2.58
CA PRO D 10 28.36 -37.76 -2.58
C PRO D 10 27.89 -38.50 -3.83
N GLU D 11 28.78 -39.40 -4.28
CA GLU D 11 28.51 -40.27 -5.41
C GLU D 11 27.15 -40.95 -5.24
N ALA D 12 26.81 -41.41 -4.04
CA ALA D 12 25.48 -41.98 -3.79
C ALA D 12 24.36 -41.00 -4.20
N ALA D 13 24.47 -39.72 -3.82
CA ALA D 13 23.50 -38.72 -4.24
C ALA D 13 23.41 -38.66 -5.75
N ILE D 14 24.58 -38.58 -6.37
CA ILE D 14 24.66 -38.46 -7.82
C ILE D 14 23.94 -39.63 -8.47
N GLU D 15 24.16 -40.86 -7.99
CA GLU D 15 23.54 -42.03 -8.61
C GLU D 15 22.04 -42.03 -8.32
N ARG D 16 21.64 -41.53 -7.14
CA ARG D 16 20.24 -41.45 -6.78
C ARG D 16 19.54 -40.45 -7.72
N VAL D 17 20.16 -39.27 -7.91
CA VAL D 17 19.61 -38.27 -8.79
C VAL D 17 19.32 -38.88 -10.16
N SER D 18 20.31 -39.56 -10.72
CA SER D 18 20.13 -40.26 -11.99
C SER D 18 18.87 -41.13 -11.97
N GLU D 19 18.70 -41.97 -10.93
CA GLU D 19 17.57 -42.90 -10.90
C GLU D 19 16.27 -42.10 -10.91
N ILE D 20 16.27 -40.98 -10.17
CA ILE D 20 15.08 -40.17 -10.02
C ILE D 20 14.72 -39.59 -11.37
N LEU D 21 15.71 -39.10 -12.14
CA LEU D 21 15.43 -38.45 -13.40
C LEU D 21 14.88 -39.48 -14.39
N ARG D 22 15.46 -40.67 -14.36
CA ARG D 22 15.06 -41.75 -15.24
C ARG D 22 13.64 -42.25 -14.91
N SER D 23 13.32 -42.40 -13.61
CA SER D 23 12.03 -42.89 -13.13
C SER D 23 10.90 -41.92 -13.47
N GLY D 24 11.19 -40.62 -13.36
CA GLY D 24 10.24 -39.57 -13.66
C GLY D 24 9.41 -39.11 -12.44
N GLN D 25 9.87 -39.36 -11.19
CA GLN D 25 9.24 -38.69 -10.05
C GLN D 25 10.05 -37.46 -9.64
N LEU D 26 9.76 -36.32 -10.28
CA LEU D 26 10.60 -35.14 -10.18
C LEU D 26 10.09 -34.14 -9.14
N VAL D 27 8.76 -33.94 -9.09
CA VAL D 27 8.16 -32.98 -8.18
C VAL D 27 8.27 -33.54 -6.75
N HIS D 28 8.28 -32.61 -5.78
CA HIS D 28 8.20 -32.91 -4.36
C HIS D 28 7.49 -34.24 -4.12
N GLY D 29 8.23 -35.21 -3.57
CA GLY D 29 7.77 -36.58 -3.40
C GLY D 29 8.28 -37.17 -2.10
N GLU D 30 8.45 -38.49 -2.07
CA GLU D 30 8.83 -39.15 -0.82
C GLU D 30 10.20 -38.61 -0.41
N GLU D 31 10.97 -38.18 -1.38
CA GLU D 31 12.32 -37.72 -1.12
C GLU D 31 12.26 -36.42 -0.30
N CYS D 32 11.35 -35.49 -0.63
CA CYS D 32 11.23 -34.27 0.17
C CYS D 32 10.66 -34.58 1.55
N GLU D 33 9.74 -35.55 1.64
CA GLU D 33 9.10 -35.91 2.89
C GLU D 33 10.11 -36.53 3.85
N SER D 34 10.88 -37.50 3.34
CA SER D 34 11.91 -38.14 4.13
C SER D 34 12.96 -37.11 4.55
N PHE D 35 13.35 -36.18 3.65
CA PHE D 35 14.34 -35.17 4.01
C PHE D 35 13.82 -34.27 5.13
N GLU D 36 12.53 -33.92 5.10
CA GLU D 36 11.95 -33.11 6.17
C GLU D 36 12.02 -33.83 7.51
N GLN D 37 11.68 -35.12 7.52
CA GLN D 37 11.72 -35.92 8.74
C GLN D 37 13.15 -36.06 9.27
N GLU D 38 14.11 -36.35 8.36
CA GLU D 38 15.53 -36.47 8.70
C GLU D 38 16.05 -35.14 9.27
N LEU D 39 15.65 -34.00 8.67
CA LEU D 39 16.03 -32.67 9.16
C LEU D 39 15.44 -32.43 10.55
N ALA D 40 14.15 -32.76 10.72
CA ALA D 40 13.45 -32.50 11.98
C ALA D 40 14.10 -33.29 13.11
N SER D 41 14.46 -34.52 12.77
CA SER D 41 15.03 -35.49 13.69
C SER D 41 16.43 -35.00 14.08
N PHE D 42 17.16 -34.50 13.08
CA PHE D 42 18.49 -33.95 13.26
C PHE D 42 18.49 -32.73 14.19
N LEU D 43 17.44 -31.92 14.11
CA LEU D 43 17.36 -30.66 14.85
C LEU D 43 16.68 -30.84 16.20
N GLY D 44 15.96 -31.96 16.38
CA GLY D 44 15.14 -32.15 17.55
C GLY D 44 13.95 -31.19 17.54
N VAL D 45 13.36 -30.98 16.36
CA VAL D 45 12.28 -30.01 16.15
C VAL D 45 11.11 -30.78 15.54
N LYS D 46 9.88 -30.30 15.78
CA LYS D 46 8.73 -31.11 15.40
C LYS D 46 8.46 -31.07 13.90
N HIS D 47 8.65 -29.91 13.25
CA HIS D 47 8.27 -29.76 11.84
C HIS D 47 9.38 -29.13 10.98
N ALA D 48 9.54 -29.69 9.76
CA ALA D 48 10.39 -29.11 8.74
C ALA D 48 9.69 -29.10 7.39
N LEU D 49 9.96 -28.03 6.62
CA LEU D 49 9.54 -27.94 5.23
C LEU D 49 10.76 -27.61 4.39
N VAL D 50 11.05 -28.42 3.37
CA VAL D 50 12.06 -28.02 2.39
C VAL D 50 11.42 -27.16 1.30
N VAL D 51 12.24 -26.20 0.83
CA VAL D 51 11.81 -25.17 -0.08
C VAL D 51 12.93 -24.82 -1.10
N SER D 52 12.56 -23.98 -2.07
CA SER D 52 13.37 -23.60 -3.21
C SER D 52 14.75 -23.09 -2.82
N ASN D 53 14.81 -22.33 -1.73
CA ASN D 53 16.07 -21.73 -1.31
C ASN D 53 15.87 -21.12 0.08
N GLY D 54 16.93 -20.53 0.60
CA GLY D 54 16.88 -19.97 1.94
C GLY D 54 16.06 -18.68 2.03
N THR D 55 16.05 -17.90 0.94
CA THR D 55 15.20 -16.73 0.90
C THR D 55 13.73 -17.17 0.98
N ALA D 56 13.40 -18.25 0.30
CA ALA D 56 12.04 -18.75 0.30
C ALA D 56 11.58 -19.09 1.70
N ALA D 57 12.48 -19.65 2.52
CA ALA D 57 12.13 -20.05 3.88
C ALA D 57 11.81 -18.82 4.75
N LEU D 58 12.64 -17.77 4.65
CA LEU D 58 12.37 -16.56 5.38
C LEU D 58 11.04 -15.96 4.91
N HIS D 59 10.81 -15.93 3.59
CA HIS D 59 9.60 -15.37 3.02
C HIS D 59 8.37 -16.04 3.59
N LEU D 60 8.34 -17.37 3.56
CA LEU D 60 7.23 -18.16 4.09
C LEU D 60 7.08 -17.95 5.60
N ALA D 61 8.20 -17.77 6.33
CA ALA D 61 8.12 -17.48 7.75
C ALA D 61 7.36 -16.17 7.95
N LEU D 62 7.75 -15.11 7.24
CA LEU D 62 7.10 -13.83 7.38
C LEU D 62 5.60 -13.96 7.08
N LEU D 63 5.26 -14.64 5.99
CA LEU D 63 3.89 -14.68 5.52
C LEU D 63 3.05 -15.54 6.45
N ALA D 64 3.66 -16.58 7.02
CA ALA D 64 2.95 -17.47 7.94
C ALA D 64 2.58 -16.71 9.21
N LEU D 65 3.33 -15.65 9.51
CA LEU D 65 3.00 -14.80 10.64
C LEU D 65 2.17 -13.59 10.25
N ASP D 66 1.63 -13.55 9.02
CA ASP D 66 0.84 -12.43 8.55
C ASP D 66 1.60 -11.12 8.64
N ILE D 67 2.90 -11.14 8.30
CA ILE D 67 3.68 -9.92 8.24
C ILE D 67 3.65 -9.35 6.83
N GLY D 68 3.44 -8.03 6.78
CA GLY D 68 3.27 -7.34 5.52
C GLY D 68 3.14 -5.85 5.71
N VAL D 69 2.29 -5.23 4.87
CA VAL D 69 2.14 -3.80 4.83
C VAL D 69 1.66 -3.38 6.22
N GLY D 70 2.26 -2.31 6.78
CA GLY D 70 1.88 -1.77 8.09
C GLY D 70 2.65 -2.38 9.27
N ASP D 71 3.58 -3.28 8.95
CA ASP D 71 4.32 -4.02 9.95
C ASP D 71 5.82 -3.68 9.84
N ALA D 72 6.59 -4.12 10.83
CA ALA D 72 8.03 -3.87 10.89
C ALA D 72 8.71 -5.08 11.50
N VAL D 73 9.86 -5.44 10.93
CA VAL D 73 10.68 -6.53 11.39
C VAL D 73 12.10 -6.01 11.59
N ILE D 74 12.70 -6.41 12.74
CA ILE D 74 14.06 -5.98 13.08
C ILE D 74 15.05 -6.98 12.51
N VAL D 75 16.09 -6.43 11.89
CA VAL D 75 17.12 -7.21 11.24
C VAL D 75 18.49 -6.65 11.60
N PRO D 76 19.57 -7.44 11.46
CA PRO D 76 20.93 -6.96 11.71
C PRO D 76 21.51 -6.19 10.54
N ASP D 77 22.43 -5.26 10.85
CA ASP D 77 23.08 -4.49 9.80
C ASP D 77 24.02 -5.36 8.98
N PHE D 78 24.63 -6.38 9.59
CA PHE D 78 25.60 -7.22 8.93
C PHE D 78 24.96 -8.57 8.59
N THR D 79 24.81 -8.82 7.29
CA THR D 79 24.21 -10.02 6.74
C THR D 79 24.23 -9.88 5.23
N PHE D 80 23.77 -10.95 4.57
CA PHE D 80 23.47 -10.95 3.16
C PHE D 80 22.16 -10.21 2.95
N ALA D 81 22.04 -9.45 1.86
CA ALA D 81 20.95 -8.50 1.70
C ALA D 81 19.59 -9.20 1.76
N ALA D 82 19.55 -10.51 1.44
CA ALA D 82 18.29 -11.25 1.44
C ALA D 82 17.54 -11.00 2.75
N THR D 83 18.25 -10.89 3.88
CA THR D 83 17.58 -10.86 5.17
C THR D 83 16.63 -9.65 5.22
N ALA D 84 17.14 -8.48 4.85
CA ALA D 84 16.38 -7.24 4.88
C ALA D 84 15.44 -7.14 3.66
N ASN D 85 15.93 -7.54 2.47
CA ASN D 85 15.13 -7.49 1.26
C ASN D 85 13.79 -8.20 1.44
N ILE D 86 13.84 -9.42 1.98
CA ILE D 86 12.69 -10.28 1.96
C ILE D 86 11.61 -9.76 2.89
N VAL D 87 12.01 -9.05 3.96
CA VAL D 87 11.09 -8.32 4.82
C VAL D 87 10.38 -7.31 3.95
N GLU D 88 11.12 -6.50 3.20
CA GLU D 88 10.49 -5.46 2.40
C GLU D 88 9.62 -6.01 1.26
N MET D 89 9.90 -7.20 0.71
CA MET D 89 9.08 -7.76 -0.34
C MET D 89 7.68 -8.16 0.16
N THR D 90 7.49 -8.24 1.49
CA THR D 90 6.16 -8.44 2.04
C THR D 90 5.35 -7.15 2.15
N GLY D 91 5.97 -5.97 2.04
CA GLY D 91 5.28 -4.73 2.39
C GLY D 91 5.72 -4.20 3.76
N ALA D 92 6.24 -5.10 4.60
CA ALA D 92 6.82 -4.72 5.88
C ALA D 92 8.10 -3.88 5.71
N LYS D 93 8.51 -3.20 6.80
CA LYS D 93 9.70 -2.37 6.82
C LYS D 93 10.80 -3.05 7.65
N ALA D 94 12.02 -3.07 7.08
CA ALA D 94 13.15 -3.68 7.77
C ALA D 94 13.77 -2.63 8.69
N ILE D 95 13.78 -2.94 10.00
CA ILE D 95 14.36 -2.03 10.99
C ILE D 95 15.72 -2.56 11.44
N ILE D 96 16.76 -1.78 11.11
CA ILE D 96 18.14 -2.24 11.25
C ILE D 96 18.69 -1.93 12.65
N VAL D 97 19.23 -2.98 13.28
CA VAL D 97 20.00 -2.87 14.50
C VAL D 97 21.45 -3.32 14.26
N ASP D 98 22.40 -2.64 14.92
CA ASP D 98 23.81 -2.88 14.69
C ASP D 98 24.21 -4.22 15.33
N VAL D 99 25.37 -4.72 14.92
CA VAL D 99 25.87 -6.00 15.41
C VAL D 99 27.04 -5.76 16.36
N ASP D 100 27.43 -6.86 17.01
CA ASP D 100 28.53 -6.93 17.95
C ASP D 100 29.84 -7.21 17.20
N ILE D 101 30.88 -6.42 17.57
CA ILE D 101 32.17 -6.39 16.90
C ILE D 101 32.86 -7.75 16.99
N GLU D 102 32.52 -8.53 18.02
CA GLU D 102 33.22 -9.78 18.26
C GLU D 102 32.52 -10.96 17.58
N THR D 103 31.18 -11.05 17.77
CA THR D 103 30.38 -12.18 17.31
C THR D 103 29.93 -12.03 15.86
N TYR D 104 29.80 -10.77 15.43
CA TYR D 104 29.26 -10.35 14.14
C TYR D 104 27.73 -10.60 14.08
N ASN D 105 27.10 -10.82 15.25
CA ASN D 105 25.68 -11.07 15.38
C ASN D 105 25.03 -9.82 15.96
N MET D 106 23.70 -9.73 15.79
CA MET D 106 22.90 -8.61 16.27
C MET D 106 23.20 -8.43 17.77
N ASP D 107 23.57 -7.18 18.12
CA ASP D 107 23.83 -6.74 19.48
C ASP D 107 22.53 -6.72 20.27
N SER D 108 22.40 -7.57 21.29
CA SER D 108 21.14 -7.71 22.02
C SER D 108 20.80 -6.46 22.83
N GLU D 109 21.80 -5.65 23.19
CA GLU D 109 21.53 -4.45 23.96
C GLU D 109 20.95 -3.40 23.02
N LEU D 110 21.54 -3.24 21.84
CA LEU D 110 21.01 -2.29 20.87
C LEU D 110 19.63 -2.75 20.39
N LEU D 111 19.37 -4.05 20.39
CA LEU D 111 18.08 -4.61 20.00
C LEU D 111 17.01 -4.18 21.01
N GLU D 112 17.24 -4.47 22.31
CA GLU D 112 16.32 -4.11 23.38
C GLU D 112 16.02 -2.60 23.32
N SER D 113 17.01 -1.75 23.06
CA SER D 113 16.72 -0.33 23.14
C SER D 113 16.10 0.21 21.84
N CYS D 114 16.19 -0.55 20.74
CA CYS D 114 15.44 -0.24 19.54
C CYS D 114 13.96 -0.55 19.77
N ILE D 115 13.67 -1.66 20.46
CA ILE D 115 12.29 -2.03 20.73
C ILE D 115 11.66 -0.98 21.66
N GLN D 116 12.46 -0.52 22.63
CA GLN D 116 11.99 0.39 23.66
C GLN D 116 11.67 1.77 23.09
N SER D 117 12.55 2.34 22.26
CA SER D 117 12.35 3.65 21.67
C SER D 117 11.47 3.61 20.41
N TRP D 118 10.92 2.43 20.05
CA TRP D 118 10.13 2.29 18.83
C TRP D 118 8.90 3.20 18.84
N SER D 119 8.82 4.14 17.88
CA SER D 119 7.69 5.05 17.84
C SER D 119 6.86 4.92 16.54
N GLY D 120 6.78 3.70 15.98
CA GLY D 120 5.90 3.40 14.85
C GLY D 120 6.33 4.14 13.58
N PRO D 121 5.40 4.41 12.60
CA PRO D 121 3.99 4.05 12.72
C PRO D 121 3.63 2.57 12.53
N GLU D 122 4.50 1.78 11.89
CA GLU D 122 4.20 0.38 11.66
C GLU D 122 4.14 -0.32 13.02
N LYS D 123 3.41 -1.44 13.06
CA LYS D 123 3.35 -2.37 14.17
C LYS D 123 4.59 -3.30 14.13
N LEU D 124 5.40 -3.22 15.18
CA LEU D 124 6.59 -4.05 15.29
C LEU D 124 6.13 -5.48 15.57
N LYS D 125 6.49 -6.44 14.72
CA LYS D 125 5.91 -7.77 14.78
C LYS D 125 6.96 -8.86 15.01
N ALA D 126 8.22 -8.68 14.56
CA ALA D 126 9.17 -9.75 14.76
C ALA D 126 10.59 -9.23 14.78
N ILE D 127 11.45 -10.10 15.31
CA ILE D 127 12.89 -9.93 15.26
C ILE D 127 13.45 -11.07 14.42
N MET D 128 14.31 -10.72 13.49
CA MET D 128 14.90 -11.68 12.58
C MET D 128 16.41 -11.51 12.69
N PRO D 129 17.05 -12.05 13.74
CA PRO D 129 18.49 -12.00 13.87
C PRO D 129 19.10 -13.05 12.95
N VAL D 130 20.38 -12.87 12.64
CA VAL D 130 21.10 -13.82 11.82
C VAL D 130 22.14 -14.51 12.69
N LEU D 131 22.21 -15.85 12.61
CA LEU D 131 23.29 -16.59 13.23
C LEU D 131 24.43 -16.64 12.22
N GLU D 132 25.16 -15.52 12.18
CA GLU D 132 26.02 -15.22 11.07
C GLU D 132 27.21 -16.17 11.06
N PHE D 133 27.48 -16.76 9.90
CA PHE D 133 28.63 -17.61 9.67
C PHE D 133 28.59 -18.89 10.51
N GLY D 134 27.44 -19.17 11.14
CA GLY D 134 27.29 -20.39 11.92
C GLY D 134 27.45 -20.15 13.41
N ASN D 135 27.59 -18.88 13.78
CA ASN D 135 27.73 -18.46 15.15
C ASN D 135 26.38 -18.41 15.88
N PRO D 136 26.15 -19.24 16.91
CA PRO D 136 24.89 -19.21 17.67
C PRO D 136 24.80 -18.15 18.76
N HIS D 137 25.92 -17.42 18.97
CA HIS D 137 26.03 -16.56 20.12
C HIS D 137 25.03 -15.42 20.03
N GLY D 138 24.13 -15.36 21.03
CA GLY D 138 23.13 -14.31 21.16
C GLY D 138 21.72 -14.92 21.19
N LEU D 139 21.59 -16.17 20.71
CA LEU D 139 20.29 -16.70 20.36
C LEU D 139 19.37 -16.70 21.58
N LYS D 140 19.88 -17.15 22.74
CA LYS D 140 19.04 -17.34 23.91
C LYS D 140 18.48 -15.99 24.34
N LYS D 141 19.31 -14.96 24.19
CA LYS D 141 18.98 -13.58 24.54
C LYS D 141 17.95 -13.03 23.55
N TYR D 142 18.07 -13.38 22.27
CA TYR D 142 17.08 -13.00 21.27
C TYR D 142 15.70 -13.54 21.68
N ARG D 143 15.64 -14.82 22.04
CA ARG D 143 14.42 -15.48 22.49
C ARG D 143 13.85 -14.76 23.73
N GLU D 144 14.74 -14.45 24.66
CA GLU D 144 14.35 -13.83 25.92
C GLU D 144 13.77 -12.45 25.59
N ILE D 145 14.45 -11.64 24.78
CA ILE D 145 13.93 -10.33 24.41
C ILE D 145 12.60 -10.42 23.66
N ALA D 146 12.48 -11.40 22.76
CA ALA D 146 11.30 -11.57 21.95
C ALA D 146 10.08 -11.88 22.82
N ASN D 147 10.23 -12.87 23.71
CA ASN D 147 9.20 -13.28 24.66
C ASN D 147 8.77 -12.11 25.55
N LYS D 148 9.72 -11.24 25.89
CA LYS D 148 9.46 -10.14 26.82
C LYS D 148 8.58 -9.05 26.20
N TYR D 149 8.79 -8.76 24.90
CA TYR D 149 8.04 -7.72 24.20
C TYR D 149 6.98 -8.32 23.28
N ASN D 150 6.73 -9.62 23.46
CA ASN D 150 5.72 -10.36 22.72
C ASN D 150 5.91 -10.21 21.20
N LEU D 151 7.14 -10.41 20.71
CA LEU D 151 7.46 -10.38 19.30
C LEU D 151 7.75 -11.80 18.83
N ALA D 152 7.51 -12.08 17.55
CA ALA D 152 7.94 -13.36 17.05
C ALA D 152 9.44 -13.32 16.81
N LEU D 153 10.07 -14.51 16.86
CA LEU D 153 11.49 -14.64 16.59
C LEU D 153 11.65 -15.55 15.40
N ILE D 154 12.23 -14.97 14.34
CA ILE D 154 12.54 -15.74 13.15
C ILE D 154 14.05 -15.81 13.01
N GLU D 155 14.59 -17.02 13.22
CA GLU D 155 16.03 -17.23 13.08
C GLU D 155 16.35 -17.33 11.58
N ASP D 156 17.10 -16.33 11.09
CA ASP D 156 17.80 -16.49 9.82
C ASP D 156 19.09 -17.26 10.14
N ALA D 157 18.97 -18.58 10.04
CA ALA D 157 20.03 -19.54 10.25
C ALA D 157 20.52 -20.08 8.91
N ALA D 158 20.37 -19.28 7.86
CA ALA D 158 20.92 -19.61 6.56
C ALA D 158 22.29 -20.31 6.67
N CYS D 159 23.22 -19.77 7.47
CA CYS D 159 24.59 -20.25 7.51
C CYS D 159 24.83 -21.25 8.64
N ALA D 160 23.78 -21.73 9.31
CA ALA D 160 23.99 -22.30 10.61
C ALA D 160 23.33 -23.66 10.79
N LEU D 161 23.08 -24.40 9.72
CA LEU D 161 22.58 -25.74 9.92
C LEU D 161 23.65 -26.55 10.64
N GLY D 162 23.27 -27.10 11.81
CA GLY D 162 24.16 -27.92 12.61
C GLY D 162 24.83 -27.15 13.74
N ALA D 163 24.69 -25.82 13.81
CA ALA D 163 25.16 -25.07 14.96
C ALA D 163 24.26 -25.31 16.16
N LYS D 164 24.79 -25.07 17.36
CA LYS D 164 24.09 -25.29 18.63
C LYS D 164 24.29 -24.11 19.58
N GLU D 165 23.21 -23.63 20.18
CA GLU D 165 23.25 -22.72 21.30
C GLU D 165 23.14 -23.56 22.59
N GLN D 166 24.29 -23.79 23.26
CA GLN D 166 24.43 -24.70 24.38
C GLN D 166 23.87 -26.08 24.02
N ASP D 167 22.67 -26.38 24.52
CA ASP D 167 22.07 -27.71 24.51
C ASP D 167 21.20 -27.90 23.27
N VAL D 168 20.85 -26.78 22.61
CA VAL D 168 19.72 -26.71 21.71
C VAL D 168 20.19 -26.30 20.31
N MET D 169 19.70 -27.03 19.29
CA MET D 169 20.08 -26.79 17.91
C MET D 169 19.58 -25.41 17.44
N VAL D 170 20.48 -24.67 16.77
CA VAL D 170 20.11 -23.42 16.14
C VAL D 170 19.02 -23.69 15.11
N GLY D 171 18.03 -22.77 15.09
CA GLY D 171 16.88 -22.91 14.22
C GLY D 171 15.61 -23.37 14.94
N THR D 172 15.78 -23.90 16.17
CA THR D 172 14.71 -24.49 16.95
C THR D 172 14.32 -23.59 18.10
N VAL D 173 15.00 -22.46 18.25
CA VAL D 173 14.67 -21.54 19.31
C VAL D 173 13.62 -20.55 18.82
N GLY D 174 13.74 -20.04 17.60
CA GLY D 174 12.75 -19.06 17.12
C GLY D 174 11.35 -19.68 17.02
N ASP D 175 10.31 -18.85 16.88
CA ASP D 175 9.00 -19.36 16.51
C ASP D 175 9.10 -20.17 15.21
N MET D 176 9.94 -19.69 14.29
CA MET D 176 10.37 -20.51 13.16
C MET D 176 11.85 -20.29 12.94
N GLY D 177 12.49 -21.26 12.28
CA GLY D 177 13.89 -21.12 11.90
C GLY D 177 14.10 -21.45 10.43
N CYS D 178 15.05 -20.74 9.80
CA CYS D 178 15.28 -20.84 8.37
C CYS D 178 16.75 -21.14 8.03
N PHE D 179 16.94 -22.09 7.12
CA PHE D 179 18.23 -22.48 6.62
C PHE D 179 18.26 -22.36 5.09
N SER D 180 19.49 -22.19 4.61
CA SER D 180 19.88 -22.11 3.21
C SER D 180 20.73 -23.31 2.84
N PHE D 181 20.49 -23.86 1.64
CA PHE D 181 21.31 -24.93 1.09
C PHE D 181 22.04 -24.44 -0.17
N HIS D 182 22.28 -23.14 -0.21
CA HIS D 182 23.11 -22.50 -1.22
C HIS D 182 24.47 -23.20 -1.27
N PRO D 183 25.22 -23.21 -2.39
CA PRO D 183 26.53 -23.89 -2.45
C PRO D 183 27.62 -23.41 -1.49
N ARG D 184 27.61 -22.13 -1.08
CA ARG D 184 28.62 -21.60 -0.15
C ARG D 184 28.33 -22.11 1.27
N LYS D 185 27.15 -22.68 1.50
CA LYS D 185 26.82 -23.26 2.80
C LYS D 185 27.44 -24.65 2.84
N THR D 186 27.31 -25.33 3.99
CA THR D 186 28.05 -26.55 4.21
C THR D 186 27.27 -27.73 3.62
N LEU D 187 25.96 -27.79 3.88
CA LEU D 187 25.10 -28.69 3.15
C LEU D 187 24.53 -27.87 2.00
N THR D 188 24.61 -28.41 0.77
CA THR D 188 24.03 -27.77 -0.39
C THR D 188 23.16 -28.75 -1.16
N THR D 189 22.17 -28.20 -1.88
CA THR D 189 21.34 -28.89 -2.86
C THR D 189 21.32 -28.09 -4.15
N GLY D 190 22.35 -27.25 -4.34
CA GLY D 190 22.47 -26.33 -5.44
C GLY D 190 21.76 -25.02 -5.12
N GLU D 191 20.44 -25.10 -5.12
CA GLU D 191 19.59 -24.17 -4.42
C GLU D 191 18.66 -25.02 -3.56
N GLY D 192 18.33 -24.46 -2.39
CA GLY D 192 17.49 -25.14 -1.42
C GLY D 192 17.50 -24.42 -0.08
N GLY D 193 16.53 -24.81 0.76
CA GLY D 193 16.35 -24.22 2.07
C GLY D 193 15.36 -25.05 2.87
N ALA D 194 15.28 -24.72 4.17
CA ALA D 194 14.29 -25.39 5.02
C ALA D 194 13.72 -24.39 6.00
N LEU D 195 12.42 -24.51 6.23
CA LEU D 195 11.71 -23.78 7.27
C LEU D 195 11.28 -24.78 8.33
N VAL D 196 11.67 -24.52 9.58
CA VAL D 196 11.37 -25.47 10.64
C VAL D 196 10.70 -24.73 11.80
N THR D 197 9.98 -25.49 12.62
CA THR D 197 9.18 -24.92 13.70
C THR D 197 8.63 -26.03 14.56
N ASN D 198 8.31 -25.68 15.81
CA ASN D 198 7.56 -26.56 16.72
C ASN D 198 6.06 -26.24 16.68
N ASN D 199 5.70 -25.10 16.09
CA ASN D 199 4.33 -24.63 16.08
C ASN D 199 3.54 -25.31 14.97
N ASP D 200 2.55 -26.13 15.34
CA ASP D 200 1.71 -26.86 14.39
C ASP D 200 1.07 -25.92 13.36
N GLN D 201 0.64 -24.71 13.78
CA GLN D 201 -0.18 -23.85 12.95
C GLN D 201 0.72 -23.10 11.98
N LEU D 202 1.90 -22.68 12.42
CA LEU D 202 2.88 -22.06 11.54
C LEU D 202 3.32 -23.06 10.46
N TYR D 203 3.54 -24.34 10.83
CA TYR D 203 3.88 -25.39 9.89
C TYR D 203 2.78 -25.55 8.85
N GLU D 204 1.53 -25.79 9.26
CA GLU D 204 0.48 -26.07 8.31
C GLU D 204 0.28 -24.87 7.37
N LYS D 205 0.50 -23.65 7.87
CA LYS D 205 0.28 -22.48 7.08
C LYS D 205 1.39 -22.28 6.04
N ALA D 206 2.64 -22.44 6.48
CA ALA D 206 3.79 -22.32 5.61
C ALA D 206 3.67 -23.33 4.48
N LYS D 207 3.09 -24.48 4.81
CA LYS D 207 3.00 -25.58 3.87
C LYS D 207 2.01 -25.28 2.75
N LEU D 208 0.87 -24.65 3.08
CA LEU D 208 -0.07 -24.20 2.06
C LEU D 208 0.61 -23.14 1.20
N LEU D 209 1.29 -22.17 1.81
CA LEU D 209 1.87 -21.04 1.10
C LEU D 209 2.96 -21.50 0.11
N ARG D 210 3.63 -22.62 0.41
CA ARG D 210 4.74 -23.13 -0.40
C ARG D 210 4.24 -23.68 -1.74
N SER D 211 2.93 -23.97 -1.81
CA SER D 211 2.35 -24.68 -2.94
C SER D 211 0.91 -24.23 -3.23
N HIS D 212 0.74 -22.95 -3.54
CA HIS D 212 -0.47 -22.42 -4.15
C HIS D 212 -1.70 -22.60 -3.27
N GLY D 213 -1.46 -22.66 -1.94
CA GLY D 213 -2.54 -22.84 -0.99
C GLY D 213 -3.19 -24.22 -1.05
N MET D 214 -2.48 -25.20 -1.62
CA MET D 214 -3.07 -26.47 -2.02
C MET D 214 -2.90 -27.51 -0.91
N MET D 215 -3.97 -28.27 -0.75
CA MET D 215 -4.06 -29.34 0.21
C MET D 215 -4.59 -30.53 -0.58
N ARG D 216 -3.84 -31.63 -0.62
CA ARG D 216 -4.33 -32.89 -1.17
C ARG D 216 -4.81 -33.73 0.02
N GLY D 217 -6.13 -33.88 0.15
CA GLY D 217 -6.70 -34.72 1.21
C GLY D 217 -7.41 -35.91 0.59
N GLU D 218 -7.62 -36.98 1.38
CA GLU D 218 -8.29 -38.19 0.89
C GLU D 218 -9.47 -37.81 -0.01
N PHE D 219 -10.09 -36.67 0.30
CA PHE D 219 -11.33 -36.18 -0.30
C PHE D 219 -11.08 -35.61 -1.71
N GLY D 220 -9.95 -34.88 -1.84
CA GLY D 220 -9.54 -34.23 -3.06
C GLY D 220 -8.56 -33.09 -2.77
N ILE D 221 -8.49 -32.15 -3.72
CA ILE D 221 -7.61 -30.98 -3.62
C ILE D 221 -8.45 -29.79 -3.13
N GLU D 222 -8.02 -29.14 -2.04
CA GLU D 222 -8.64 -27.91 -1.58
C GLU D 222 -7.66 -26.77 -1.82
N PHE D 223 -8.19 -25.64 -2.31
CA PHE D 223 -7.41 -24.43 -2.44
C PHE D 223 -7.81 -23.54 -1.27
N ARG D 224 -6.98 -23.57 -0.23
CA ARG D 224 -7.34 -22.99 1.05
C ARG D 224 -6.95 -21.53 1.11
N CYS D 225 -5.96 -21.12 0.33
CA CYS D 225 -5.51 -19.74 0.42
C CYS D 225 -4.71 -19.38 -0.82
N ILE D 226 -4.39 -18.09 -0.90
CA ILE D 226 -3.50 -17.63 -1.94
C ILE D 226 -2.09 -18.01 -1.54
N GLY D 227 -1.32 -18.55 -2.47
CA GLY D 227 0.05 -18.95 -2.18
C GLY D 227 1.00 -18.76 -3.36
N LEU D 228 2.19 -19.36 -3.21
CA LEU D 228 3.30 -19.25 -4.15
C LEU D 228 3.72 -20.65 -4.61
N ASN D 229 4.84 -20.68 -5.31
CA ASN D 229 5.51 -21.94 -5.54
C ASN D 229 6.93 -21.78 -5.04
N TYR D 230 7.21 -22.42 -3.91
CA TYR D 230 8.55 -22.47 -3.39
C TYR D 230 8.93 -23.93 -3.16
N ARG D 231 8.41 -24.84 -3.97
CA ARG D 231 8.69 -26.25 -3.76
C ARG D 231 10.11 -26.59 -4.23
N LEU D 232 10.72 -27.57 -3.53
CA LEU D 232 12.01 -28.13 -3.91
C LEU D 232 11.77 -29.42 -4.71
N THR D 233 12.65 -29.69 -5.68
CA THR D 233 12.47 -30.91 -6.45
C THR D 233 12.82 -32.13 -5.61
N ASN D 234 12.30 -33.26 -6.07
CA ASN D 234 12.54 -34.55 -5.44
C ASN D 234 14.03 -34.90 -5.53
N PHE D 235 14.69 -34.59 -6.66
CA PHE D 235 16.10 -34.94 -6.83
C PHE D 235 17.00 -33.98 -6.05
N GLN D 236 16.64 -32.71 -5.91
CA GLN D 236 17.41 -31.85 -5.02
C GLN D 236 17.34 -32.40 -3.60
N ALA D 237 16.15 -32.81 -3.16
CA ALA D 237 16.03 -33.29 -1.78
C ALA D 237 16.91 -34.54 -1.56
N ALA D 238 17.01 -35.35 -2.61
CA ALA D 238 17.86 -36.53 -2.52
C ALA D 238 19.30 -36.13 -2.26
N ILE D 239 19.77 -35.07 -2.92
CA ILE D 239 21.12 -34.61 -2.68
C ILE D 239 21.25 -34.26 -1.21
N GLY D 240 20.28 -33.51 -0.68
CA GLY D 240 20.33 -33.09 0.71
C GLY D 240 20.37 -34.27 1.70
N ARG D 241 19.58 -35.31 1.41
CA ARG D 241 19.48 -36.42 2.36
C ARG D 241 20.81 -37.17 2.43
N ALA D 242 21.53 -37.28 1.31
CA ALA D 242 22.83 -37.94 1.30
C ALA D 242 23.90 -37.16 2.07
N ILE D 243 23.74 -35.83 2.24
CA ILE D 243 24.76 -35.03 2.91
C ILE D 243 24.52 -34.94 4.42
N LEU D 244 23.24 -34.91 4.83
CA LEU D 244 22.92 -34.57 6.21
C LEU D 244 23.64 -35.49 7.20
N PRO D 245 23.71 -36.82 6.98
CA PRO D 245 24.41 -37.71 7.92
C PRO D 245 25.92 -37.47 8.01
N LYS D 246 26.48 -36.81 7.00
CA LYS D 246 27.89 -36.42 6.99
C LYS D 246 28.07 -35.07 7.69
N LEU D 247 27.00 -34.30 7.90
CA LEU D 247 27.17 -32.88 8.17
C LEU D 247 27.92 -32.63 9.48
N ASN D 248 27.63 -33.40 10.53
CA ASN D 248 28.22 -33.10 11.82
C ASN D 248 29.73 -33.35 11.79
N GLY D 249 30.14 -34.36 11.00
CA GLY D 249 31.54 -34.67 10.80
C GLY D 249 32.30 -33.56 10.05
N TRP D 250 31.66 -33.00 9.02
CA TRP D 250 32.22 -31.87 8.31
C TRP D 250 32.37 -30.68 9.24
N ILE D 251 31.39 -30.47 10.13
CA ILE D 251 31.43 -29.31 11.00
C ILE D 251 32.59 -29.47 11.97
N GLU D 252 32.82 -30.70 12.43
CA GLU D 252 33.95 -30.99 13.33
C GLU D 252 35.29 -30.69 12.64
N ARG D 253 35.44 -31.06 11.36
CA ARG D 253 36.70 -30.84 10.66
C ARG D 253 36.90 -29.33 10.48
N ARG D 254 35.78 -28.60 10.28
CA ARG D 254 35.85 -27.17 10.05
C ARG D 254 36.28 -26.48 11.33
N ARG D 255 35.75 -26.96 12.47
CA ARG D 255 36.13 -26.39 13.75
C ARG D 255 37.61 -26.64 14.00
N GLU D 256 38.09 -27.82 13.59
CA GLU D 256 39.50 -28.16 13.77
C GLU D 256 40.35 -27.22 12.91
N LEU D 257 39.94 -27.01 11.64
CA LEU D 257 40.67 -26.09 10.78
C LEU D 257 40.66 -24.69 11.39
N ALA D 258 39.60 -24.31 12.13
CA ALA D 258 39.56 -23.00 12.75
C ALA D 258 40.62 -22.85 13.85
N THR D 259 40.85 -23.94 14.58
CA THR D 259 41.85 -23.98 15.64
C THR D 259 43.25 -23.84 15.03
N ILE D 260 43.48 -24.43 13.84
CA ILE D 260 44.73 -24.26 13.13
C ILE D 260 44.92 -22.78 12.74
N TYR D 261 43.90 -22.16 12.10
CA TYR D 261 43.99 -20.75 11.78
C TYR D 261 44.38 -19.95 13.03
N GLU D 262 43.76 -20.30 14.15
CA GLU D 262 43.96 -19.56 15.38
C GLU D 262 45.42 -19.72 15.83
N ASP D 263 45.98 -20.94 15.69
CA ASP D 263 47.39 -21.15 15.95
C ASP D 263 48.21 -20.25 15.02
N ALA D 264 47.92 -20.29 13.71
CA ALA D 264 48.85 -19.72 12.73
C ALA D 264 48.72 -18.20 12.65
N LEU D 265 47.61 -17.64 13.11
CA LEU D 265 47.35 -16.21 12.93
C LEU D 265 47.57 -15.46 14.24
N ALA D 266 47.90 -16.20 15.31
CA ALA D 266 48.12 -15.67 16.66
C ALA D 266 49.14 -14.53 16.69
N PRO D 267 50.31 -14.66 16.04
CA PRO D 267 51.25 -13.54 15.92
C PRO D 267 50.61 -12.24 15.40
N LEU D 268 50.03 -12.32 14.19
CA LEU D 268 49.36 -11.18 13.57
C LEU D 268 48.36 -10.54 14.54
N GLU D 269 47.60 -11.38 15.26
CA GLU D 269 46.55 -10.85 16.13
C GLU D 269 47.19 -10.13 17.33
N GLN D 270 48.27 -10.72 17.86
CA GLN D 270 49.01 -10.12 18.95
C GLN D 270 49.60 -8.75 18.54
N GLN D 271 50.11 -8.63 17.30
CA GLN D 271 50.67 -7.36 16.82
C GLN D 271 49.57 -6.34 16.49
N GLY D 272 48.29 -6.68 16.66
CA GLY D 272 47.21 -5.73 16.46
C GLY D 272 46.80 -5.52 15.00
N LEU D 273 47.25 -6.38 14.08
CA LEU D 273 47.04 -6.19 12.65
C LEU D 273 45.71 -6.79 12.16
N ILE D 274 45.24 -7.83 12.85
CA ILE D 274 43.93 -8.39 12.59
C ILE D 274 43.19 -8.64 13.91
N ARG D 275 41.90 -8.90 13.77
CA ARG D 275 41.07 -9.45 14.83
C ARG D 275 40.48 -10.76 14.35
N LEU D 276 40.50 -11.76 15.21
CA LEU D 276 40.04 -13.08 14.81
C LEU D 276 38.58 -13.24 15.24
N PRO D 277 37.82 -14.12 14.56
CA PRO D 277 36.49 -14.50 15.04
C PRO D 277 36.63 -15.32 16.31
N LYS D 278 35.71 -15.12 17.25
CA LYS D 278 35.66 -15.97 18.42
C LYS D 278 34.79 -17.18 18.05
N ILE D 279 35.41 -18.35 17.92
CA ILE D 279 34.71 -19.55 17.50
C ILE D 279 34.20 -20.29 18.75
N VAL D 280 33.05 -19.85 19.28
CA VAL D 280 32.52 -20.35 20.53
C VAL D 280 32.07 -21.81 20.36
N GLU D 281 31.80 -22.45 21.50
CA GLU D 281 31.21 -23.78 21.47
C GLU D 281 29.90 -23.73 20.67
N GLY D 282 29.69 -24.69 19.76
CA GLY D 282 28.48 -24.77 18.94
C GLY D 282 28.55 -24.01 17.60
N HIS D 283 29.55 -23.15 17.41
CA HIS D 283 29.76 -22.43 16.16
C HIS D 283 30.00 -23.44 15.06
N SER D 284 29.23 -23.39 13.97
CA SER D 284 29.38 -24.38 12.92
C SER D 284 30.48 -24.00 11.91
N VAL D 285 31.05 -22.79 12.03
CA VAL D 285 32.16 -22.33 11.20
C VAL D 285 31.86 -22.51 9.72
N GLN D 286 30.76 -21.91 9.27
CA GLN D 286 30.42 -21.93 7.87
C GLN D 286 31.33 -20.96 7.12
N THR D 287 31.70 -19.87 7.81
CA THR D 287 32.66 -18.90 7.32
C THR D 287 33.62 -18.58 8.44
N TYR D 288 34.90 -18.44 8.07
CA TYR D 288 35.93 -17.95 8.97
C TYR D 288 36.26 -16.51 8.56
N MET D 289 35.73 -15.52 9.28
CA MET D 289 35.99 -14.15 8.87
C MET D 289 36.85 -13.44 9.90
N ILE D 290 37.98 -12.91 9.45
CA ILE D 290 38.79 -12.01 10.27
C ILE D 290 38.39 -10.58 9.94
N VAL D 291 38.81 -9.65 10.81
CA VAL D 291 38.69 -8.22 10.55
C VAL D 291 40.08 -7.60 10.44
N LEU D 292 40.41 -6.97 9.32
CA LEU D 292 41.69 -6.26 9.18
C LEU D 292 41.65 -4.98 10.01
N SER D 293 42.83 -4.52 10.48
CA SER D 293 42.99 -3.22 11.11
C SER D 293 42.74 -2.09 10.11
N ASP D 294 42.45 -0.90 10.66
CA ASP D 294 42.08 0.29 9.89
C ASP D 294 43.13 0.65 8.84
N GLN D 295 44.40 0.36 9.12
CA GLN D 295 45.51 0.85 8.32
C GLN D 295 45.58 0.10 7.00
N PHE D 296 44.91 -1.06 6.93
CA PHE D 296 44.95 -1.90 5.74
C PHE D 296 43.75 -1.62 4.84
N ASN D 297 44.00 -1.69 3.53
CA ASN D 297 42.97 -1.60 2.52
C ASN D 297 42.62 -3.00 2.01
N ARG D 298 41.36 -3.42 2.18
CA ARG D 298 41.03 -4.83 1.95
C ARG D 298 41.21 -5.23 0.49
N THR D 299 40.95 -4.30 -0.44
CA THR D 299 41.10 -4.61 -1.86
C THR D 299 42.56 -4.95 -2.17
N GLU D 300 43.52 -4.23 -1.54
CA GLU D 300 44.94 -4.53 -1.72
C GLU D 300 45.24 -5.94 -1.21
N VAL D 301 44.76 -6.25 -0.01
CA VAL D 301 45.03 -7.53 0.62
C VAL D 301 44.50 -8.66 -0.27
N MET D 302 43.24 -8.50 -0.73
CA MET D 302 42.56 -9.57 -1.48
C MET D 302 43.32 -9.83 -2.78
N LYS D 303 43.81 -8.76 -3.40
CA LYS D 303 44.54 -8.84 -4.65
C LYS D 303 45.87 -9.59 -4.45
N ALA D 304 46.64 -9.22 -3.43
CA ALA D 304 47.88 -9.93 -3.16
C ALA D 304 47.63 -11.44 -2.86
N LEU D 305 46.56 -11.77 -2.10
CA LEU D 305 46.23 -13.16 -1.81
C LEU D 305 45.89 -13.92 -3.08
N LYS D 306 45.05 -13.33 -3.94
CA LYS D 306 44.76 -13.87 -5.25
C LYS D 306 46.07 -14.22 -5.97
N GLU D 307 47.03 -13.29 -5.98
CA GLU D 307 48.27 -13.54 -6.70
C GLU D 307 49.08 -14.65 -6.02
N GLY D 308 48.95 -14.79 -4.69
CA GLY D 308 49.56 -15.89 -3.95
C GLY D 308 48.76 -17.20 -4.00
N GLY D 309 47.77 -17.31 -4.90
CA GLY D 309 47.00 -18.53 -5.09
C GLY D 309 45.86 -18.72 -4.08
N ILE D 310 45.40 -17.63 -3.47
CA ILE D 310 44.41 -17.73 -2.41
C ILE D 310 43.19 -16.87 -2.75
N GLU D 311 42.03 -17.54 -2.80
CA GLU D 311 40.76 -16.86 -2.94
C GLU D 311 40.34 -16.34 -1.58
N SER D 312 39.74 -15.16 -1.56
CA SER D 312 39.20 -14.56 -0.35
C SER D 312 38.03 -13.65 -0.74
N SER D 313 37.25 -13.20 0.25
CA SER D 313 36.09 -12.35 -0.05
C SER D 313 35.69 -11.52 1.16
N LEU D 314 34.85 -10.51 0.92
CA LEU D 314 34.21 -9.86 2.05
C LEU D 314 33.28 -10.92 2.63
N GLY D 315 32.88 -10.71 3.88
CA GLY D 315 32.07 -11.72 4.53
C GLY D 315 30.58 -11.48 4.35
N ALA D 316 30.18 -10.24 4.51
CA ALA D 316 28.77 -9.87 4.40
C ALA D 316 28.66 -8.37 4.15
N GLN D 317 27.43 -7.92 3.88
CA GLN D 317 27.16 -6.53 3.57
C GLN D 317 26.66 -5.83 4.83
N SER D 318 26.71 -4.49 4.80
CA SER D 318 26.00 -3.67 5.73
C SER D 318 24.69 -3.16 5.13
N MET D 319 23.53 -3.55 5.69
CA MET D 319 22.23 -3.16 5.16
C MET D 319 22.07 -1.63 5.08
N SER D 320 22.56 -0.92 6.10
CA SER D 320 22.37 0.53 6.18
C SER D 320 23.15 1.21 5.06
N GLU D 321 24.31 0.64 4.69
CA GLU D 321 25.16 1.19 3.64
C GLU D 321 24.61 0.93 2.24
N LEU D 322 23.82 -0.13 2.05
CA LEU D 322 23.18 -0.39 0.77
C LEU D 322 22.17 0.69 0.40
N LYS D 323 21.67 1.38 1.42
CA LYS D 323 20.73 2.47 1.24
C LYS D 323 19.46 2.04 0.51
N LEU D 324 18.98 0.82 0.76
CA LEU D 324 17.72 0.32 0.21
C LEU D 324 16.58 0.31 1.25
N PHE D 325 16.94 0.41 2.55
CA PHE D 325 16.01 0.17 3.64
C PHE D 325 15.78 1.48 4.38
N ASN D 326 14.87 2.31 3.89
CA ASN D 326 14.90 3.73 4.22
C ASN D 326 13.74 4.15 5.13
N HIS D 327 13.27 3.26 6.01
CA HIS D 327 12.50 3.69 7.17
C HIS D 327 13.23 4.82 7.90
N ASP D 328 12.45 5.80 8.33
CA ASP D 328 12.95 6.98 9.02
C ASP D 328 13.87 6.54 10.17
N SER D 329 13.48 5.47 10.85
CA SER D 329 14.22 4.96 12.00
C SER D 329 15.65 4.52 11.63
N ASN D 330 15.86 3.96 10.42
CA ASN D 330 17.20 3.61 9.96
C ASN D 330 18.01 4.86 9.59
N THR D 331 17.44 5.78 8.79
CA THR D 331 18.20 6.92 8.28
C THR D 331 18.73 7.78 9.44
N LYS D 332 18.00 7.83 10.56
CA LYS D 332 18.30 8.75 11.64
C LYS D 332 19.03 7.99 12.76
N SER D 333 19.31 6.70 12.56
CA SER D 333 20.25 5.97 13.40
C SER D 333 21.69 6.17 12.89
N ASN D 334 22.65 5.78 13.74
CA ASN D 334 24.04 5.73 13.36
C ASN D 334 24.56 4.31 13.59
N TYR D 335 25.20 3.73 12.58
CA TYR D 335 25.69 2.36 12.63
C TYR D 335 27.21 2.41 12.52
N ILE D 336 27.93 1.69 13.42
CA ILE D 336 29.39 1.74 13.38
C ILE D 336 29.96 0.36 13.06
N ILE D 337 29.40 -0.68 13.67
CA ILE D 337 30.04 -1.99 13.61
C ILE D 337 29.80 -2.62 12.25
N GLY D 338 28.51 -2.79 11.89
CA GLY D 338 28.17 -3.33 10.58
C GLY D 338 28.97 -2.68 9.45
N PRO D 339 28.94 -1.35 9.31
CA PRO D 339 29.74 -0.66 8.30
C PRO D 339 31.23 -0.96 8.33
N LYS D 340 31.80 -1.10 9.53
CA LYS D 340 33.20 -1.49 9.68
C LYS D 340 33.42 -2.89 9.11
N LEU D 341 32.58 -3.84 9.51
CA LEU D 341 32.74 -5.22 9.08
C LEU D 341 32.55 -5.33 7.56
N TYR D 342 31.69 -4.47 7.01
CA TYR D 342 31.50 -4.44 5.56
C TYR D 342 32.82 -4.14 4.84
N ILE D 343 33.66 -3.26 5.40
CA ILE D 343 34.84 -2.72 4.74
C ILE D 343 36.12 -3.51 5.00
N TYR D 344 36.28 -4.07 6.22
CA TYR D 344 37.54 -4.59 6.74
C TYR D 344 37.45 -6.10 6.99
N GLY D 345 36.24 -6.67 6.97
CA GLY D 345 36.05 -8.09 7.22
C GLY D 345 36.52 -8.90 6.02
N LEU D 346 37.27 -9.97 6.29
CA LEU D 346 37.86 -10.79 5.25
C LEU D 346 37.67 -12.26 5.59
N ALA D 347 36.96 -12.97 4.70
CA ALA D 347 36.75 -14.40 4.79
C ALA D 347 37.89 -15.16 4.14
N LEU D 348 38.43 -16.16 4.84
CA LEU D 348 39.56 -16.93 4.36
C LEU D 348 39.11 -18.37 4.14
N PRO D 349 39.69 -19.07 3.16
CA PRO D 349 39.20 -20.40 2.83
C PRO D 349 39.08 -21.32 4.04
N LEU D 350 37.89 -21.89 4.24
CA LEU D 350 37.72 -22.92 5.25
C LEU D 350 36.62 -23.87 4.82
N HIS D 351 37.03 -25.09 4.45
CA HIS D 351 36.07 -26.09 4.02
C HIS D 351 36.59 -27.51 4.21
N GLU D 352 35.74 -28.46 3.79
CA GLU D 352 35.89 -29.88 3.99
C GLU D 352 37.18 -30.40 3.39
N HIS D 353 37.66 -29.78 2.31
CA HIS D 353 38.76 -30.34 1.55
C HIS D 353 40.03 -29.51 1.74
N LEU D 354 40.06 -28.63 2.75
CA LEU D 354 41.29 -27.91 3.09
C LEU D 354 42.05 -28.68 4.18
N ASN D 355 43.37 -28.57 4.14
CA ASN D 355 44.19 -29.25 5.10
C ASN D 355 45.09 -28.21 5.77
N ILE D 356 45.90 -28.70 6.73
CA ILE D 356 46.76 -27.86 7.55
C ILE D 356 47.74 -27.14 6.64
N ASP D 357 48.27 -27.87 5.66
CA ASP D 357 49.25 -27.28 4.76
C ASP D 357 48.64 -26.08 4.01
N ASP D 358 47.42 -26.25 3.48
CA ASP D 358 46.69 -25.15 2.85
C ASP D 358 46.56 -23.98 3.83
N VAL D 359 46.18 -24.24 5.08
CA VAL D 359 45.99 -23.17 6.05
C VAL D 359 47.30 -22.43 6.33
N ASN D 360 48.41 -23.17 6.44
CA ASN D 360 49.68 -22.53 6.73
C ASN D 360 50.11 -21.69 5.52
N LYS D 361 49.93 -22.21 4.31
CA LYS D 361 50.14 -21.39 3.13
C LYS D 361 49.33 -20.08 3.19
N ILE D 362 48.05 -20.17 3.55
CA ILE D 362 47.18 -19.01 3.56
C ILE D 362 47.71 -18.02 4.59
N THR D 363 48.04 -18.49 5.80
CA THR D 363 48.41 -17.58 6.89
C THR D 363 49.79 -16.98 6.65
N GLU D 364 50.72 -17.80 6.12
CA GLU D 364 52.04 -17.30 5.79
C GLU D 364 51.92 -16.18 4.74
N THR D 365 51.18 -16.45 3.65
CA THR D 365 50.98 -15.42 2.63
C THR D 365 50.33 -14.16 3.21
N LEU D 366 49.21 -14.30 3.96
CA LEU D 366 48.60 -13.15 4.62
C LEU D 366 49.65 -12.35 5.37
N GLU D 367 50.52 -13.06 6.11
CA GLU D 367 51.47 -12.40 6.98
C GLU D 367 52.48 -11.59 6.16
N GLN D 368 53.05 -12.21 5.12
CA GLN D 368 53.89 -11.54 4.13
C GLN D 368 53.23 -10.22 3.70
N ILE D 369 51.98 -10.32 3.25
CA ILE D 369 51.28 -9.17 2.72
C ILE D 369 51.14 -8.11 3.80
N LEU D 370 50.59 -8.46 4.98
CA LEU D 370 50.31 -7.44 5.97
C LEU D 370 51.59 -6.75 6.44
N LEU D 371 52.70 -7.49 6.61
CA LEU D 371 53.92 -6.92 7.19
C LEU D 371 54.49 -5.89 6.22
N LYS D 372 54.48 -6.23 4.92
CA LYS D 372 54.86 -5.34 3.84
C LYS D 372 54.04 -4.05 3.87
N LEU D 373 52.70 -4.16 3.80
CA LEU D 373 51.81 -3.00 3.72
C LEU D 373 51.91 -2.14 4.98
N GLU D 374 52.43 -2.71 6.07
CA GLU D 374 52.80 -1.99 7.28
C GLU D 374 54.22 -1.43 7.13
#